data_2B4K
#
_entry.id   2B4K
#
_cell.length_a   340.909
_cell.length_b   340.909
_cell.length_c   340.909
_cell.angle_alpha   90.00
_cell.angle_beta   90.00
_cell.angle_gamma   90.00
#
_symmetry.space_group_name_H-M   'I 2 3'
#
loop_
_entity.id
_entity.type
_entity.pdbx_description
1 polymer 'Alpha-amino acid ester hydrolase'
2 non-polymer D-PHENYLGLYCINE
3 non-polymer GLYCEROL
4 water water
#
_entity_poly.entity_id   1
_entity_poly.type   'polypeptide(L)'
_entity_poly.pdbx_seq_one_letter_code
;APAADAAQAHDPLSVQTGSDIPASVHMPTDQQRDYIKREVMVPMRDGVKLYTVIVIPKNARNAPILLTRTPYNAKGRANR
VPNALTMREVLPQGDDVFVEGGYIRVFQDIRGKYGSQGDYVMTRPPHGPLNPTKTDETTDAWDTVDWLVHNVPESNGRVG
MTGSSYEGFTVVMALLDPHPALKVAAPESPMVDGWMGDDWFHYGAFRQGAFDYFVSQMTARGGGNDIPRRDADDYTNFLK
AGSAGSFATQAGLDQYPFWQRMHAHPAYDAFWQGQALDKILAQRKPTVPMLWEQGLWDQEDMWGAIHAWQALKDADVKAP
NTLVMGPWRHSGVNYNGSTLGPLEFEGDTAHQYRRDVFRPFFDEYLKPGSASVHLPDAIIYNTGDQKWDYYRSWPSVCES
NCTGGLTPLYLADGHGLSFTHPAADGADSYVSDPAHPVPFISRPFAFAQSSRWKPWLVQDQREAESRPDVVTYETEVLDE
PVRVSGVPVADLFAATSGTDSDWVVKLIDVQPAMTPDDPKMGGYELPVSMDIFRGRYRKDFAKPEALQPDATLHYHFTLP
AVNHVFAKGHRIMVQIQSSWFPLYDRNPQKFVPNIFDAKPADYTVATQSIHHGGKEATSILLPVVKQKLGPEQKLISEED
LNSAVDHHHHHH
;
_entity_poly.pdbx_strand_id   A,B,C,D
#
loop_
_chem_comp.id
_chem_comp.type
_chem_comp.name
_chem_comp.formula
GOL non-polymer GLYCEROL 'C3 H8 O3'
#
# COMPACT_ATOMS: atom_id res chain seq x y z
N HIS A 10 8.68 -57.90 -4.26
CA HIS A 10 8.26 -56.81 -3.32
C HIS A 10 7.03 -56.05 -3.83
N ASP A 11 6.16 -55.63 -2.89
CA ASP A 11 4.93 -54.88 -3.21
C ASP A 11 5.24 -53.47 -3.74
N PRO A 12 4.90 -53.22 -5.01
CA PRO A 12 5.17 -51.93 -5.67
C PRO A 12 4.44 -50.76 -5.03
N LEU A 13 3.16 -50.94 -4.69
CA LEU A 13 2.38 -49.85 -4.08
C LEU A 13 2.90 -49.47 -2.69
N SER A 14 3.96 -50.15 -2.25
CA SER A 14 4.58 -49.88 -0.97
C SER A 14 6.07 -49.59 -1.15
N VAL A 15 6.71 -50.36 -2.03
CA VAL A 15 8.15 -50.23 -2.28
C VAL A 15 8.48 -49.76 -3.68
N GLN A 16 9.21 -48.65 -3.77
CA GLN A 16 9.61 -48.13 -5.07
C GLN A 16 11.12 -48.28 -5.27
N THR A 17 11.49 -48.97 -6.35
CA THR A 17 12.90 -49.19 -6.68
C THR A 17 13.25 -48.35 -7.90
N GLY A 18 12.22 -47.85 -8.57
CA GLY A 18 12.40 -47.02 -9.76
C GLY A 18 12.39 -45.55 -9.41
N SER A 19 11.87 -44.74 -10.33
CA SER A 19 11.78 -43.30 -10.13
C SER A 19 10.34 -42.83 -10.03
N ASP A 20 10.08 -42.00 -9.03
CA ASP A 20 8.74 -41.44 -8.83
C ASP A 20 8.37 -40.51 -9.98
N ILE A 21 9.34 -40.23 -10.85
CA ILE A 21 9.11 -39.39 -12.00
C ILE A 21 8.65 -40.28 -13.16
N PRO A 22 7.43 -40.06 -13.63
CA PRO A 22 6.86 -40.85 -14.72
C PRO A 22 7.64 -40.72 -16.02
N ALA A 23 7.68 -41.81 -16.79
CA ALA A 23 8.38 -41.82 -18.08
C ALA A 23 7.77 -40.77 -18.99
N SER A 24 6.47 -40.86 -19.18
CA SER A 24 5.76 -39.89 -20.00
C SER A 24 4.59 -39.36 -19.21
N VAL A 25 3.82 -38.46 -19.81
CA VAL A 25 2.66 -37.91 -19.16
C VAL A 25 1.53 -37.74 -20.14
N HIS A 26 0.32 -37.95 -19.66
CA HIS A 26 -0.87 -37.79 -20.48
C HIS A 26 -1.90 -36.98 -19.68
N MET A 27 -1.48 -35.76 -19.31
CA MET A 27 -2.32 -34.84 -18.53
C MET A 27 -3.68 -34.63 -19.23
N PRO A 28 -4.74 -35.02 -18.54
CA PRO A 28 -6.11 -34.91 -19.07
C PRO A 28 -6.56 -33.45 -19.06
N THR A 29 -5.68 -32.58 -18.57
CA THR A 29 -5.96 -31.14 -18.53
C THR A 29 -6.08 -30.64 -19.98
N ASP A 30 -5.31 -31.27 -20.88
CA ASP A 30 -5.32 -30.92 -22.30
C ASP A 30 -6.72 -31.09 -22.93
N GLN A 31 -7.42 -32.17 -22.54
CA GLN A 31 -8.75 -32.43 -23.06
C GLN A 31 -9.74 -31.33 -22.63
N GLN A 32 -9.51 -30.76 -21.45
CA GLN A 32 -10.34 -29.69 -20.91
C GLN A 32 -10.08 -28.35 -21.63
N ARG A 33 -8.87 -28.20 -22.20
CA ARG A 33 -8.46 -26.96 -22.89
C ARG A 33 -9.36 -26.63 -24.07
N ASP A 34 -9.52 -25.33 -24.35
CA ASP A 34 -10.37 -24.89 -25.44
C ASP A 34 -9.53 -24.39 -26.63
N TYR A 35 -8.34 -24.96 -26.76
CA TYR A 35 -7.40 -24.63 -27.82
C TYR A 35 -6.39 -25.75 -27.92
N ILE A 36 -5.57 -25.74 -28.97
CA ILE A 36 -4.47 -26.70 -29.12
C ILE A 36 -3.22 -25.95 -29.51
N LYS A 37 -2.07 -26.49 -29.13
CA LYS A 37 -0.80 -25.86 -29.42
C LYS A 37 0.07 -26.75 -30.30
N ARG A 38 0.42 -26.21 -31.47
CA ARG A 38 1.27 -26.93 -32.41
C ARG A 38 2.68 -26.33 -32.41
N GLU A 39 3.68 -27.16 -32.13
CA GLU A 39 5.08 -26.73 -32.15
C GLU A 39 5.73 -27.25 -33.42
N VAL A 40 6.11 -26.35 -34.31
CA VAL A 40 6.72 -26.76 -35.57
C VAL A 40 8.07 -26.12 -35.85
N MET A 41 8.98 -26.92 -36.42
CA MET A 41 10.31 -26.44 -36.80
C MET A 41 10.26 -26.00 -38.25
N VAL A 42 9.72 -24.82 -38.50
CA VAL A 42 9.59 -24.29 -39.85
C VAL A 42 10.97 -24.02 -40.47
N PRO A 43 11.23 -24.63 -41.62
CA PRO A 43 12.51 -24.51 -42.30
C PRO A 43 12.58 -23.30 -43.22
N MET A 44 13.62 -22.49 -43.05
CA MET A 44 13.80 -21.31 -43.88
C MET A 44 14.38 -21.71 -45.23
N ARG A 45 14.58 -20.74 -46.11
CA ARG A 45 15.12 -21.03 -47.44
C ARG A 45 16.58 -21.48 -47.42
N ASP A 46 17.29 -21.22 -46.32
CA ASP A 46 18.69 -21.61 -46.22
C ASP A 46 18.89 -22.91 -45.43
N GLY A 47 17.82 -23.66 -45.24
CA GLY A 47 17.87 -24.92 -44.54
C GLY A 47 17.66 -24.80 -43.03
N VAL A 48 17.92 -23.62 -42.48
CA VAL A 48 17.75 -23.37 -41.05
C VAL A 48 16.27 -23.42 -40.66
N LYS A 49 15.95 -24.22 -39.64
CA LYS A 49 14.58 -24.34 -39.16
C LYS A 49 14.30 -23.39 -38.01
N LEU A 50 13.07 -22.89 -37.93
CA LEU A 50 12.68 -21.96 -36.86
C LEU A 50 11.55 -22.49 -35.99
N TYR A 51 11.71 -22.36 -34.67
CA TYR A 51 10.69 -22.79 -33.74
C TYR A 51 9.45 -21.93 -33.96
N THR A 52 8.28 -22.55 -33.99
CA THR A 52 7.04 -21.84 -34.25
C THR A 52 5.86 -22.38 -33.46
N VAL A 53 5.44 -21.66 -32.44
CA VAL A 53 4.30 -22.06 -31.63
C VAL A 53 3.05 -21.62 -32.34
N ILE A 54 2.17 -22.58 -32.63
CA ILE A 54 0.90 -22.26 -33.27
C ILE A 54 -0.24 -22.55 -32.33
N VAL A 55 -0.90 -21.50 -31.85
CA VAL A 55 -2.02 -21.66 -30.94
C VAL A 55 -3.31 -21.60 -31.75
N ILE A 56 -3.99 -22.74 -31.86
CA ILE A 56 -5.22 -22.84 -32.62
C ILE A 56 -6.43 -23.07 -31.74
N PRO A 57 -7.42 -22.19 -31.83
CA PRO A 57 -8.66 -22.34 -31.08
C PRO A 57 -9.30 -23.66 -31.43
N LYS A 58 -9.65 -24.47 -30.43
CA LYS A 58 -10.25 -25.78 -30.67
C LYS A 58 -11.40 -25.69 -31.65
N ASN A 59 -11.37 -26.54 -32.68
CA ASN A 59 -12.40 -26.60 -33.72
C ASN A 59 -12.42 -25.35 -34.61
N ALA A 60 -11.24 -24.91 -35.03
CA ALA A 60 -11.12 -23.73 -35.89
C ALA A 60 -11.28 -24.05 -37.37
N ARG A 61 -11.81 -23.09 -38.11
CA ARG A 61 -12.04 -23.21 -39.54
C ARG A 61 -11.93 -21.83 -40.18
N ASN A 62 -11.18 -21.73 -41.28
CA ASN A 62 -10.99 -20.45 -41.97
C ASN A 62 -10.65 -19.32 -40.99
N ALA A 63 -9.63 -19.53 -40.18
CA ALA A 63 -9.24 -18.55 -39.18
C ALA A 63 -7.99 -17.81 -39.59
N PRO A 64 -8.03 -16.48 -39.51
CA PRO A 64 -6.86 -15.66 -39.82
C PRO A 64 -5.72 -15.96 -38.87
N ILE A 65 -4.50 -15.73 -39.32
CA ILE A 65 -3.35 -15.97 -38.47
C ILE A 65 -2.72 -14.66 -38.04
N LEU A 66 -2.58 -14.47 -36.74
CA LEU A 66 -1.90 -13.30 -36.20
C LEU A 66 -0.51 -13.76 -35.84
N LEU A 67 0.49 -13.30 -36.58
CA LEU A 67 1.86 -13.75 -36.38
C LEU A 67 2.82 -12.73 -35.76
N THR A 68 3.66 -13.21 -34.85
CA THR A 68 4.66 -12.38 -34.20
C THR A 68 5.98 -13.15 -34.12
N ARG A 69 7.04 -12.55 -34.63
CA ARG A 69 8.36 -13.16 -34.59
C ARG A 69 9.12 -12.47 -33.47
N THR A 70 9.63 -13.25 -32.52
CA THR A 70 10.25 -12.65 -31.33
C THR A 70 11.59 -13.26 -30.88
N PRO A 71 12.47 -12.40 -30.38
CA PRO A 71 13.75 -12.83 -29.82
C PRO A 71 13.60 -13.01 -28.33
N TYR A 72 12.36 -13.11 -27.84
CA TYR A 72 12.09 -13.23 -26.42
C TYR A 72 11.37 -14.53 -26.03
N ASN A 73 11.83 -15.65 -26.59
CA ASN A 73 11.27 -16.99 -26.29
C ASN A 73 9.79 -17.18 -26.65
N ALA A 74 9.56 -17.64 -27.88
CA ALA A 74 8.20 -17.85 -28.39
C ALA A 74 7.36 -18.77 -27.53
N LYS A 75 7.96 -19.86 -27.04
CA LYS A 75 7.24 -20.83 -26.19
C LYS A 75 6.63 -20.15 -24.98
N GLY A 76 7.43 -19.30 -24.33
CA GLY A 76 6.98 -18.59 -23.14
C GLY A 76 6.04 -17.44 -23.46
N ARG A 77 6.20 -16.87 -24.66
CA ARG A 77 5.34 -15.77 -25.09
C ARG A 77 3.90 -16.24 -25.14
N ALA A 78 3.70 -17.47 -25.60
CA ALA A 78 2.38 -18.06 -25.69
C ALA A 78 2.11 -18.90 -24.43
N ASN A 79 2.55 -18.40 -23.29
CA ASN A 79 2.36 -19.09 -22.03
C ASN A 79 2.21 -18.11 -20.86
N ARG A 80 1.35 -17.10 -21.04
CA ARG A 80 1.11 -16.09 -20.00
C ARG A 80 0.78 -16.83 -18.71
N VAL A 81 -0.12 -17.79 -18.83
CA VAL A 81 -0.47 -18.69 -17.76
C VAL A 81 -0.12 -20.04 -18.36
N PRO A 82 1.05 -20.57 -18.01
CA PRO A 82 1.54 -21.84 -18.56
C PRO A 82 0.48 -22.94 -18.61
N ASN A 83 0.43 -23.66 -19.73
CA ASN A 83 -0.53 -24.76 -19.92
C ASN A 83 -1.95 -24.45 -19.44
N ALA A 84 -2.36 -23.19 -19.60
CA ALA A 84 -3.69 -22.75 -19.16
C ALA A 84 -4.81 -23.50 -19.86
N LEU A 85 -5.95 -23.62 -19.19
CA LEU A 85 -7.09 -24.32 -19.73
C LEU A 85 -7.81 -23.49 -20.80
N THR A 86 -7.58 -22.18 -20.79
CA THR A 86 -8.21 -21.30 -21.79
C THR A 86 -7.17 -20.52 -22.56
N MET A 87 -7.44 -20.32 -23.84
CA MET A 87 -6.54 -19.59 -24.74
C MET A 87 -6.33 -18.17 -24.26
N ARG A 88 -7.41 -17.52 -23.82
CA ARG A 88 -7.37 -16.15 -23.32
C ARG A 88 -6.34 -16.01 -22.22
N GLU A 89 -6.17 -17.07 -21.44
CA GLU A 89 -5.22 -17.11 -20.37
C GLU A 89 -3.81 -17.32 -20.89
N VAL A 90 -3.64 -18.30 -21.77
CA VAL A 90 -2.34 -18.66 -22.31
C VAL A 90 -1.66 -17.58 -23.13
N LEU A 91 -2.46 -16.74 -23.76
CA LEU A 91 -1.93 -15.66 -24.60
C LEU A 91 -1.83 -14.33 -23.83
N PRO A 92 -0.94 -13.45 -24.27
CA PRO A 92 -0.71 -12.16 -23.62
C PRO A 92 -1.92 -11.24 -23.62
N GLN A 93 -1.93 -10.30 -22.67
CA GLN A 93 -3.01 -9.34 -22.50
C GLN A 93 -3.42 -8.66 -23.80
N GLY A 94 -2.44 -8.32 -24.63
CA GLY A 94 -2.72 -7.64 -25.89
C GLY A 94 -3.30 -8.50 -26.99
N ASP A 95 -3.59 -9.76 -26.70
CA ASP A 95 -4.16 -10.66 -27.69
C ASP A 95 -5.67 -10.80 -27.49
N ASP A 96 -6.15 -10.27 -26.37
CA ASP A 96 -7.55 -10.35 -25.99
C ASP A 96 -8.55 -10.18 -27.15
N VAL A 97 -8.41 -9.11 -27.91
CA VAL A 97 -9.33 -8.85 -29.01
C VAL A 97 -9.22 -9.89 -30.11
N PHE A 98 -8.07 -10.52 -30.22
CA PHE A 98 -7.87 -11.53 -31.24
C PHE A 98 -8.27 -12.91 -30.77
N VAL A 99 -8.17 -13.15 -29.47
CA VAL A 99 -8.60 -14.43 -28.90
C VAL A 99 -10.10 -14.48 -29.02
N GLU A 100 -10.75 -13.35 -28.74
CA GLU A 100 -12.20 -13.23 -28.82
C GLU A 100 -12.67 -13.42 -30.25
N GLY A 101 -11.85 -12.98 -31.20
CA GLY A 101 -12.18 -13.07 -32.61
C GLY A 101 -11.99 -14.46 -33.18
N GLY A 102 -11.25 -15.31 -32.47
CA GLY A 102 -10.98 -16.66 -32.92
C GLY A 102 -9.86 -16.71 -33.94
N TYR A 103 -8.81 -15.95 -33.66
CA TYR A 103 -7.64 -15.89 -34.51
C TYR A 103 -6.70 -17.03 -34.16
N ILE A 104 -5.90 -17.46 -35.12
CA ILE A 104 -4.89 -18.46 -34.85
C ILE A 104 -3.69 -17.63 -34.40
N ARG A 105 -3.18 -17.90 -33.20
CA ARG A 105 -2.03 -17.15 -32.71
C ARG A 105 -0.73 -17.88 -33.01
N VAL A 106 0.19 -17.17 -33.64
CA VAL A 106 1.47 -17.76 -33.97
C VAL A 106 2.63 -16.95 -33.42
N PHE A 107 3.46 -17.61 -32.63
CA PHE A 107 4.65 -16.98 -32.06
C PHE A 107 5.84 -17.80 -32.49
N GLN A 108 6.81 -17.15 -33.11
CA GLN A 108 7.99 -17.83 -33.60
C GLN A 108 9.28 -17.24 -33.08
N ASP A 109 10.21 -18.13 -32.73
CA ASP A 109 11.53 -17.73 -32.27
C ASP A 109 12.32 -17.26 -33.48
N ILE A 110 12.90 -16.07 -33.40
CA ILE A 110 13.68 -15.57 -34.50
C ILE A 110 15.00 -16.34 -34.63
N ARG A 111 15.48 -16.45 -35.85
CA ARG A 111 16.71 -17.17 -36.13
C ARG A 111 17.82 -16.83 -35.14
N GLY A 112 18.42 -17.85 -34.54
CA GLY A 112 19.50 -17.66 -33.61
C GLY A 112 19.09 -17.55 -32.15
N LYS A 113 17.79 -17.53 -31.89
CA LYS A 113 17.30 -17.41 -30.51
C LYS A 113 16.42 -18.57 -30.05
N TYR A 114 16.65 -19.00 -28.80
CA TYR A 114 15.88 -20.06 -28.13
C TYR A 114 15.68 -21.37 -28.91
N GLY A 115 14.44 -21.67 -29.27
CA GLY A 115 14.13 -22.88 -29.99
C GLY A 115 14.61 -22.88 -31.42
N SER A 116 14.83 -21.69 -31.97
CA SER A 116 15.25 -21.57 -33.36
C SER A 116 16.71 -21.89 -33.60
N GLN A 117 17.02 -22.31 -34.82
CA GLN A 117 18.37 -22.65 -35.24
C GLN A 117 19.06 -21.44 -35.87
N GLY A 118 20.35 -21.57 -36.17
CA GLY A 118 21.07 -20.51 -36.84
C GLY A 118 21.84 -19.56 -35.96
N ASP A 119 22.34 -18.49 -36.58
CA ASP A 119 23.12 -17.47 -35.87
C ASP A 119 22.27 -16.27 -35.45
N TYR A 120 22.62 -15.66 -34.32
CA TYR A 120 21.90 -14.48 -33.88
C TYR A 120 22.73 -13.22 -34.13
N VAL A 121 22.11 -12.23 -34.77
CA VAL A 121 22.75 -10.96 -35.06
C VAL A 121 21.85 -9.85 -34.56
N MET A 122 22.22 -9.24 -33.45
CA MET A 122 21.42 -8.15 -32.85
C MET A 122 20.84 -7.26 -33.94
N THR A 123 19.50 -7.21 -34.00
CA THR A 123 18.79 -6.45 -35.05
C THR A 123 19.46 -6.65 -36.40
N ARG A 124 19.47 -7.90 -36.84
CA ARG A 124 20.08 -8.31 -38.11
C ARG A 124 19.73 -7.38 -39.25
N PRO A 125 20.72 -6.61 -39.70
CA PRO A 125 20.55 -5.65 -40.78
C PRO A 125 19.98 -6.31 -42.01
N PRO A 126 19.12 -5.61 -42.74
CA PRO A 126 18.52 -6.15 -43.96
C PRO A 126 19.57 -6.50 -45.00
N HIS A 127 19.16 -7.17 -46.07
CA HIS A 127 20.10 -7.54 -47.12
C HIS A 127 20.66 -6.30 -47.77
N GLY A 128 21.99 -6.23 -47.80
CA GLY A 128 22.69 -5.09 -48.38
C GLY A 128 24.15 -5.09 -47.99
N PRO A 129 24.78 -3.91 -48.02
CA PRO A 129 26.19 -3.77 -47.66
C PRO A 129 26.50 -4.33 -46.27
N LEU A 130 25.56 -4.23 -45.34
CA LEU A 130 25.76 -4.70 -43.97
C LEU A 130 25.47 -6.19 -43.74
N ASN A 131 24.76 -6.80 -44.68
CA ASN A 131 24.42 -8.22 -44.60
C ASN A 131 24.32 -8.82 -46.00
N PRO A 132 25.41 -9.42 -46.46
CA PRO A 132 25.51 -10.00 -47.81
C PRO A 132 24.87 -11.40 -47.97
N THR A 133 24.65 -12.11 -46.86
CA THR A 133 24.07 -13.46 -46.91
C THR A 133 22.74 -13.52 -47.66
N LYS A 134 22.33 -14.74 -48.03
CA LYS A 134 21.08 -14.94 -48.79
C LYS A 134 19.80 -14.79 -47.96
N THR A 135 19.95 -14.65 -46.64
CA THR A 135 18.79 -14.53 -45.74
C THR A 135 18.78 -13.28 -44.84
N ASP A 136 17.63 -13.02 -44.23
CA ASP A 136 17.46 -11.91 -43.29
C ASP A 136 16.09 -12.05 -42.59
N GLU A 137 15.75 -11.10 -41.71
CA GLU A 137 14.47 -11.15 -41.03
C GLU A 137 13.30 -10.93 -41.98
N THR A 138 13.61 -10.45 -43.19
CA THR A 138 12.58 -10.21 -44.20
C THR A 138 12.23 -11.51 -44.91
N THR A 139 13.28 -12.27 -45.26
CA THR A 139 13.10 -13.55 -45.93
C THR A 139 12.53 -14.58 -44.96
N ASP A 140 13.11 -14.65 -43.77
CA ASP A 140 12.62 -15.57 -42.76
C ASP A 140 11.13 -15.38 -42.57
N ALA A 141 10.69 -14.13 -42.56
CA ALA A 141 9.27 -13.80 -42.42
C ALA A 141 8.52 -14.31 -43.62
N TRP A 142 9.08 -14.08 -44.82
CA TRP A 142 8.48 -14.54 -46.07
C TRP A 142 8.32 -16.04 -46.01
N ASP A 143 9.43 -16.73 -45.74
CA ASP A 143 9.44 -18.18 -45.63
C ASP A 143 8.40 -18.66 -44.59
N THR A 144 8.39 -17.99 -43.43
CA THR A 144 7.44 -18.33 -42.37
C THR A 144 6.02 -18.20 -42.85
N VAL A 145 5.65 -17.02 -43.34
CA VAL A 145 4.28 -16.79 -43.81
C VAL A 145 3.93 -17.83 -44.86
N ASP A 146 4.86 -18.09 -45.77
CA ASP A 146 4.65 -19.08 -46.84
C ASP A 146 4.25 -20.43 -46.25
N TRP A 147 5.03 -20.90 -45.29
CA TRP A 147 4.75 -22.17 -44.64
C TRP A 147 3.40 -22.14 -43.96
N LEU A 148 3.19 -21.13 -43.12
CA LEU A 148 1.96 -20.98 -42.37
C LEU A 148 0.70 -21.14 -43.23
N VAL A 149 0.68 -20.48 -44.38
CA VAL A 149 -0.49 -20.55 -45.25
C VAL A 149 -0.59 -21.84 -46.07
N HIS A 150 0.34 -22.77 -45.85
CA HIS A 150 0.31 -24.04 -46.56
C HIS A 150 0.35 -25.24 -45.63
N ASN A 151 0.43 -25.00 -44.33
CA ASN A 151 0.49 -26.10 -43.36
C ASN A 151 -0.40 -25.95 -42.11
N VAL A 152 -1.20 -24.89 -42.07
CA VAL A 152 -2.15 -24.69 -40.99
C VAL A 152 -3.53 -24.80 -41.64
N PRO A 153 -4.05 -26.03 -41.69
CA PRO A 153 -5.32 -26.33 -42.37
C PRO A 153 -6.53 -25.59 -41.83
N GLU A 154 -6.45 -25.13 -40.58
CA GLU A 154 -7.57 -24.40 -39.98
C GLU A 154 -7.50 -22.91 -40.31
N SER A 155 -6.46 -22.50 -41.01
CA SER A 155 -6.28 -21.11 -41.39
C SER A 155 -6.84 -20.85 -42.76
N ASN A 156 -7.34 -19.63 -42.96
CA ASN A 156 -7.92 -19.22 -44.24
C ASN A 156 -6.86 -18.72 -45.21
N GLY A 157 -5.59 -18.84 -44.82
CA GLY A 157 -4.49 -18.42 -45.66
C GLY A 157 -4.06 -16.97 -45.49
N ARG A 158 -4.89 -16.16 -44.83
CA ARG A 158 -4.55 -14.77 -44.61
C ARG A 158 -3.74 -14.59 -43.32
N VAL A 159 -2.73 -13.73 -43.36
CA VAL A 159 -1.89 -13.49 -42.18
C VAL A 159 -1.70 -12.00 -41.88
N GLY A 160 -1.79 -11.65 -40.60
CA GLY A 160 -1.57 -10.30 -40.14
C GLY A 160 -0.38 -10.36 -39.19
N MET A 161 0.54 -9.41 -39.32
CA MET A 161 1.72 -9.43 -38.47
C MET A 161 1.76 -8.26 -37.52
N THR A 162 2.15 -8.53 -36.27
CA THR A 162 2.22 -7.48 -35.25
C THR A 162 3.25 -7.82 -34.16
N GLY A 163 3.43 -6.88 -33.23
CA GLY A 163 4.37 -7.06 -32.13
C GLY A 163 4.95 -5.73 -31.68
N SER A 164 5.37 -5.66 -30.42
CA SER A 164 5.92 -4.43 -29.87
C SER A 164 7.42 -4.54 -29.66
N SER A 165 8.11 -3.42 -29.90
CA SER A 165 9.56 -3.35 -29.73
C SER A 165 10.31 -4.20 -30.75
N TYR A 166 11.19 -5.07 -30.26
CA TYR A 166 11.92 -5.97 -31.14
C TYR A 166 10.91 -6.80 -31.92
N GLU A 167 9.80 -7.12 -31.26
CA GLU A 167 8.72 -7.88 -31.88
C GLU A 167 7.99 -7.05 -32.90
N GLY A 168 8.17 -5.73 -32.83
CA GLY A 168 7.59 -4.82 -33.79
C GLY A 168 8.60 -4.57 -34.89
N PHE A 169 9.87 -4.73 -34.53
CA PHE A 169 10.98 -4.56 -35.47
C PHE A 169 10.94 -5.64 -36.55
N THR A 170 10.58 -6.86 -36.16
CA THR A 170 10.47 -7.97 -37.09
C THR A 170 9.31 -7.74 -38.06
N VAL A 171 8.35 -6.92 -37.65
CA VAL A 171 7.21 -6.62 -38.50
C VAL A 171 7.63 -5.65 -39.60
N VAL A 172 8.48 -4.69 -39.24
CA VAL A 172 8.97 -3.71 -40.21
C VAL A 172 9.84 -4.39 -41.23
N MET A 173 10.69 -5.30 -40.78
CA MET A 173 11.57 -6.06 -41.67
C MET A 173 10.73 -6.84 -42.65
N ALA A 174 9.64 -7.40 -42.15
CA ALA A 174 8.71 -8.16 -42.98
C ALA A 174 8.08 -7.29 -44.05
N LEU A 175 7.85 -6.02 -43.73
CA LEU A 175 7.23 -5.09 -44.65
C LEU A 175 8.15 -4.61 -45.78
N LEU A 176 9.44 -4.91 -45.66
CA LEU A 176 10.40 -4.54 -46.70
C LEU A 176 10.13 -5.35 -47.98
N ASP A 177 9.69 -6.60 -47.80
CA ASP A 177 9.35 -7.48 -48.90
C ASP A 177 8.47 -8.60 -48.36
N PRO A 178 7.19 -8.31 -48.17
CA PRO A 178 6.24 -9.27 -47.61
C PRO A 178 5.77 -10.32 -48.58
N HIS A 179 5.33 -11.44 -48.00
CA HIS A 179 4.77 -12.56 -48.73
C HIS A 179 3.35 -12.14 -49.10
N PRO A 180 2.88 -12.55 -50.27
CA PRO A 180 1.52 -12.17 -50.73
C PRO A 180 0.40 -12.51 -49.74
N ALA A 181 0.67 -13.38 -48.78
CA ALA A 181 -0.35 -13.76 -47.80
C ALA A 181 -0.44 -12.76 -46.64
N LEU A 182 0.66 -12.03 -46.39
CA LEU A 182 0.68 -11.01 -45.35
C LEU A 182 -0.26 -9.89 -45.81
N LYS A 183 -1.49 -9.90 -45.31
CA LYS A 183 -2.51 -8.95 -45.73
C LYS A 183 -2.57 -7.64 -44.96
N VAL A 184 -1.91 -7.58 -43.81
CA VAL A 184 -1.93 -6.38 -42.98
C VAL A 184 -0.87 -6.45 -41.91
N ALA A 185 -0.32 -5.30 -41.55
CA ALA A 185 0.72 -5.24 -40.54
C ALA A 185 0.47 -4.12 -39.55
N ALA A 186 0.80 -4.37 -38.30
CA ALA A 186 0.62 -3.38 -37.25
C ALA A 186 1.79 -3.38 -36.31
N PRO A 187 2.89 -2.75 -36.72
CA PRO A 187 4.08 -2.66 -35.89
C PRO A 187 3.76 -1.81 -34.67
N GLU A 188 4.22 -2.23 -33.52
CA GLU A 188 3.97 -1.51 -32.28
C GLU A 188 5.28 -1.07 -31.66
N SER A 189 5.42 0.24 -31.45
CA SER A 189 6.66 0.82 -30.89
C SER A 189 7.87 0.02 -31.41
N PRO A 190 8.10 0.08 -32.72
CA PRO A 190 9.15 -0.70 -33.37
C PRO A 190 10.53 -0.11 -33.29
N MET A 191 11.53 -0.99 -33.19
CA MET A 191 12.90 -0.58 -33.20
C MET A 191 13.18 -0.22 -34.65
N VAL A 192 13.33 1.07 -34.93
CA VAL A 192 13.53 1.51 -36.29
C VAL A 192 14.90 2.17 -36.53
N ASP A 193 15.26 3.14 -35.70
CA ASP A 193 16.55 3.81 -35.83
C ASP A 193 17.25 3.88 -34.48
N GLY A 194 18.02 2.83 -34.17
CA GLY A 194 18.70 2.71 -32.89
C GLY A 194 19.68 3.81 -32.52
N TRP A 195 20.11 4.59 -33.50
CA TRP A 195 21.04 5.67 -33.23
C TRP A 195 20.31 7.00 -33.11
N MET A 196 19.45 7.29 -34.09
CA MET A 196 18.72 8.56 -34.13
C MET A 196 17.90 8.87 -32.87
N GLY A 197 17.18 7.88 -32.35
CA GLY A 197 16.38 8.11 -31.15
C GLY A 197 15.51 6.97 -30.70
N ASP A 198 15.88 5.74 -31.05
CA ASP A 198 15.09 4.61 -30.64
C ASP A 198 15.60 3.94 -29.37
N ASP A 199 16.38 2.88 -29.51
CA ASP A 199 16.84 2.11 -28.34
C ASP A 199 18.29 2.33 -27.84
N TRP A 200 19.24 2.49 -28.76
CA TRP A 200 20.65 2.65 -28.37
C TRP A 200 21.05 4.07 -28.04
N PHE A 201 20.98 4.94 -29.03
CA PHE A 201 21.32 6.33 -28.86
C PHE A 201 20.11 7.23 -29.10
N HIS A 202 20.18 8.44 -28.58
CA HIS A 202 19.16 9.45 -28.78
C HIS A 202 19.94 10.68 -29.24
N TYR A 203 19.91 10.92 -30.56
CA TYR A 203 20.64 12.04 -31.15
C TYR A 203 22.11 11.96 -30.80
N GLY A 204 22.65 10.74 -30.80
CA GLY A 204 24.07 10.54 -30.52
C GLY A 204 24.42 10.26 -29.08
N ALA A 205 23.50 10.54 -28.17
CA ALA A 205 23.73 10.27 -26.75
C ALA A 205 23.44 8.82 -26.46
N PHE A 206 24.40 8.15 -25.84
CA PHE A 206 24.28 6.72 -25.54
C PHE A 206 23.45 6.40 -24.30
N ARG A 207 22.62 5.37 -24.41
CA ARG A 207 21.79 4.94 -23.30
C ARG A 207 22.44 3.73 -22.64
N GLN A 208 22.90 3.93 -21.41
CA GLN A 208 23.62 2.89 -20.67
C GLN A 208 22.77 1.69 -20.24
N GLY A 209 21.52 1.64 -20.66
CA GLY A 209 20.65 0.53 -20.34
C GLY A 209 21.00 -0.65 -21.25
N ALA A 210 21.60 -0.32 -22.40
CA ALA A 210 21.99 -1.30 -23.43
C ALA A 210 22.87 -2.45 -22.94
N PHE A 211 23.81 -2.14 -22.07
CA PHE A 211 24.76 -3.13 -21.57
C PHE A 211 24.09 -4.37 -20.99
N ASP A 212 23.11 -4.17 -20.12
CA ASP A 212 22.37 -5.29 -19.55
C ASP A 212 21.70 -6.07 -20.65
N TYR A 213 21.00 -5.35 -21.54
CA TYR A 213 20.31 -5.97 -22.66
C TYR A 213 21.25 -6.87 -23.44
N PHE A 214 22.47 -6.39 -23.68
CA PHE A 214 23.47 -7.15 -24.43
C PHE A 214 23.76 -8.51 -23.79
N VAL A 215 24.21 -8.48 -22.53
CA VAL A 215 24.54 -9.70 -21.79
C VAL A 215 23.31 -10.59 -21.60
N SER A 216 22.15 -9.98 -21.41
CA SER A 216 20.94 -10.75 -21.21
C SER A 216 20.46 -11.41 -22.50
N GLN A 217 20.54 -10.69 -23.62
CA GLN A 217 20.03 -11.21 -24.87
C GLN A 217 21.04 -11.83 -25.83
N MET A 218 22.32 -11.80 -25.47
CA MET A 218 23.34 -12.33 -26.37
C MET A 218 24.37 -13.25 -25.72
N THR A 219 24.23 -13.53 -24.43
CA THR A 219 25.20 -14.41 -23.76
C THR A 219 25.08 -15.82 -24.31
N ALA A 220 23.85 -16.26 -24.52
CA ALA A 220 23.59 -17.59 -25.05
C ALA A 220 22.42 -17.57 -26.04
N ARG A 221 22.22 -18.70 -26.71
CA ARG A 221 21.15 -18.85 -27.69
C ARG A 221 19.79 -18.56 -27.05
N GLY A 222 19.55 -19.18 -25.89
CA GLY A 222 18.31 -19.00 -25.18
C GLY A 222 18.43 -17.91 -24.14
N GLY A 223 17.88 -18.16 -22.95
CA GLY A 223 17.91 -17.20 -21.88
C GLY A 223 19.33 -16.88 -21.41
N GLY A 224 19.53 -15.64 -20.98
CA GLY A 224 20.82 -15.20 -20.48
C GLY A 224 20.62 -14.63 -19.09
N ASN A 225 21.48 -13.69 -18.69
CA ASN A 225 21.37 -13.05 -17.38
C ASN A 225 21.86 -11.59 -17.40
N ASP A 226 21.70 -10.89 -16.28
CA ASP A 226 22.13 -9.50 -16.19
C ASP A 226 23.58 -9.36 -15.69
N ILE A 227 24.07 -8.13 -15.64
CA ILE A 227 25.40 -7.87 -15.17
C ILE A 227 25.37 -7.64 -13.68
N PRO A 228 26.14 -8.43 -12.95
CA PRO A 228 26.25 -8.29 -11.49
C PRO A 228 26.71 -6.89 -11.15
N ARG A 229 26.00 -6.25 -10.22
CA ARG A 229 26.34 -4.89 -9.82
C ARG A 229 27.10 -4.86 -8.51
N ARG A 230 27.80 -3.77 -8.28
CA ARG A 230 28.55 -3.61 -7.04
C ARG A 230 27.65 -2.88 -6.05
N ASP A 231 27.05 -1.80 -6.54
CA ASP A 231 26.15 -0.97 -5.74
C ASP A 231 24.71 -1.17 -6.18
N ALA A 232 23.77 -0.92 -5.27
CA ALA A 232 22.36 -1.08 -5.58
C ALA A 232 21.86 0.09 -6.44
N ASP A 233 22.63 1.16 -6.46
CA ASP A 233 22.30 2.35 -7.24
C ASP A 233 23.15 2.42 -8.50
N ASP A 234 22.50 2.41 -9.67
CA ASP A 234 23.21 2.49 -10.93
C ASP A 234 23.82 3.87 -11.16
N TYR A 235 23.26 4.90 -10.52
CA TYR A 235 23.82 6.24 -10.61
C TYR A 235 25.24 6.16 -10.13
N THR A 236 25.44 5.42 -9.04
CA THR A 236 26.76 5.22 -8.49
C THR A 236 27.55 4.29 -9.39
N ASN A 237 26.98 3.11 -9.67
CA ASN A 237 27.62 2.09 -10.51
C ASN A 237 28.33 2.61 -11.74
N PHE A 238 27.64 3.43 -12.52
CA PHE A 238 28.19 3.95 -13.77
C PHE A 238 29.13 5.12 -13.55
N LEU A 239 28.81 5.96 -12.58
CA LEU A 239 29.64 7.12 -12.27
C LEU A 239 31.00 6.67 -11.78
N LYS A 240 31.01 5.67 -10.92
CA LYS A 240 32.24 5.13 -10.36
C LYS A 240 33.13 4.53 -11.44
N ALA A 241 32.51 3.80 -12.36
CA ALA A 241 33.25 3.16 -13.45
C ALA A 241 33.81 4.18 -14.44
N GLY A 242 33.15 5.32 -14.56
CA GLY A 242 33.58 6.38 -15.46
C GLY A 242 32.80 6.45 -16.77
N SER A 243 33.44 6.04 -17.86
CA SER A 243 32.83 6.07 -19.18
C SER A 243 32.06 4.79 -19.49
N ALA A 244 30.97 4.94 -20.24
CA ALA A 244 30.13 3.81 -20.61
C ALA A 244 30.96 2.61 -21.08
N GLY A 245 32.00 2.90 -21.87
CA GLY A 245 32.88 1.87 -22.39
C GLY A 245 33.68 1.18 -21.31
N SER A 246 34.04 1.94 -20.27
CA SER A 246 34.79 1.40 -19.16
C SER A 246 33.90 0.42 -18.40
N PHE A 247 32.63 0.76 -18.24
CA PHE A 247 31.67 -0.11 -17.58
C PHE A 247 31.55 -1.39 -18.39
N ALA A 248 31.29 -1.23 -19.68
CA ALA A 248 31.16 -2.36 -20.59
C ALA A 248 32.36 -3.29 -20.48
N THR A 249 33.54 -2.70 -20.31
CA THR A 249 34.78 -3.46 -20.19
C THR A 249 34.80 -4.25 -18.88
N GLN A 250 34.50 -3.56 -17.78
CA GLN A 250 34.46 -4.19 -16.46
C GLN A 250 33.38 -5.27 -16.40
N ALA A 251 32.28 -5.03 -17.14
CA ALA A 251 31.17 -5.98 -17.21
C ALA A 251 31.55 -7.21 -18.02
N GLY A 252 32.56 -7.05 -18.88
CA GLY A 252 33.03 -8.14 -19.71
C GLY A 252 32.33 -8.21 -21.04
N LEU A 253 31.85 -7.06 -21.51
CA LEU A 253 31.14 -6.99 -22.77
C LEU A 253 32.08 -6.89 -23.96
N ASP A 254 33.36 -6.66 -23.67
CA ASP A 254 34.41 -6.50 -24.69
C ASP A 254 34.55 -7.70 -25.63
N GLN A 255 33.93 -8.83 -25.28
CA GLN A 255 34.03 -10.03 -26.10
C GLN A 255 32.80 -10.25 -27.00
N TYR A 256 31.73 -9.49 -26.75
CA TYR A 256 30.52 -9.61 -27.54
C TYR A 256 30.67 -8.83 -28.83
N PRO A 257 30.51 -9.54 -29.96
CA PRO A 257 30.61 -8.94 -31.29
C PRO A 257 29.76 -7.69 -31.50
N PHE A 258 28.46 -7.73 -31.16
CA PHE A 258 27.62 -6.55 -31.38
C PHE A 258 28.14 -5.31 -30.67
N TRP A 259 28.57 -5.47 -29.41
CA TRP A 259 29.09 -4.34 -28.67
C TRP A 259 30.30 -3.77 -29.38
N GLN A 260 31.19 -4.66 -29.83
CA GLN A 260 32.37 -4.23 -30.56
C GLN A 260 31.98 -3.37 -31.73
N ARG A 261 30.99 -3.82 -32.48
CA ARG A 261 30.52 -3.09 -33.65
C ARG A 261 29.92 -1.73 -33.28
N MET A 262 29.20 -1.67 -32.15
CA MET A 262 28.62 -0.41 -31.70
C MET A 262 29.73 0.52 -31.25
N HIS A 263 30.62 -0.01 -30.41
CA HIS A 263 31.76 0.73 -29.91
C HIS A 263 32.58 1.31 -31.05
N ALA A 264 32.62 0.58 -32.16
CA ALA A 264 33.38 1.02 -33.32
C ALA A 264 32.61 1.99 -34.20
N HIS A 265 31.34 2.23 -33.87
CA HIS A 265 30.53 3.17 -34.65
C HIS A 265 29.66 4.03 -33.74
N PRO A 266 30.29 5.00 -33.07
CA PRO A 266 29.57 5.87 -32.14
C PRO A 266 28.79 6.97 -32.86
N ALA A 267 29.21 7.28 -34.09
CA ALA A 267 28.56 8.32 -34.87
C ALA A 267 27.58 7.71 -35.87
N TYR A 268 26.71 8.54 -36.42
CA TYR A 268 25.72 8.10 -37.38
C TYR A 268 26.34 7.79 -38.75
N ASP A 269 27.33 6.91 -38.78
CA ASP A 269 27.99 6.56 -40.02
C ASP A 269 27.17 5.58 -40.86
N ALA A 270 27.83 4.95 -41.84
CA ALA A 270 27.17 4.01 -42.73
C ALA A 270 26.63 2.76 -42.03
N PHE A 271 27.16 2.46 -40.84
CA PHE A 271 26.72 1.27 -40.09
C PHE A 271 25.32 1.43 -39.53
N TRP A 272 24.96 2.63 -39.14
CA TRP A 272 23.63 2.87 -38.58
C TRP A 272 22.64 3.31 -39.65
N GLN A 273 23.16 4.01 -40.66
CA GLN A 273 22.33 4.50 -41.76
C GLN A 273 21.82 3.35 -42.59
N GLY A 274 22.54 2.23 -42.53
CA GLY A 274 22.17 1.05 -43.26
C GLY A 274 21.14 0.24 -42.49
N GLN A 275 20.76 0.76 -41.32
CA GLN A 275 19.79 0.09 -40.47
C GLN A 275 18.53 0.94 -40.31
N ALA A 276 18.62 2.20 -40.72
CA ALA A 276 17.49 3.13 -40.64
C ALA A 276 16.27 2.61 -41.41
N LEU A 277 15.53 1.71 -40.79
CA LEU A 277 14.36 1.08 -41.41
C LEU A 277 13.29 2.05 -41.89
N ASP A 278 13.20 3.21 -41.25
CA ASP A 278 12.19 4.21 -41.64
C ASP A 278 12.46 4.74 -43.03
N LYS A 279 13.73 4.94 -43.34
CA LYS A 279 14.12 5.42 -44.66
C LYS A 279 14.15 4.26 -45.68
N ILE A 280 14.66 3.10 -45.25
CA ILE A 280 14.74 1.92 -46.10
C ILE A 280 13.36 1.48 -46.57
N LEU A 281 12.43 1.33 -45.62
CA LEU A 281 11.06 0.93 -45.96
C LEU A 281 10.42 1.90 -46.95
N ALA A 282 10.76 3.19 -46.81
CA ALA A 282 10.23 4.22 -47.70
C ALA A 282 10.76 4.08 -49.13
N GLN A 283 12.00 3.60 -49.26
CA GLN A 283 12.61 3.40 -50.57
C GLN A 283 11.89 2.27 -51.30
N ARG A 284 11.35 1.33 -50.53
CA ARG A 284 10.70 0.15 -51.08
C ARG A 284 9.25 0.30 -51.55
N LYS A 285 8.63 1.44 -51.24
CA LYS A 285 7.23 1.68 -51.64
C LYS A 285 6.31 0.43 -51.50
N PRO A 286 6.06 -0.02 -50.26
CA PRO A 286 5.22 -1.19 -50.01
C PRO A 286 3.74 -0.91 -50.21
N THR A 287 2.91 -1.96 -50.32
CA THR A 287 1.47 -1.80 -50.56
C THR A 287 0.59 -2.52 -49.51
N VAL A 288 1.18 -2.87 -48.37
CA VAL A 288 0.47 -3.58 -47.31
C VAL A 288 -0.10 -2.59 -46.31
N PRO A 289 -1.40 -2.68 -46.05
CA PRO A 289 -2.07 -1.81 -45.07
C PRO A 289 -1.30 -1.81 -43.74
N MET A 290 -0.93 -0.63 -43.27
CA MET A 290 -0.16 -0.51 -42.03
C MET A 290 -0.86 0.32 -40.97
N LEU A 291 -0.73 -0.09 -39.72
CA LEU A 291 -1.29 0.62 -38.60
C LEU A 291 -0.18 0.81 -37.57
N TRP A 292 0.51 1.93 -37.65
CA TRP A 292 1.63 2.20 -36.77
C TRP A 292 1.19 2.67 -35.40
N GLU A 293 1.84 2.14 -34.37
CA GLU A 293 1.52 2.51 -32.98
C GLU A 293 2.76 2.76 -32.16
N GLN A 294 2.63 3.69 -31.22
CA GLN A 294 3.69 4.00 -30.27
C GLN A 294 3.06 4.81 -29.17
N GLY A 295 3.64 4.74 -27.99
CA GLY A 295 3.10 5.47 -26.86
C GLY A 295 3.58 6.90 -26.87
N LEU A 296 2.71 7.82 -26.43
CA LEU A 296 3.07 9.23 -26.37
C LEU A 296 4.21 9.41 -25.38
N TRP A 297 4.23 8.56 -24.36
CA TRP A 297 5.28 8.56 -23.37
C TRP A 297 6.12 7.29 -23.51
N ASP A 298 6.44 6.93 -24.75
CA ASP A 298 7.24 5.74 -25.04
C ASP A 298 8.70 5.92 -24.65
N GLN A 299 9.09 5.28 -23.56
CA GLN A 299 10.44 5.44 -23.04
C GLN A 299 11.50 4.51 -23.65
N GLU A 300 11.13 3.70 -24.62
CA GLU A 300 12.10 2.78 -25.25
C GLU A 300 12.26 2.93 -26.76
N ASP A 301 11.16 3.17 -27.47
CA ASP A 301 11.22 3.34 -28.93
C ASP A 301 10.34 4.48 -29.40
N MET A 302 10.71 5.70 -29.00
CA MET A 302 9.96 6.90 -29.33
C MET A 302 10.14 7.31 -30.80
N TRP A 303 11.27 6.94 -31.39
CA TRP A 303 11.57 7.31 -32.77
C TRP A 303 10.77 6.51 -33.79
N GLY A 304 10.94 5.20 -33.71
CA GLY A 304 10.30 4.24 -34.61
C GLY A 304 9.01 4.57 -35.36
N ALA A 305 7.89 4.13 -34.80
CA ALA A 305 6.58 4.29 -35.44
C ALA A 305 6.38 5.61 -36.17
N ILE A 306 6.35 6.71 -35.41
CA ILE A 306 6.09 8.03 -35.99
C ILE A 306 6.97 8.37 -37.20
N HIS A 307 8.26 8.08 -37.12
CA HIS A 307 9.18 8.39 -38.22
C HIS A 307 8.96 7.52 -39.45
N ALA A 308 8.79 6.21 -39.22
CA ALA A 308 8.55 5.27 -40.32
C ALA A 308 7.24 5.57 -41.02
N TRP A 309 6.21 5.83 -40.24
CA TRP A 309 4.90 6.15 -40.75
C TRP A 309 4.97 7.39 -41.61
N GLN A 310 5.60 8.43 -41.06
CA GLN A 310 5.75 9.73 -41.74
C GLN A 310 6.58 9.62 -43.01
N ALA A 311 7.66 8.85 -42.94
CA ALA A 311 8.53 8.64 -44.10
C ALA A 311 7.71 8.08 -45.26
N LEU A 312 6.80 7.17 -44.94
CA LEU A 312 5.95 6.54 -45.93
C LEU A 312 4.95 7.54 -46.49
N LYS A 313 4.36 8.34 -45.61
CA LYS A 313 3.40 9.36 -46.02
C LYS A 313 4.05 10.28 -47.04
N ASP A 314 5.30 10.67 -46.76
CA ASP A 314 6.07 11.54 -47.65
C ASP A 314 6.33 10.82 -48.95
N ALA A 315 6.65 9.52 -48.85
CA ALA A 315 6.93 8.70 -50.02
C ALA A 315 5.66 8.40 -50.79
N ASP A 316 4.58 9.09 -50.43
CA ASP A 316 3.27 8.94 -51.05
C ASP A 316 2.81 7.48 -51.17
N VAL A 317 3.08 6.69 -50.11
CA VAL A 317 2.71 5.27 -50.07
C VAL A 317 1.26 5.04 -50.52
N LYS A 318 1.06 4.08 -51.41
CA LYS A 318 -0.26 3.79 -51.93
C LYS A 318 -0.90 2.62 -51.18
N ALA A 319 -1.20 2.87 -49.90
CA ALA A 319 -1.80 1.86 -49.02
C ALA A 319 -2.16 2.54 -47.71
N PRO A 320 -3.12 1.97 -46.98
CA PRO A 320 -3.51 2.50 -45.67
C PRO A 320 -2.27 2.75 -44.80
N ASN A 321 -2.20 3.94 -44.19
CA ASN A 321 -1.05 4.30 -43.38
C ASN A 321 -1.45 5.15 -42.18
N THR A 322 -2.08 4.52 -41.20
CA THR A 322 -2.54 5.25 -40.01
C THR A 322 -1.60 5.13 -38.82
N LEU A 323 -1.38 6.24 -38.14
CA LEU A 323 -0.52 6.27 -36.96
C LEU A 323 -1.38 6.39 -35.71
N VAL A 324 -1.09 5.57 -34.70
CA VAL A 324 -1.84 5.59 -33.47
C VAL A 324 -0.94 5.84 -32.28
N MET A 325 -1.27 6.83 -31.47
CA MET A 325 -0.49 7.16 -30.29
C MET A 325 -1.38 7.39 -29.08
N GLY A 326 -1.33 6.46 -28.13
CA GLY A 326 -2.13 6.59 -26.92
C GLY A 326 -1.29 7.09 -25.77
N PRO A 327 -1.92 7.24 -24.60
CA PRO A 327 -1.22 7.75 -23.41
C PRO A 327 -0.51 6.62 -22.72
N TRP A 328 0.32 5.91 -23.45
CA TRP A 328 0.97 4.75 -22.89
C TRP A 328 2.47 4.87 -22.82
N ARG A 329 3.07 3.98 -22.04
CA ARG A 329 4.50 3.90 -21.96
C ARG A 329 4.89 2.93 -23.06
N HIS A 330 6.15 2.57 -23.13
CA HIS A 330 6.61 1.65 -24.15
C HIS A 330 5.92 0.30 -24.03
N SER A 331 5.34 -0.17 -25.14
CA SER A 331 4.64 -1.45 -25.20
C SER A 331 3.39 -1.49 -24.32
N GLY A 332 3.00 -0.33 -23.79
CA GLY A 332 1.83 -0.24 -22.93
C GLY A 332 0.53 -0.50 -23.66
N VAL A 333 0.60 -0.59 -24.98
CA VAL A 333 -0.59 -0.83 -25.80
C VAL A 333 -1.17 -2.23 -25.61
N ASN A 334 -0.32 -3.15 -25.17
CA ASN A 334 -0.76 -4.52 -24.97
C ASN A 334 -1.08 -4.84 -23.51
N TYR A 335 -1.51 -3.83 -22.77
CA TYR A 335 -1.87 -3.99 -21.37
C TYR A 335 -3.01 -3.06 -21.08
N ASN A 336 -3.15 -2.65 -19.83
CA ASN A 336 -4.20 -1.73 -19.46
C ASN A 336 -3.62 -0.34 -19.51
N GLY A 337 -4.33 0.57 -20.17
CA GLY A 337 -3.86 1.94 -20.32
C GLY A 337 -4.68 2.99 -19.61
N SER A 338 -5.20 2.64 -18.44
CA SER A 338 -6.02 3.57 -17.65
C SER A 338 -5.16 4.59 -16.95
N THR A 339 -3.97 4.17 -16.53
CA THR A 339 -3.05 5.05 -15.83
C THR A 339 -1.63 5.01 -16.39
N LEU A 340 -0.79 5.87 -15.82
CA LEU A 340 0.62 5.97 -16.14
C LEU A 340 1.24 6.80 -15.04
N GLY A 341 1.90 6.14 -14.09
CA GLY A 341 2.47 6.83 -12.96
C GLY A 341 1.32 7.41 -12.17
N PRO A 342 1.40 8.69 -11.83
CA PRO A 342 0.32 9.35 -11.09
C PRO A 342 -0.85 9.75 -12.00
N LEU A 343 -0.60 9.80 -13.31
CA LEU A 343 -1.61 10.21 -14.29
C LEU A 343 -2.76 9.22 -14.38
N GLU A 344 -3.94 9.72 -14.70
CA GLU A 344 -5.13 8.89 -14.83
C GLU A 344 -5.90 9.32 -16.08
N PHE A 345 -6.22 8.34 -16.93
CA PHE A 345 -6.94 8.65 -18.16
C PHE A 345 -8.36 8.11 -18.13
N GLU A 346 -9.14 8.41 -19.17
CA GLU A 346 -10.52 7.98 -19.21
C GLU A 346 -10.70 6.54 -19.67
N GLY A 347 -10.64 5.62 -18.71
CA GLY A 347 -10.81 4.21 -18.99
C GLY A 347 -9.59 3.58 -19.61
N ASP A 348 -9.66 2.29 -19.86
CA ASP A 348 -8.57 1.57 -20.47
C ASP A 348 -8.40 2.04 -21.90
N THR A 349 -7.50 3.00 -22.10
CA THR A 349 -7.24 3.55 -23.41
C THR A 349 -6.58 2.52 -24.31
N ALA A 350 -5.78 1.65 -23.72
CA ALA A 350 -5.09 0.62 -24.49
C ALA A 350 -6.09 -0.35 -25.05
N HIS A 351 -6.94 -0.91 -24.17
CA HIS A 351 -7.98 -1.84 -24.59
C HIS A 351 -8.88 -1.19 -25.62
N GLN A 352 -9.28 0.05 -25.35
CA GLN A 352 -10.13 0.80 -26.24
C GLN A 352 -9.63 0.70 -27.67
N TYR A 353 -8.37 1.05 -27.88
CA TYR A 353 -7.78 1.02 -29.21
C TYR A 353 -7.84 -0.39 -29.83
N ARG A 354 -7.42 -1.37 -29.06
CA ARG A 354 -7.40 -2.76 -29.51
C ARG A 354 -8.75 -3.26 -30.02
N ARG A 355 -9.81 -2.93 -29.29
CA ARG A 355 -11.16 -3.36 -29.64
C ARG A 355 -11.81 -2.51 -30.73
N ASP A 356 -11.67 -1.20 -30.61
CA ASP A 356 -12.31 -0.24 -31.53
C ASP A 356 -11.54 0.10 -32.81
N VAL A 357 -10.24 -0.15 -32.85
CA VAL A 357 -9.46 0.18 -34.04
C VAL A 357 -8.61 -0.98 -34.55
N PHE A 358 -7.72 -1.46 -33.71
CA PHE A 358 -6.79 -2.54 -34.04
C PHE A 358 -7.44 -3.72 -34.73
N ARG A 359 -8.26 -4.46 -33.99
CA ARG A 359 -8.92 -5.65 -34.53
C ARG A 359 -9.83 -5.39 -35.76
N PRO A 360 -10.72 -4.41 -35.68
CA PRO A 360 -11.59 -4.09 -36.83
C PRO A 360 -10.75 -3.89 -38.09
N PHE A 361 -9.64 -3.16 -37.95
CA PHE A 361 -8.73 -2.90 -39.05
C PHE A 361 -8.19 -4.21 -39.60
N PHE A 362 -7.75 -5.07 -38.70
CA PHE A 362 -7.22 -6.36 -39.06
C PHE A 362 -8.32 -7.27 -39.60
N ASP A 363 -9.52 -7.16 -39.04
CA ASP A 363 -10.64 -7.97 -39.47
C ASP A 363 -10.97 -7.71 -40.95
N GLU A 364 -10.87 -6.45 -41.36
CA GLU A 364 -11.16 -6.05 -42.73
C GLU A 364 -10.33 -6.82 -43.75
N TYR A 365 -9.06 -7.03 -43.44
CA TYR A 365 -8.16 -7.70 -44.38
C TYR A 365 -7.85 -9.17 -44.08
N LEU A 366 -8.31 -9.66 -42.93
CA LEU A 366 -8.03 -11.05 -42.55
C LEU A 366 -9.28 -11.94 -42.49
N LYS A 367 -10.42 -11.31 -42.26
CA LYS A 367 -11.68 -12.04 -42.20
C LYS A 367 -12.57 -11.49 -43.28
N PRO A 368 -12.50 -12.08 -44.47
CA PRO A 368 -13.27 -11.60 -45.63
C PRO A 368 -14.72 -11.47 -45.29
N GLY A 369 -15.34 -10.38 -45.75
CA GLY A 369 -16.74 -10.14 -45.47
C GLY A 369 -16.94 -9.19 -44.31
N SER A 370 -15.85 -8.83 -43.64
CA SER A 370 -15.92 -7.91 -42.51
C SER A 370 -16.10 -6.50 -43.04
N ALA A 371 -16.73 -5.63 -42.25
CA ALA A 371 -16.97 -4.25 -42.67
C ALA A 371 -15.64 -3.53 -42.85
N SER A 372 -15.60 -2.59 -43.79
CA SER A 372 -14.38 -1.83 -44.06
C SER A 372 -14.25 -0.58 -43.20
N VAL A 373 -13.12 -0.46 -42.49
CA VAL A 373 -12.88 0.70 -41.65
C VAL A 373 -12.06 1.73 -42.41
N HIS A 374 -12.36 3.01 -42.17
CA HIS A 374 -11.66 4.10 -42.84
C HIS A 374 -10.94 5.00 -41.85
N LEU A 375 -9.76 4.55 -41.42
CA LEU A 375 -8.96 5.29 -40.46
C LEU A 375 -8.35 6.56 -41.06
N PRO A 376 -8.26 7.60 -40.24
CA PRO A 376 -7.67 8.86 -40.67
C PRO A 376 -6.16 8.75 -40.67
N ASP A 377 -5.47 9.87 -40.80
CA ASP A 377 -4.02 9.87 -40.81
C ASP A 377 -3.50 9.38 -39.47
N ALA A 378 -4.01 9.97 -38.39
CA ALA A 378 -3.57 9.59 -37.07
C ALA A 378 -4.67 9.63 -36.03
N ILE A 379 -4.68 8.65 -35.15
CA ILE A 379 -5.62 8.61 -34.05
C ILE A 379 -4.76 8.78 -32.81
N ILE A 380 -4.71 9.99 -32.29
CA ILE A 380 -3.89 10.27 -31.12
C ILE A 380 -4.76 10.60 -29.94
N TYR A 381 -4.35 10.13 -28.76
CA TYR A 381 -5.09 10.41 -27.57
C TYR A 381 -4.71 11.79 -27.09
N ASN A 382 -5.71 12.61 -26.80
CA ASN A 382 -5.47 13.96 -26.32
C ASN A 382 -5.20 13.94 -24.81
N THR A 383 -3.94 14.16 -24.42
CA THR A 383 -3.57 14.12 -22.99
C THR A 383 -3.99 15.36 -22.21
N GLY A 384 -4.74 16.24 -22.85
CA GLY A 384 -5.22 17.43 -22.21
C GLY A 384 -6.73 17.38 -22.07
N ASP A 385 -7.41 17.05 -23.17
CA ASP A 385 -8.86 16.95 -23.20
C ASP A 385 -9.34 15.63 -22.63
N GLN A 386 -8.45 14.63 -22.63
CA GLN A 386 -8.75 13.27 -22.14
C GLN A 386 -9.79 12.62 -23.02
N LYS A 387 -9.47 12.46 -24.29
CA LYS A 387 -10.36 11.84 -25.27
C LYS A 387 -9.57 11.51 -26.52
N TRP A 388 -10.09 10.61 -27.34
CA TRP A 388 -9.38 10.22 -28.55
C TRP A 388 -9.62 11.21 -29.69
N ASP A 389 -8.53 11.57 -30.37
CA ASP A 389 -8.60 12.51 -31.49
C ASP A 389 -8.37 11.80 -32.81
N TYR A 390 -9.30 11.97 -33.75
CA TYR A 390 -9.18 11.36 -35.07
C TYR A 390 -8.84 12.43 -36.09
N TYR A 391 -7.55 12.63 -36.32
CA TYR A 391 -7.08 13.64 -37.26
C TYR A 391 -7.02 13.14 -38.70
N ARG A 392 -7.91 13.68 -39.55
CA ARG A 392 -7.95 13.31 -40.96
C ARG A 392 -6.60 13.53 -41.61
N SER A 393 -6.04 14.73 -41.41
CA SER A 393 -4.72 15.06 -41.92
C SER A 393 -3.87 15.54 -40.75
N TRP A 394 -2.80 14.81 -40.46
CA TRP A 394 -1.94 15.15 -39.33
C TRP A 394 -0.47 15.00 -39.71
N PRO A 395 0.37 15.93 -39.26
CA PRO A 395 -0.07 17.08 -38.47
C PRO A 395 -0.56 18.21 -39.34
N SER A 396 -1.28 19.16 -38.74
CA SER A 396 -1.78 20.30 -39.49
C SER A 396 -0.73 21.40 -39.47
N VAL A 397 0.19 21.31 -38.52
CA VAL A 397 1.25 22.28 -38.41
C VAL A 397 2.60 21.60 -38.27
N CYS A 398 3.57 22.12 -39.01
CA CYS A 398 4.93 21.62 -39.00
C CYS A 398 5.78 22.65 -39.72
N GLU A 399 7.08 22.44 -39.78
CA GLU A 399 7.98 23.42 -40.40
C GLU A 399 7.80 23.58 -41.93
N SER A 400 7.91 22.49 -42.68
CA SER A 400 7.77 22.57 -44.13
C SER A 400 6.63 21.68 -44.68
N ASN A 401 5.80 22.28 -45.53
CA ASN A 401 4.68 21.58 -46.19
C ASN A 401 3.51 21.16 -45.29
N CYS A 402 2.94 22.13 -44.58
CA CYS A 402 1.80 21.91 -43.71
C CYS A 402 0.86 23.10 -43.79
N THR A 403 -0.43 22.84 -43.60
CA THR A 403 -1.44 23.90 -43.66
C THR A 403 -0.98 25.20 -42.97
N GLY A 404 -0.28 25.05 -41.85
CA GLY A 404 0.23 26.18 -41.09
C GLY A 404 1.57 25.85 -40.46
N GLY A 405 2.22 26.84 -39.87
CA GLY A 405 3.52 26.63 -39.26
C GLY A 405 3.48 26.51 -37.74
N LEU A 406 4.66 26.39 -37.14
CA LEU A 406 4.76 26.28 -35.69
C LEU A 406 4.88 27.65 -35.04
N THR A 407 4.29 27.79 -33.87
CA THR A 407 4.37 29.04 -33.14
C THR A 407 5.44 28.88 -32.08
N PRO A 408 6.46 29.73 -32.11
CA PRO A 408 7.53 29.64 -31.12
C PRO A 408 7.14 30.18 -29.75
N LEU A 409 7.59 29.48 -28.70
CA LEU A 409 7.42 29.93 -27.34
C LEU A 409 8.82 30.29 -26.91
N TYR A 410 9.10 31.58 -26.86
CA TYR A 410 10.44 32.06 -26.56
C TYR A 410 10.82 32.09 -25.10
N LEU A 411 12.12 32.00 -24.86
CA LEU A 411 12.65 32.10 -23.54
C LEU A 411 12.77 33.60 -23.35
N ALA A 412 12.41 34.10 -22.18
CA ALA A 412 12.46 35.53 -21.92
C ALA A 412 13.24 35.86 -20.66
N ASP A 413 13.31 37.14 -20.33
CA ASP A 413 14.00 37.58 -19.12
C ASP A 413 13.13 37.24 -17.92
N GLY A 414 13.74 37.13 -16.75
CA GLY A 414 13.01 36.79 -15.54
C GLY A 414 12.59 35.33 -15.56
N HIS A 415 13.31 34.53 -16.34
CA HIS A 415 13.06 33.09 -16.48
C HIS A 415 11.62 32.78 -16.87
N GLY A 416 11.11 33.52 -17.85
CA GLY A 416 9.77 33.32 -18.32
C GLY A 416 9.72 32.78 -19.73
N LEU A 417 8.51 32.52 -20.20
CA LEU A 417 8.29 32.02 -21.53
C LEU A 417 7.23 32.88 -22.15
N SER A 418 7.52 33.45 -23.31
CA SER A 418 6.55 34.32 -23.97
C SER A 418 6.41 33.97 -25.42
N PHE A 419 5.20 34.15 -25.94
CA PHE A 419 4.92 33.88 -27.34
C PHE A 419 5.38 35.05 -28.19
N THR A 420 5.58 36.20 -27.54
CA THR A 420 6.04 37.40 -28.20
C THR A 420 7.56 37.38 -28.26
N HIS A 421 8.11 37.48 -29.48
CA HIS A 421 9.57 37.48 -29.70
C HIS A 421 10.26 38.59 -28.93
N PRO A 422 10.96 38.21 -27.86
CA PRO A 422 11.66 39.17 -27.01
C PRO A 422 12.73 39.91 -27.78
N ALA A 423 12.58 41.21 -27.88
CA ALA A 423 13.52 42.03 -28.61
C ALA A 423 14.82 42.12 -27.85
N ALA A 424 14.72 42.22 -26.53
CA ALA A 424 15.86 42.31 -25.63
C ALA A 424 16.78 41.08 -25.66
N ASP A 425 18.06 41.32 -25.96
CA ASP A 425 19.06 40.25 -26.01
C ASP A 425 19.57 39.92 -24.60
N GLY A 426 19.50 38.64 -24.23
CA GLY A 426 19.96 38.21 -22.92
C GLY A 426 20.27 36.72 -22.86
N ALA A 427 20.88 36.29 -21.74
CA ALA A 427 21.24 34.89 -21.57
C ALA A 427 21.27 34.46 -20.10
N ASP A 428 20.91 33.21 -19.86
CA ASP A 428 20.95 32.64 -18.53
C ASP A 428 21.91 31.49 -18.58
N SER A 429 22.83 31.45 -17.64
CA SER A 429 23.82 30.40 -17.63
C SER A 429 23.76 29.54 -16.38
N TYR A 430 24.17 28.28 -16.55
CA TYR A 430 24.21 27.30 -15.46
C TYR A 430 25.46 26.47 -15.60
N VAL A 431 26.03 26.08 -14.47
CA VAL A 431 27.25 25.27 -14.48
C VAL A 431 26.92 23.78 -14.53
N SER A 432 27.54 23.06 -15.45
CA SER A 432 27.31 21.63 -15.61
C SER A 432 28.54 20.82 -15.20
N ASP A 433 28.51 20.30 -13.97
CA ASP A 433 29.63 19.51 -13.43
C ASP A 433 29.39 18.02 -13.62
N PRO A 434 30.22 17.39 -14.46
CA PRO A 434 30.12 15.95 -14.76
C PRO A 434 30.28 15.04 -13.55
N ALA A 435 30.85 15.54 -12.46
CA ALA A 435 31.01 14.75 -11.25
C ALA A 435 29.72 14.74 -10.45
N HIS A 436 28.72 15.47 -10.96
CA HIS A 436 27.41 15.56 -10.32
C HIS A 436 26.32 15.66 -11.38
N PRO A 437 26.17 14.61 -12.17
CA PRO A 437 25.16 14.60 -13.23
C PRO A 437 23.74 14.56 -12.67
N VAL A 438 22.82 15.17 -13.39
CA VAL A 438 21.44 15.24 -12.97
C VAL A 438 20.77 13.88 -13.18
N PRO A 439 20.24 13.33 -12.10
CA PRO A 439 19.52 12.04 -12.17
C PRO A 439 18.30 12.17 -13.06
N PHE A 440 18.17 11.31 -14.08
CA PHE A 440 17.02 11.37 -14.98
C PHE A 440 15.73 11.08 -14.22
N ILE A 441 15.87 10.40 -13.08
CA ILE A 441 14.78 10.15 -12.12
C ILE A 441 15.42 9.95 -10.75
N SER A 442 14.70 10.37 -9.72
CA SER A 442 15.18 10.32 -8.33
C SER A 442 16.04 9.10 -7.94
N ARG A 443 17.14 9.37 -7.26
CA ARG A 443 18.05 8.34 -6.77
C ARG A 443 17.45 7.66 -5.55
N PRO A 444 17.72 6.37 -5.37
CA PRO A 444 18.55 5.60 -6.29
C PRO A 444 17.75 4.91 -7.37
N PHE A 445 18.40 4.61 -8.49
CA PHE A 445 17.75 3.91 -9.58
C PHE A 445 18.71 2.94 -10.20
N ALA A 446 18.24 1.72 -10.39
CA ALA A 446 19.02 0.70 -11.05
C ALA A 446 18.25 0.31 -12.28
N PHE A 447 18.95 -0.03 -13.35
CA PHE A 447 18.31 -0.41 -14.59
C PHE A 447 17.41 -1.62 -14.42
N ALA A 448 17.67 -2.41 -13.37
CA ALA A 448 16.88 -3.60 -13.07
C ALA A 448 15.53 -3.21 -12.47
N GLN A 449 15.43 -1.98 -11.97
CA GLN A 449 14.19 -1.48 -11.39
C GLN A 449 13.18 -1.13 -12.49
N SER A 450 12.54 -2.15 -13.05
CA SER A 450 11.57 -2.00 -14.14
C SER A 450 10.40 -1.12 -13.74
N SER A 451 9.92 -1.29 -12.50
CA SER A 451 8.80 -0.53 -11.94
C SER A 451 9.02 0.98 -12.02
N ARG A 452 10.29 1.40 -11.95
CA ARG A 452 10.64 2.81 -12.01
C ARG A 452 10.94 3.25 -13.43
N TRP A 453 11.52 2.34 -14.21
CA TRP A 453 11.88 2.64 -15.59
C TRP A 453 10.67 2.93 -16.48
N LYS A 454 9.72 2.00 -16.50
CA LYS A 454 8.53 2.10 -17.34
C LYS A 454 7.89 3.51 -17.46
N PRO A 455 7.47 4.11 -16.33
CA PRO A 455 6.84 5.43 -16.37
C PRO A 455 7.78 6.54 -15.91
N TRP A 456 9.03 6.51 -16.37
CA TRP A 456 9.97 7.54 -15.94
C TRP A 456 9.73 8.88 -16.64
N LEU A 457 9.13 8.84 -17.83
CA LEU A 457 8.88 10.05 -18.62
C LEU A 457 7.71 10.93 -18.13
N VAL A 458 6.98 10.47 -17.12
CA VAL A 458 5.86 11.25 -16.61
C VAL A 458 6.15 11.74 -15.19
N GLN A 459 7.36 11.47 -14.73
CA GLN A 459 7.78 11.86 -13.39
C GLN A 459 7.84 13.36 -13.16
N ASP A 460 7.70 13.78 -11.90
CA ASP A 460 7.75 15.19 -11.54
C ASP A 460 9.10 15.76 -11.86
N GLN A 461 9.12 16.93 -12.49
CA GLN A 461 10.37 17.58 -12.87
C GLN A 461 10.77 18.62 -11.85
N ARG A 462 10.06 18.66 -10.74
CA ARG A 462 10.31 19.62 -9.67
C ARG A 462 11.67 19.46 -9.02
N GLU A 463 12.18 18.24 -9.00
CA GLU A 463 13.47 17.98 -8.41
C GLU A 463 14.56 18.68 -9.21
N ALA A 464 14.52 18.48 -10.53
CA ALA A 464 15.49 19.10 -11.42
C ALA A 464 15.44 20.59 -11.25
N GLU A 465 14.22 21.15 -11.31
CA GLU A 465 14.01 22.59 -11.16
C GLU A 465 14.79 23.17 -9.99
N SER A 466 14.87 22.42 -8.91
CA SER A 466 15.56 22.87 -7.69
C SER A 466 17.07 22.85 -7.79
N ARG A 467 17.59 22.35 -8.89
CA ARG A 467 19.04 22.25 -9.07
C ARG A 467 19.70 23.47 -9.70
N PRO A 468 20.88 23.83 -9.19
CA PRO A 468 21.63 24.96 -9.72
C PRO A 468 22.22 24.67 -11.10
N ASP A 469 22.05 23.45 -11.59
CA ASP A 469 22.56 23.10 -12.92
C ASP A 469 21.46 22.80 -13.92
N VAL A 470 20.30 23.43 -13.74
CA VAL A 470 19.16 23.26 -14.63
C VAL A 470 18.38 24.57 -14.74
N VAL A 471 18.32 25.16 -15.93
CA VAL A 471 17.56 26.40 -16.11
C VAL A 471 16.09 26.10 -16.35
N THR A 472 15.23 26.76 -15.58
CA THR A 472 13.79 26.54 -15.68
C THR A 472 13.05 27.80 -16.06
N TYR A 473 12.21 27.69 -17.09
CA TYR A 473 11.43 28.82 -17.59
C TYR A 473 9.97 28.46 -17.56
N GLU A 474 9.11 29.45 -17.43
CA GLU A 474 7.67 29.19 -17.38
C GLU A 474 6.80 30.39 -17.73
N THR A 475 5.63 30.10 -18.30
CA THR A 475 4.67 31.15 -18.65
C THR A 475 3.97 31.52 -17.37
N GLU A 476 3.14 32.57 -17.43
CA GLU A 476 2.35 32.92 -16.26
C GLU A 476 1.17 31.98 -16.28
N VAL A 477 0.60 31.71 -15.11
CA VAL A 477 -0.57 30.83 -15.01
C VAL A 477 -1.56 31.20 -16.12
N LEU A 478 -1.87 30.23 -16.97
CA LEU A 478 -2.74 30.48 -18.14
C LEU A 478 -4.21 30.86 -17.85
N ASP A 479 -4.69 31.89 -18.55
CA ASP A 479 -6.08 32.35 -18.43
C ASP A 479 -6.84 31.84 -19.63
N GLU A 480 -6.10 31.35 -20.62
CA GLU A 480 -6.65 30.78 -21.83
C GLU A 480 -5.85 29.52 -22.11
N PRO A 481 -6.54 28.45 -22.48
CA PRO A 481 -5.87 27.18 -22.76
C PRO A 481 -5.09 27.24 -24.06
N VAL A 482 -3.97 26.53 -24.11
CA VAL A 482 -3.15 26.47 -25.30
C VAL A 482 -3.10 25.03 -25.82
N ARG A 483 -3.63 24.83 -27.03
CA ARG A 483 -3.67 23.50 -27.62
C ARG A 483 -2.52 23.24 -28.57
N VAL A 484 -1.81 22.14 -28.33
CA VAL A 484 -0.69 21.77 -29.17
C VAL A 484 -0.92 20.37 -29.75
N SER A 485 -0.67 20.20 -31.04
CA SER A 485 -0.83 18.91 -31.67
C SER A 485 0.09 18.79 -32.87
N GLY A 486 1.20 18.10 -32.66
CA GLY A 486 2.19 17.90 -33.71
C GLY A 486 3.54 17.56 -33.11
N VAL A 487 4.61 17.93 -33.80
CA VAL A 487 5.95 17.66 -33.33
C VAL A 487 6.69 18.95 -32.99
N PRO A 488 6.92 19.18 -31.70
CA PRO A 488 7.62 20.40 -31.24
C PRO A 488 9.08 20.34 -31.60
N VAL A 489 9.65 21.48 -32.01
CA VAL A 489 11.05 21.54 -32.37
C VAL A 489 11.83 22.43 -31.40
N ALA A 490 12.96 21.94 -30.94
CA ALA A 490 13.78 22.69 -30.03
C ALA A 490 14.70 23.62 -30.80
N ASP A 491 14.39 24.90 -30.79
CA ASP A 491 15.21 25.90 -31.46
C ASP A 491 16.17 26.41 -30.40
N LEU A 492 17.27 25.71 -30.23
CA LEU A 492 18.20 26.03 -29.15
C LEU A 492 19.46 26.78 -29.53
N PHE A 493 19.63 27.95 -28.91
CA PHE A 493 20.81 28.77 -29.09
C PHE A 493 21.56 28.70 -27.77
N ALA A 494 22.33 27.64 -27.58
CA ALA A 494 23.07 27.45 -26.34
C ALA A 494 24.55 27.58 -26.56
N ALA A 495 25.27 27.85 -25.47
CA ALA A 495 26.71 28.01 -25.53
C ALA A 495 27.38 27.35 -24.32
N THR A 496 28.41 26.58 -24.59
CA THR A 496 29.14 25.90 -23.52
C THR A 496 30.60 26.32 -23.53
N SER A 497 31.17 26.42 -22.33
CA SER A 497 32.56 26.81 -22.17
C SER A 497 33.50 25.71 -22.65
N GLY A 498 33.03 24.46 -22.63
CA GLY A 498 33.82 23.32 -23.06
C GLY A 498 33.76 23.12 -24.56
N THR A 499 34.39 22.05 -25.04
CA THR A 499 34.43 21.77 -26.48
C THR A 499 33.40 20.73 -26.95
N ASP A 500 32.58 20.27 -26.01
CA ASP A 500 31.51 19.31 -26.28
C ASP A 500 30.45 19.49 -25.21
N SER A 501 29.23 19.02 -25.47
CA SER A 501 28.14 19.15 -24.50
C SER A 501 26.89 18.46 -24.95
N ASP A 502 26.06 18.10 -23.98
CA ASP A 502 24.77 17.48 -24.26
C ASP A 502 23.70 18.51 -23.94
N TRP A 503 22.61 18.50 -24.69
CA TRP A 503 21.54 19.45 -24.43
C TRP A 503 20.22 18.74 -24.22
N VAL A 504 19.70 18.85 -23.01
CA VAL A 504 18.44 18.26 -22.67
C VAL A 504 17.42 19.36 -22.65
N VAL A 505 16.39 19.21 -23.46
CA VAL A 505 15.32 20.18 -23.52
C VAL A 505 14.04 19.49 -23.09
N LYS A 506 13.33 20.07 -22.13
CA LYS A 506 12.09 19.50 -21.63
C LYS A 506 10.93 20.43 -21.80
N LEU A 507 9.83 19.92 -22.34
CA LEU A 507 8.60 20.70 -22.48
C LEU A 507 7.64 20.15 -21.42
N ILE A 508 7.38 20.95 -20.42
CA ILE A 508 6.58 20.53 -19.27
C ILE A 508 5.25 21.26 -19.13
N ASP A 509 4.26 20.54 -18.63
CA ASP A 509 2.97 21.12 -18.31
C ASP A 509 2.90 21.20 -16.81
N VAL A 510 2.95 22.41 -16.29
CA VAL A 510 2.87 22.62 -14.86
C VAL A 510 1.42 22.55 -14.45
N GLN A 511 1.11 21.63 -13.56
CA GLN A 511 -0.26 21.49 -13.07
C GLN A 511 -0.60 22.71 -12.24
N PRO A 512 -1.89 22.93 -11.95
CA PRO A 512 -2.31 24.06 -11.13
C PRO A 512 -1.62 24.00 -9.78
N ALA A 513 -1.36 25.16 -9.19
CA ALA A 513 -0.67 25.22 -7.91
C ALA A 513 -1.40 24.44 -6.84
N MET A 514 -2.69 24.22 -7.05
CA MET A 514 -3.50 23.46 -6.11
C MET A 514 -4.51 22.61 -6.86
N THR A 515 -4.61 21.35 -6.47
CA THR A 515 -5.57 20.41 -7.08
C THR A 515 -6.31 19.69 -5.95
N PRO A 516 -7.30 20.34 -5.35
CA PRO A 516 -8.03 19.79 -4.20
C PRO A 516 -8.63 18.38 -4.40
N ASP A 517 -9.04 18.06 -5.63
CA ASP A 517 -9.61 16.75 -5.95
C ASP A 517 -8.55 15.65 -5.91
N ASP A 518 -7.29 16.05 -6.09
CA ASP A 518 -6.14 15.15 -6.09
C ASP A 518 -4.93 15.97 -5.64
N PRO A 519 -4.85 16.21 -4.32
CA PRO A 519 -3.80 17.05 -3.72
C PRO A 519 -2.36 16.82 -4.17
N LYS A 520 -1.99 15.58 -4.50
CA LYS A 520 -0.61 15.29 -4.88
C LYS A 520 -0.18 15.87 -6.22
N MET A 521 -1.14 16.31 -7.02
CA MET A 521 -0.84 16.86 -8.33
C MET A 521 -0.58 18.37 -8.32
N GLY A 522 -0.69 18.98 -7.14
CA GLY A 522 -0.50 20.41 -7.00
C GLY A 522 0.87 20.89 -7.37
N GLY A 523 0.96 21.67 -8.45
CA GLY A 523 2.22 22.22 -8.91
C GLY A 523 3.11 21.20 -9.57
N TYR A 524 2.56 20.01 -9.79
CA TYR A 524 3.29 18.92 -10.43
C TYR A 524 3.82 19.40 -11.77
N GLU A 525 5.05 19.01 -12.08
CA GLU A 525 5.67 19.37 -13.34
C GLU A 525 5.72 18.15 -14.25
N LEU A 526 4.67 17.98 -15.03
CA LEU A 526 4.55 16.84 -15.93
C LEU A 526 5.12 17.14 -17.30
N PRO A 527 6.14 16.38 -17.67
CA PRO A 527 6.80 16.54 -18.97
C PRO A 527 6.02 15.87 -20.08
N VAL A 528 5.44 16.65 -20.99
CA VAL A 528 4.68 16.08 -22.10
C VAL A 528 5.59 15.65 -23.25
N SER A 529 6.80 16.21 -23.29
CA SER A 529 7.78 15.91 -24.32
C SER A 529 9.16 16.43 -23.98
N MET A 530 10.16 15.56 -24.04
CA MET A 530 11.54 15.95 -23.75
C MET A 530 12.52 14.99 -24.37
N ASP A 531 13.72 15.49 -24.66
CA ASP A 531 14.75 14.67 -25.27
C ASP A 531 16.15 15.25 -25.03
N ILE A 532 17.16 14.55 -25.53
CA ILE A 532 18.53 14.97 -25.38
C ILE A 532 19.25 14.99 -26.73
N PHE A 533 20.19 15.90 -26.89
CA PHE A 533 20.95 16.02 -28.13
C PHE A 533 22.42 16.10 -27.82
N ARG A 534 23.21 15.27 -28.50
CA ARG A 534 24.66 15.28 -28.30
C ARG A 534 25.27 16.38 -29.13
N GLY A 535 25.79 17.39 -28.44
CA GLY A 535 26.38 18.57 -29.06
C GLY A 535 27.32 18.39 -30.23
N ARG A 536 28.26 17.46 -30.11
CA ARG A 536 29.24 17.23 -31.17
C ARG A 536 28.61 16.91 -32.53
N TYR A 537 27.32 16.63 -32.55
CA TYR A 537 26.62 16.29 -33.78
C TYR A 537 25.80 17.44 -34.36
N ARG A 538 26.02 18.65 -33.84
CA ARG A 538 25.28 19.82 -34.30
C ARG A 538 25.28 19.98 -35.81
N LYS A 539 26.46 19.97 -36.41
CA LYS A 539 26.58 20.14 -37.85
C LYS A 539 26.25 18.89 -38.65
N ASP A 540 26.80 17.74 -38.23
CA ASP A 540 26.58 16.46 -38.92
C ASP A 540 26.54 15.27 -37.97
N PHE A 541 25.47 14.48 -38.07
CA PHE A 541 25.31 13.29 -37.22
C PHE A 541 26.37 12.24 -37.59
N ALA A 542 26.84 12.31 -38.83
CA ALA A 542 27.82 11.37 -39.33
C ALA A 542 29.27 11.83 -39.09
N LYS A 543 29.46 13.14 -38.92
CA LYS A 543 30.80 13.68 -38.70
C LYS A 543 30.85 14.60 -37.48
N PRO A 544 31.18 14.04 -36.31
CA PRO A 544 31.26 14.80 -35.06
C PRO A 544 32.29 15.94 -35.14
N GLU A 545 31.97 17.07 -34.51
CA GLU A 545 32.80 18.26 -34.55
C GLU A 545 32.86 18.92 -33.18
N ALA A 546 34.04 19.38 -32.79
CA ALA A 546 34.21 20.06 -31.50
C ALA A 546 33.49 21.40 -31.51
N LEU A 547 32.91 21.76 -30.37
CA LEU A 547 32.23 23.04 -30.25
C LEU A 547 33.21 24.11 -29.84
N GLN A 548 32.99 25.34 -30.29
CA GLN A 548 33.86 26.43 -29.94
C GLN A 548 33.51 26.94 -28.56
N PRO A 549 34.49 26.93 -27.67
CA PRO A 549 34.29 27.39 -26.29
C PRO A 549 33.66 28.78 -26.23
N ASP A 550 32.60 28.92 -25.43
CA ASP A 550 31.90 30.19 -25.24
C ASP A 550 31.17 30.73 -26.47
N ALA A 551 30.93 29.89 -27.46
CA ALA A 551 30.22 30.34 -28.67
C ALA A 551 28.74 29.93 -28.69
N THR A 552 27.88 30.90 -28.98
CA THR A 552 26.45 30.67 -29.07
C THR A 552 26.17 29.86 -30.31
N LEU A 553 25.87 28.58 -30.13
CA LEU A 553 25.60 27.71 -31.26
C LEU A 553 24.13 27.35 -31.40
N HIS A 554 23.68 27.25 -32.65
CA HIS A 554 22.31 26.95 -32.97
C HIS A 554 22.04 25.45 -33.10
N TYR A 555 21.23 24.93 -32.18
CA TYR A 555 20.83 23.53 -32.19
C TYR A 555 19.37 23.52 -32.57
N HIS A 556 19.00 22.63 -33.49
CA HIS A 556 17.63 22.55 -33.99
C HIS A 556 17.27 21.10 -34.20
N PHE A 557 16.49 20.53 -33.29
CA PHE A 557 16.11 19.13 -33.37
C PHE A 557 14.67 18.89 -32.90
N THR A 558 14.04 17.85 -33.42
CA THR A 558 12.65 17.53 -33.07
C THR A 558 12.51 16.81 -31.73
N LEU A 559 11.49 17.21 -30.98
CA LEU A 559 11.18 16.61 -29.69
C LEU A 559 10.01 15.64 -29.89
N PRO A 560 9.75 14.78 -28.89
CA PRO A 560 8.64 13.83 -28.97
C PRO A 560 7.34 14.52 -29.34
N ALA A 561 6.52 13.86 -30.16
CA ALA A 561 5.26 14.41 -30.61
C ALA A 561 4.30 14.63 -29.45
N VAL A 562 3.49 15.69 -29.55
CA VAL A 562 2.50 15.99 -28.52
C VAL A 562 1.11 16.13 -29.10
N ASN A 563 0.13 15.90 -28.24
CA ASN A 563 -1.27 16.05 -28.56
C ASN A 563 -1.92 16.39 -27.24
N HIS A 564 -1.40 17.45 -26.64
CA HIS A 564 -1.80 17.88 -25.32
C HIS A 564 -2.57 19.19 -25.37
N VAL A 565 -2.98 19.65 -24.19
CA VAL A 565 -3.67 20.93 -24.03
C VAL A 565 -3.30 21.52 -22.67
N PHE A 566 -2.76 22.74 -22.70
CA PHE A 566 -2.40 23.43 -21.49
C PHE A 566 -3.59 24.27 -21.09
N ALA A 567 -4.35 23.78 -20.11
CA ALA A 567 -5.58 24.46 -19.67
C ALA A 567 -5.37 25.54 -18.62
N LYS A 568 -6.41 26.34 -18.39
CA LYS A 568 -6.38 27.41 -17.40
C LYS A 568 -5.86 26.87 -16.07
N GLY A 569 -4.96 27.61 -15.43
CA GLY A 569 -4.40 27.20 -14.17
C GLY A 569 -3.00 26.61 -14.32
N HIS A 570 -2.73 26.07 -15.51
CA HIS A 570 -1.44 25.48 -15.80
C HIS A 570 -0.48 26.50 -16.36
N ARG A 571 0.78 26.10 -16.54
CA ARG A 571 1.79 26.95 -17.14
C ARG A 571 2.59 26.05 -18.04
N ILE A 572 3.13 26.60 -19.12
CA ILE A 572 4.00 25.83 -19.98
C ILE A 572 5.39 26.02 -19.40
N MET A 573 6.19 24.97 -19.38
CA MET A 573 7.53 25.07 -18.79
C MET A 573 8.60 24.48 -19.70
N VAL A 574 9.76 25.12 -19.70
CA VAL A 574 10.90 24.65 -20.48
C VAL A 574 12.09 24.49 -19.55
N GLN A 575 12.63 23.29 -19.51
CA GLN A 575 13.77 22.97 -18.65
C GLN A 575 14.94 22.54 -19.49
N ILE A 576 16.12 23.10 -19.20
CA ILE A 576 17.32 22.75 -19.95
C ILE A 576 18.48 22.38 -19.02
N GLN A 577 19.08 21.22 -19.27
CA GLN A 577 20.22 20.75 -18.50
C GLN A 577 21.19 20.06 -19.44
N SER A 578 22.36 19.68 -18.93
CA SER A 578 23.38 19.05 -19.79
C SER A 578 23.74 17.60 -19.46
N SER A 579 22.94 16.96 -18.61
CA SER A 579 23.15 15.55 -18.25
C SER A 579 21.82 14.86 -17.91
N TRP A 580 21.84 13.53 -17.91
CA TRP A 580 20.65 12.73 -17.63
C TRP A 580 21.09 11.35 -17.15
N PHE A 581 21.75 11.30 -16.00
CA PHE A 581 22.31 10.06 -15.43
C PHE A 581 21.32 9.22 -14.63
N PRO A 582 21.50 7.90 -14.63
CA PRO A 582 22.55 7.23 -15.38
C PRO A 582 22.08 6.68 -16.71
N LEU A 583 20.93 7.15 -17.20
CA LEU A 583 20.39 6.68 -18.46
C LEU A 583 21.30 7.02 -19.63
N TYR A 584 21.75 8.28 -19.67
CA TYR A 584 22.64 8.74 -20.74
C TYR A 584 24.03 8.98 -20.20
N ASP A 585 25.03 8.35 -20.82
CA ASP A 585 26.42 8.51 -20.39
C ASP A 585 26.80 9.98 -20.43
N ARG A 586 27.54 10.42 -19.41
CA ARG A 586 27.94 11.82 -19.30
C ARG A 586 28.85 12.26 -20.41
N ASN A 587 28.58 13.45 -20.95
CA ASN A 587 29.42 14.05 -21.96
C ASN A 587 30.59 14.67 -21.22
N PRO A 588 31.81 14.36 -21.63
CA PRO A 588 33.00 14.89 -20.96
C PRO A 588 33.11 16.40 -21.07
N GLN A 589 32.25 17.01 -21.88
CA GLN A 589 32.27 18.45 -22.10
C GLN A 589 33.60 18.91 -22.72
N LYS A 590 34.41 17.94 -23.11
CA LYS A 590 35.67 18.16 -23.79
C LYS A 590 35.65 17.21 -24.96
N PHE A 591 35.78 17.72 -26.16
CA PHE A 591 35.74 16.87 -27.34
C PHE A 591 36.78 15.76 -27.32
N VAL A 592 36.29 14.54 -27.42
CA VAL A 592 37.14 13.36 -27.45
C VAL A 592 36.75 12.53 -28.68
N PRO A 593 37.72 11.89 -29.31
CA PRO A 593 37.47 11.09 -30.51
C PRO A 593 36.28 10.14 -30.39
N ASN A 594 36.15 9.51 -29.22
CA ASN A 594 35.05 8.59 -28.96
C ASN A 594 34.64 8.66 -27.50
N ILE A 595 33.52 9.31 -27.21
CA ILE A 595 33.03 9.48 -25.83
C ILE A 595 32.96 8.16 -25.04
N PHE A 596 32.82 7.04 -25.76
CA PHE A 596 32.76 5.72 -25.13
C PHE A 596 34.03 5.46 -24.35
N ASP A 597 35.16 5.90 -24.90
CA ASP A 597 36.47 5.68 -24.28
C ASP A 597 37.01 6.85 -23.48
N ALA A 598 36.13 7.72 -23.00
CA ALA A 598 36.55 8.89 -22.23
C ALA A 598 37.35 8.51 -20.98
N LYS A 599 38.44 9.23 -20.75
CA LYS A 599 39.30 8.99 -19.60
C LYS A 599 38.94 9.94 -18.46
N PRO A 600 39.24 9.53 -17.22
CA PRO A 600 38.93 10.34 -16.02
C PRO A 600 39.24 11.83 -16.18
N ALA A 601 40.41 12.14 -16.71
CA ALA A 601 40.84 13.54 -16.88
C ALA A 601 40.07 14.31 -17.95
N ASP A 602 39.54 13.61 -18.96
CA ASP A 602 38.79 14.23 -20.05
C ASP A 602 37.56 14.99 -19.55
N TYR A 603 36.89 14.41 -18.56
CA TYR A 603 35.69 15.01 -18.00
C TYR A 603 35.98 16.39 -17.40
N THR A 604 35.32 17.41 -17.94
CA THR A 604 35.56 18.79 -17.52
C THR A 604 34.31 19.56 -17.14
N VAL A 605 34.41 20.33 -16.04
CA VAL A 605 33.31 21.16 -15.59
C VAL A 605 33.14 22.27 -16.61
N ALA A 606 31.89 22.57 -16.98
CA ALA A 606 31.63 23.61 -17.96
C ALA A 606 30.53 24.57 -17.52
N THR A 607 30.46 25.71 -18.21
CA THR A 607 29.45 26.72 -17.92
C THR A 607 28.57 26.93 -19.14
N GLN A 608 27.37 26.35 -19.10
CA GLN A 608 26.44 26.46 -20.22
C GLN A 608 25.67 27.74 -20.12
N SER A 609 25.49 28.41 -21.25
CA SER A 609 24.74 29.67 -21.31
C SER A 609 23.69 29.61 -22.39
N ILE A 610 22.43 29.59 -22.00
CA ILE A 610 21.34 29.55 -22.96
C ILE A 610 20.92 30.96 -23.27
N HIS A 611 21.06 31.36 -24.53
CA HIS A 611 20.71 32.71 -24.93
C HIS A 611 19.23 32.80 -25.24
N HIS A 612 18.63 33.91 -24.84
CA HIS A 612 17.21 34.14 -25.08
C HIS A 612 16.96 35.48 -25.73
N GLY A 613 15.96 35.53 -26.60
CA GLY A 613 15.60 36.76 -27.30
C GLY A 613 16.60 37.19 -28.37
N GLY A 614 16.22 38.21 -29.14
CA GLY A 614 17.09 38.74 -30.17
C GLY A 614 17.18 37.86 -31.39
N LYS A 615 18.34 37.88 -32.04
CA LYS A 615 18.59 37.11 -33.25
C LYS A 615 18.83 35.64 -32.93
N GLU A 616 19.26 35.37 -31.70
CA GLU A 616 19.51 34.01 -31.25
C GLU A 616 18.53 33.65 -30.10
N ALA A 617 17.24 33.82 -30.37
CA ALA A 617 16.20 33.56 -29.38
C ALA A 617 15.85 32.08 -29.23
N THR A 618 16.31 31.47 -28.14
CA THR A 618 16.01 30.07 -27.89
C THR A 618 14.52 29.91 -27.69
N SER A 619 13.97 28.83 -28.21
CA SER A 619 12.53 28.61 -28.12
C SER A 619 12.15 27.19 -28.46
N ILE A 620 10.89 26.86 -28.18
CA ILE A 620 10.34 25.57 -28.51
C ILE A 620 9.32 25.83 -29.57
N LEU A 621 9.63 25.45 -30.81
CA LEU A 621 8.70 25.66 -31.90
C LEU A 621 7.48 24.77 -31.67
N LEU A 622 6.52 25.29 -30.92
CA LEU A 622 5.33 24.55 -30.55
C LEU A 622 4.35 24.40 -31.70
N PRO A 623 3.81 23.21 -31.86
CA PRO A 623 2.81 22.95 -32.89
C PRO A 623 1.43 23.33 -32.35
N VAL A 624 1.18 24.64 -32.24
CA VAL A 624 -0.08 25.14 -31.70
C VAL A 624 -1.19 25.15 -32.73
N VAL A 625 -2.32 24.54 -32.38
CA VAL A 625 -3.48 24.45 -33.26
C VAL A 625 -4.71 25.10 -32.61
N LYS A 626 -5.80 25.21 -33.37
CA LYS A 626 -7.03 25.83 -32.87
C LYS A 626 -8.19 24.85 -32.59
N HIS B 10 7.62 49.80 30.10
CA HIS B 10 8.47 48.60 29.77
C HIS B 10 8.63 48.43 28.25
N ASP B 11 9.81 47.94 27.82
CA ASP B 11 10.08 47.68 26.40
C ASP B 11 9.19 46.53 25.92
N PRO B 12 8.25 46.82 25.04
CA PRO B 12 7.28 45.82 24.57
C PRO B 12 7.86 44.72 23.70
N LEU B 13 8.91 45.01 22.94
CA LEU B 13 9.50 44.01 22.04
C LEU B 13 10.36 42.97 22.77
N SER B 14 10.32 42.99 24.10
CA SER B 14 11.07 42.05 24.88
C SER B 14 10.27 41.68 26.11
N VAL B 15 9.25 42.49 26.41
CA VAL B 15 8.41 42.23 27.56
C VAL B 15 6.92 42.29 27.22
N GLN B 16 6.22 41.19 27.44
CA GLN B 16 4.80 41.13 27.22
C GLN B 16 4.11 40.81 28.52
N THR B 17 3.27 41.73 28.98
CA THR B 17 2.51 41.52 30.19
C THR B 17 1.06 41.35 29.80
N GLY B 18 0.80 41.49 28.50
CA GLY B 18 -0.54 41.31 27.95
C GLY B 18 -0.68 39.91 27.39
N SER B 19 -1.40 39.78 26.27
CA SER B 19 -1.63 38.47 25.65
C SER B 19 -1.11 38.39 24.21
N ASP B 20 -0.36 37.31 23.94
CA ASP B 20 0.21 37.06 22.61
C ASP B 20 -0.87 36.84 21.58
N ILE B 21 -2.10 36.67 22.03
CA ILE B 21 -3.23 36.51 21.15
C ILE B 21 -3.81 37.87 20.88
N PRO B 22 -3.81 38.27 19.61
CA PRO B 22 -4.36 39.55 19.21
C PRO B 22 -5.81 39.68 19.65
N ALA B 23 -6.22 40.88 20.07
CA ALA B 23 -7.62 41.11 20.47
C ALA B 23 -8.55 40.89 19.27
N SER B 24 -8.02 41.16 18.07
CA SER B 24 -8.74 40.97 16.83
C SER B 24 -7.79 40.40 15.77
N VAL B 25 -8.31 40.12 14.57
CA VAL B 25 -7.47 39.58 13.48
C VAL B 25 -7.95 40.00 12.07
N HIS B 26 -7.06 40.61 11.30
CA HIS B 26 -7.40 41.03 9.93
C HIS B 26 -6.41 40.46 8.91
N MET B 27 -6.69 39.24 8.44
CA MET B 27 -5.79 38.55 7.51
C MET B 27 -5.88 39.05 6.06
N PRO B 28 -4.72 39.41 5.50
CA PRO B 28 -4.60 39.94 4.13
C PRO B 28 -4.89 38.88 3.07
N THR B 29 -4.90 37.61 3.49
CA THR B 29 -5.17 36.49 2.59
C THR B 29 -6.54 36.64 1.92
N ASP B 30 -7.49 37.25 2.65
CA ASP B 30 -8.85 37.50 2.14
C ASP B 30 -8.81 38.26 0.78
N GLN B 31 -7.77 39.08 0.62
CA GLN B 31 -7.60 39.85 -0.61
C GLN B 31 -6.93 39.00 -1.72
N GLN B 32 -6.08 38.05 -1.31
CA GLN B 32 -5.37 37.18 -2.26
C GLN B 32 -6.31 36.13 -2.92
N ARG B 33 -7.50 35.95 -2.34
CA ARG B 33 -8.49 34.99 -2.83
C ARG B 33 -9.12 35.42 -4.16
N ASP B 34 -9.90 34.54 -4.78
CA ASP B 34 -10.55 34.86 -6.06
C ASP B 34 -12.06 34.78 -5.95
N TYR B 35 -12.57 35.00 -4.75
CA TYR B 35 -13.99 34.93 -4.49
C TYR B 35 -14.31 35.72 -3.21
N ILE B 36 -15.59 35.82 -2.89
CA ILE B 36 -16.04 36.52 -1.69
C ILE B 36 -16.98 35.61 -0.93
N LYS B 37 -16.83 35.57 0.39
CA LYS B 37 -17.73 34.76 1.21
C LYS B 37 -18.63 35.63 2.04
N ARG B 38 -19.91 35.61 1.72
CA ARG B 38 -20.90 36.41 2.40
C ARG B 38 -21.68 35.56 3.41
N GLU B 39 -21.73 36.01 4.66
CA GLU B 39 -22.45 35.31 5.73
C GLU B 39 -23.68 36.09 6.17
N VAL B 40 -24.86 35.50 5.99
CA VAL B 40 -26.09 36.18 6.39
C VAL B 40 -27.01 35.26 7.17
N MET B 41 -27.82 35.86 8.03
CA MET B 41 -28.80 35.12 8.79
C MET B 41 -30.15 35.41 8.15
N VAL B 42 -30.41 34.76 7.01
CA VAL B 42 -31.66 34.95 6.28
C VAL B 42 -32.84 34.55 7.15
N PRO B 43 -33.79 35.48 7.32
CA PRO B 43 -34.97 35.25 8.16
C PRO B 43 -36.10 34.54 7.42
N MET B 44 -36.76 33.61 8.11
CA MET B 44 -37.88 32.89 7.55
C MET B 44 -39.16 33.61 7.92
N ARG B 45 -40.25 33.30 7.21
CA ARG B 45 -41.53 33.94 7.47
C ARG B 45 -41.92 33.98 8.95
N ASP B 46 -41.53 32.94 9.70
CA ASP B 46 -41.86 32.87 11.12
C ASP B 46 -40.84 33.61 12.01
N GLY B 47 -39.96 34.37 11.39
CA GLY B 47 -38.97 35.16 12.12
C GLY B 47 -37.75 34.41 12.61
N VAL B 48 -37.57 33.17 12.13
CA VAL B 48 -36.41 32.39 12.51
C VAL B 48 -35.33 32.54 11.43
N LYS B 49 -34.15 32.97 11.84
CA LYS B 49 -33.06 33.19 10.90
C LYS B 49 -32.24 31.94 10.63
N LEU B 50 -31.81 31.78 9.39
CA LEU B 50 -31.02 30.63 8.99
C LEU B 50 -29.65 31.06 8.49
N TYR B 51 -28.61 30.42 9.02
CA TYR B 51 -27.24 30.71 8.61
C TYR B 51 -27.06 30.41 7.13
N THR B 52 -26.63 31.41 6.37
CA THR B 52 -26.48 31.25 4.95
C THR B 52 -25.12 31.70 4.48
N VAL B 53 -24.42 30.81 3.80
CA VAL B 53 -23.11 31.10 3.27
C VAL B 53 -23.25 31.37 1.79
N ILE B 54 -22.82 32.55 1.37
CA ILE B 54 -22.88 32.90 -0.03
C ILE B 54 -21.46 33.03 -0.56
N VAL B 55 -21.11 32.18 -1.51
CA VAL B 55 -19.79 32.21 -2.13
C VAL B 55 -19.93 32.79 -3.53
N ILE B 56 -19.36 33.98 -3.73
CA ILE B 56 -19.45 34.66 -5.01
C ILE B 56 -18.08 34.83 -5.64
N PRO B 57 -17.92 34.36 -6.87
CA PRO B 57 -16.67 34.51 -7.60
C PRO B 57 -16.30 35.98 -7.67
N LYS B 58 -15.00 36.31 -7.58
CA LYS B 58 -14.57 37.71 -7.63
C LYS B 58 -15.08 38.39 -8.88
N ASN B 59 -15.53 39.63 -8.72
CA ASN B 59 -16.13 40.42 -9.81
C ASN B 59 -17.03 39.57 -10.73
N ALA B 60 -18.12 39.10 -10.16
CA ALA B 60 -19.09 38.29 -10.87
C ALA B 60 -20.44 38.96 -10.82
N ARG B 61 -20.98 39.26 -11.98
CA ARG B 61 -22.29 39.87 -12.07
C ARG B 61 -23.20 39.01 -12.92
N ASN B 62 -24.50 39.07 -12.65
CA ASN B 62 -25.50 38.27 -13.38
C ASN B 62 -25.19 36.78 -13.37
N ALA B 63 -24.74 36.28 -12.23
CA ALA B 63 -24.40 34.88 -12.09
C ALA B 63 -25.57 34.11 -11.46
N PRO B 64 -25.80 32.89 -11.93
CA PRO B 64 -26.85 32.04 -11.37
C PRO B 64 -26.45 31.52 -10.01
N ILE B 65 -27.42 31.10 -9.21
CA ILE B 65 -27.13 30.59 -7.88
C ILE B 65 -27.38 29.10 -7.75
N LEU B 66 -26.41 28.39 -7.16
CA LEU B 66 -26.54 26.97 -6.90
C LEU B 66 -26.73 26.89 -5.39
N LEU B 67 -27.97 26.63 -4.97
CA LEU B 67 -28.29 26.60 -3.55
C LEU B 67 -28.46 25.20 -2.98
N THR B 68 -27.88 24.98 -1.80
CA THR B 68 -27.96 23.71 -1.11
C THR B 68 -28.30 23.94 0.35
N ARG B 69 -29.37 23.33 0.83
CA ARG B 69 -29.77 23.44 2.22
C ARG B 69 -29.36 22.15 2.91
N THR B 70 -28.51 22.27 3.93
CA THR B 70 -27.94 21.08 4.58
C THR B 70 -27.96 21.08 6.11
N PRO B 71 -28.13 19.90 6.70
CA PRO B 71 -28.09 19.73 8.15
C PRO B 71 -26.70 19.32 8.56
N TYR B 72 -25.69 19.66 7.75
CA TYR B 72 -24.31 19.27 8.03
C TYR B 72 -23.32 20.42 8.02
N ASN B 73 -23.63 21.47 8.78
CA ASN B 73 -22.72 22.61 8.90
C ASN B 73 -22.36 23.29 7.57
N ALA B 74 -23.19 24.24 7.15
CA ALA B 74 -22.97 24.95 5.89
C ALA B 74 -21.61 25.65 5.85
N LYS B 75 -21.16 26.13 7.01
CA LYS B 75 -19.88 26.83 7.12
C LYS B 75 -18.76 25.90 6.70
N GLY B 76 -18.81 24.68 7.20
CA GLY B 76 -17.81 23.68 6.88
C GLY B 76 -17.99 23.10 5.49
N ARG B 77 -19.25 23.04 5.04
CA ARG B 77 -19.56 22.49 3.73
C ARG B 77 -18.92 23.31 2.63
N ALA B 78 -18.99 24.64 2.79
CA ALA B 78 -18.38 25.56 1.84
C ALA B 78 -16.98 25.97 2.33
N ASN B 79 -16.22 24.96 2.79
CA ASN B 79 -14.88 25.17 3.30
C ASN B 79 -14.02 23.92 3.15
N ARG B 80 -14.16 23.22 2.01
CA ARG B 80 -13.41 21.98 1.74
C ARG B 80 -11.98 22.15 2.21
N VAL B 81 -11.32 23.20 1.74
CA VAL B 81 -10.00 23.58 2.17
C VAL B 81 -10.24 24.91 2.86
N PRO B 82 -10.30 24.89 4.20
CA PRO B 82 -10.63 26.06 5.00
C PRO B 82 -9.94 27.32 4.54
N ASN B 83 -10.73 28.33 4.17
CA ASN B 83 -10.23 29.62 3.70
C ASN B 83 -9.14 29.50 2.65
N ALA B 84 -9.38 28.67 1.64
CA ALA B 84 -8.40 28.51 0.58
C ALA B 84 -8.38 29.76 -0.29
N LEU B 85 -7.27 29.97 -0.97
CA LEU B 85 -7.10 31.13 -1.83
C LEU B 85 -7.86 31.00 -3.15
N THR B 86 -8.51 29.86 -3.37
CA THR B 86 -9.30 29.66 -4.58
C THR B 86 -10.72 29.22 -4.24
N MET B 87 -11.64 29.46 -5.16
CA MET B 87 -13.03 29.07 -4.96
C MET B 87 -13.15 27.56 -5.19
N ARG B 88 -12.47 27.09 -6.22
CA ARG B 88 -12.45 25.69 -6.56
C ARG B 88 -11.98 24.87 -5.37
N GLU B 89 -11.07 25.44 -4.60
CA GLU B 89 -10.50 24.80 -3.43
C GLU B 89 -11.46 24.79 -2.26
N VAL B 90 -12.14 25.92 -2.04
CA VAL B 90 -13.04 26.07 -0.91
C VAL B 90 -14.36 25.26 -1.02
N LEU B 91 -14.85 25.09 -2.24
CA LEU B 91 -16.09 24.38 -2.45
C LEU B 91 -15.85 22.90 -2.75
N PRO B 92 -16.82 22.05 -2.39
CA PRO B 92 -16.72 20.61 -2.57
C PRO B 92 -16.38 20.15 -3.99
N GLN B 93 -15.84 18.95 -4.11
CA GLN B 93 -15.44 18.39 -5.39
C GLN B 93 -16.55 18.43 -6.44
N GLY B 94 -17.75 18.06 -6.03
CA GLY B 94 -18.90 18.02 -6.93
C GLY B 94 -19.47 19.36 -7.31
N ASP B 95 -18.68 20.41 -7.14
CA ASP B 95 -19.10 21.75 -7.52
C ASP B 95 -18.16 22.27 -8.57
N ASP B 96 -17.20 21.43 -8.94
CA ASP B 96 -16.18 21.80 -9.90
C ASP B 96 -16.72 22.43 -11.17
N VAL B 97 -17.72 21.80 -11.77
CA VAL B 97 -18.31 22.30 -13.01
C VAL B 97 -19.02 23.64 -12.79
N PHE B 98 -19.51 23.85 -11.59
CA PHE B 98 -20.21 25.08 -11.26
C PHE B 98 -19.25 26.18 -10.85
N VAL B 99 -18.06 25.80 -10.41
CA VAL B 99 -17.03 26.78 -10.11
C VAL B 99 -16.48 27.20 -11.46
N GLU B 100 -16.27 26.21 -12.32
CA GLU B 100 -15.77 26.42 -13.69
C GLU B 100 -16.72 27.31 -14.51
N GLY B 101 -17.99 27.35 -14.10
CA GLY B 101 -19.00 28.11 -14.81
C GLY B 101 -19.38 29.45 -14.21
N GLY B 102 -18.65 29.87 -13.19
CA GLY B 102 -18.89 31.15 -12.55
C GLY B 102 -20.20 31.27 -11.79
N TYR B 103 -20.69 30.15 -11.28
CA TYR B 103 -21.94 30.11 -10.51
C TYR B 103 -21.70 30.64 -9.10
N ILE B 104 -22.77 31.12 -8.47
CA ILE B 104 -22.69 31.56 -7.09
C ILE B 104 -23.10 30.37 -6.25
N ARG B 105 -22.23 29.95 -5.34
CA ARG B 105 -22.53 28.80 -4.50
C ARG B 105 -23.09 29.22 -3.17
N VAL B 106 -24.23 28.63 -2.81
CA VAL B 106 -24.86 28.93 -1.53
C VAL B 106 -25.12 27.65 -0.75
N PHE B 107 -24.67 27.64 0.50
CA PHE B 107 -24.87 26.52 1.40
C PHE B 107 -25.58 27.07 2.62
N GLN B 108 -26.77 26.56 2.89
CA GLN B 108 -27.54 27.05 4.03
C GLN B 108 -27.72 26.01 5.12
N ASP B 109 -27.54 26.43 6.36
CA ASP B 109 -27.75 25.56 7.50
C ASP B 109 -29.24 25.50 7.71
N ILE B 110 -29.81 24.31 7.64
CA ILE B 110 -31.25 24.15 7.81
C ILE B 110 -31.72 24.49 9.20
N ARG B 111 -33.00 24.85 9.30
CA ARG B 111 -33.63 25.23 10.54
C ARG B 111 -33.28 24.30 11.71
N GLY B 112 -32.82 24.89 12.81
CA GLY B 112 -32.49 24.16 14.00
C GLY B 112 -31.12 23.48 14.03
N LYS B 113 -30.34 23.65 12.97
CA LYS B 113 -29.04 23.02 12.92
C LYS B 113 -27.89 24.00 12.82
N TYR B 114 -26.80 23.66 13.51
CA TYR B 114 -25.56 24.44 13.52
C TYR B 114 -25.74 25.95 13.68
N GLY B 115 -25.52 26.68 12.59
CA GLY B 115 -25.60 28.13 12.62
C GLY B 115 -26.99 28.73 12.68
N SER B 116 -27.98 27.99 12.23
CA SER B 116 -29.36 28.46 12.20
C SER B 116 -30.03 28.40 13.56
N GLN B 117 -31.20 29.01 13.66
CA GLN B 117 -31.97 28.98 14.89
C GLN B 117 -33.20 28.10 14.68
N GLY B 118 -34.04 28.01 15.69
CA GLY B 118 -35.24 27.20 15.58
C GLY B 118 -35.02 25.79 16.09
N ASP B 119 -36.06 24.98 15.95
CA ASP B 119 -36.02 23.61 16.43
C ASP B 119 -35.74 22.63 15.31
N TYR B 120 -34.79 21.74 15.53
CA TYR B 120 -34.48 20.73 14.53
C TYR B 120 -35.41 19.54 14.71
N VAL B 121 -36.00 19.11 13.60
CA VAL B 121 -36.89 17.95 13.60
C VAL B 121 -36.40 17.04 12.51
N MET B 122 -35.90 15.87 12.89
CA MET B 122 -35.37 14.94 11.91
C MET B 122 -36.31 14.80 10.73
N THR B 123 -35.80 15.11 9.56
CA THR B 123 -36.57 15.09 8.32
C THR B 123 -37.97 15.67 8.51
N ARG B 124 -38.01 16.91 9.04
CA ARG B 124 -39.27 17.62 9.30
C ARG B 124 -40.29 17.39 8.19
N PRO B 125 -41.39 16.75 8.54
CA PRO B 125 -42.45 16.40 7.59
C PRO B 125 -43.08 17.64 6.97
N PRO B 126 -43.57 17.50 5.74
CA PRO B 126 -44.25 18.60 5.06
C PRO B 126 -45.45 19.07 5.90
N HIS B 127 -46.02 20.22 5.53
CA HIS B 127 -47.18 20.73 6.25
C HIS B 127 -48.31 19.70 6.17
N GLY B 128 -48.83 19.30 7.32
CA GLY B 128 -49.90 18.33 7.36
C GLY B 128 -50.10 17.67 8.71
N PRO B 129 -50.68 16.47 8.70
CA PRO B 129 -50.97 15.72 9.92
C PRO B 129 -49.76 15.51 10.81
N LEU B 130 -48.56 15.70 10.26
CA LEU B 130 -47.34 15.51 11.05
C LEU B 130 -46.60 16.82 11.29
N ASN B 131 -47.15 17.90 10.75
CA ASN B 131 -46.59 19.25 10.92
C ASN B 131 -47.67 20.29 10.74
N PRO B 132 -48.32 20.66 11.83
CA PRO B 132 -49.42 21.65 11.82
C PRO B 132 -48.93 23.10 11.89
N THR B 133 -47.62 23.30 11.91
CA THR B 133 -47.06 24.65 11.97
C THR B 133 -47.15 25.32 10.61
N LYS B 134 -46.85 26.62 10.57
CA LYS B 134 -46.91 27.39 9.33
C LYS B 134 -45.66 27.17 8.48
N THR B 135 -44.63 26.57 9.07
CA THR B 135 -43.38 26.34 8.37
C THR B 135 -42.98 24.88 8.22
N ASP B 136 -42.17 24.63 7.21
CA ASP B 136 -41.59 23.33 6.92
C ASP B 136 -40.36 23.55 6.03
N GLU B 137 -39.79 22.49 5.49
CA GLU B 137 -38.61 22.61 4.63
C GLU B 137 -38.97 23.27 3.30
N THR B 138 -40.26 23.23 2.94
CA THR B 138 -40.73 23.82 1.70
C THR B 138 -40.75 25.33 1.83
N THR B 139 -41.43 25.82 2.87
CA THR B 139 -41.52 27.26 3.13
C THR B 139 -40.15 27.88 3.35
N ASP B 140 -39.31 27.19 4.13
CA ASP B 140 -37.97 27.68 4.42
C ASP B 140 -37.17 27.87 3.15
N ALA B 141 -37.25 26.90 2.24
CA ALA B 141 -36.55 26.99 0.97
C ALA B 141 -37.18 28.10 0.15
N TRP B 142 -38.51 28.20 0.19
CA TRP B 142 -39.23 29.24 -0.52
C TRP B 142 -38.72 30.60 -0.06
N ASP B 143 -38.71 30.81 1.25
CA ASP B 143 -38.24 32.06 1.83
C ASP B 143 -36.79 32.32 1.48
N THR B 144 -35.95 31.29 1.61
CA THR B 144 -34.53 31.41 1.31
C THR B 144 -34.31 31.91 -0.13
N VAL B 145 -34.95 31.25 -1.10
CA VAL B 145 -34.82 31.64 -2.50
C VAL B 145 -35.26 33.09 -2.71
N ASP B 146 -36.42 33.44 -2.16
CA ASP B 146 -36.92 34.80 -2.28
C ASP B 146 -35.86 35.79 -1.86
N TRP B 147 -35.34 35.62 -0.65
CA TRP B 147 -34.29 36.48 -0.12
C TRP B 147 -33.07 36.50 -1.03
N LEU B 148 -32.65 35.32 -1.46
CA LEU B 148 -31.48 35.19 -2.32
C LEU B 148 -31.58 36.04 -3.58
N VAL B 149 -32.75 36.05 -4.21
CA VAL B 149 -32.90 36.84 -5.44
C VAL B 149 -33.11 38.33 -5.18
N HIS B 150 -33.37 38.68 -3.93
CA HIS B 150 -33.62 40.08 -3.57
C HIS B 150 -32.48 40.70 -2.79
N ASN B 151 -31.45 39.91 -2.48
CA ASN B 151 -30.30 40.41 -1.72
C ASN B 151 -28.95 39.95 -2.25
N VAL B 152 -28.92 39.48 -3.48
CA VAL B 152 -27.68 39.06 -4.11
C VAL B 152 -27.60 39.75 -5.48
N PRO B 153 -27.15 41.01 -5.48
CA PRO B 153 -27.05 41.82 -6.70
C PRO B 153 -26.07 41.22 -7.70
N GLU B 154 -25.13 40.42 -7.22
CA GLU B 154 -24.15 39.78 -8.09
C GLU B 154 -24.82 38.65 -8.87
N SER B 155 -25.99 38.23 -8.41
CA SER B 155 -26.73 37.17 -9.05
C SER B 155 -27.64 37.67 -10.13
N ASN B 156 -28.08 36.76 -10.99
CA ASN B 156 -29.01 37.10 -12.04
C ASN B 156 -30.44 36.83 -11.59
N GLY B 157 -30.60 36.63 -10.28
CA GLY B 157 -31.90 36.39 -9.70
C GLY B 157 -32.49 35.02 -9.98
N ARG B 158 -31.68 34.12 -10.54
CA ARG B 158 -32.11 32.77 -10.85
C ARG B 158 -31.43 31.78 -9.91
N VAL B 159 -32.21 30.87 -9.34
CA VAL B 159 -31.68 29.89 -8.41
C VAL B 159 -31.84 28.46 -8.91
N GLY B 160 -30.81 27.65 -8.67
CA GLY B 160 -30.82 26.25 -9.01
C GLY B 160 -30.51 25.49 -7.75
N MET B 161 -31.25 24.41 -7.49
CA MET B 161 -31.06 23.63 -6.26
C MET B 161 -30.51 22.22 -6.46
N THR B 162 -29.64 21.80 -5.54
CA THR B 162 -29.04 20.47 -5.58
C THR B 162 -28.55 20.03 -4.19
N GLY B 163 -28.05 18.80 -4.11
CA GLY B 163 -27.57 18.25 -2.85
C GLY B 163 -27.76 16.74 -2.80
N SER B 164 -26.93 16.06 -2.01
CA SER B 164 -27.02 14.60 -1.90
C SER B 164 -27.41 14.13 -0.50
N SER B 165 -28.15 13.02 -0.44
CA SER B 165 -28.64 12.45 0.82
C SER B 165 -29.65 13.37 1.44
N TYR B 166 -29.42 13.77 2.68
CA TYR B 166 -30.29 14.70 3.37
C TYR B 166 -30.33 16.01 2.58
N GLU B 167 -29.20 16.36 1.97
CA GLU B 167 -29.07 17.56 1.17
C GLU B 167 -29.93 17.47 -0.10
N GLY B 168 -30.33 16.24 -0.44
CA GLY B 168 -31.19 16.02 -1.59
C GLY B 168 -32.62 16.08 -1.11
N PHE B 169 -32.84 15.63 0.12
CA PHE B 169 -34.15 15.62 0.74
C PHE B 169 -34.73 17.05 0.76
N THR B 170 -33.89 18.02 1.14
CA THR B 170 -34.30 19.43 1.17
C THR B 170 -34.70 19.95 -0.21
N VAL B 171 -34.09 19.39 -1.25
CA VAL B 171 -34.41 19.80 -2.61
C VAL B 171 -35.78 19.24 -2.99
N VAL B 172 -36.04 17.99 -2.60
CA VAL B 172 -37.32 17.37 -2.89
C VAL B 172 -38.42 18.16 -2.21
N MET B 173 -38.20 18.52 -0.95
CA MET B 173 -39.15 19.30 -0.17
C MET B 173 -39.42 20.63 -0.83
N ALA B 174 -38.38 21.21 -1.43
CA ALA B 174 -38.49 22.50 -2.11
C ALA B 174 -39.38 22.35 -3.32
N LEU B 175 -39.18 21.25 -4.04
CA LEU B 175 -39.94 20.97 -5.25
C LEU B 175 -41.45 20.83 -5.03
N LEU B 176 -41.87 20.65 -3.77
CA LEU B 176 -43.28 20.53 -3.44
C LEU B 176 -43.99 21.83 -3.83
N ASP B 177 -43.60 22.94 -3.20
CA ASP B 177 -44.15 24.25 -3.50
C ASP B 177 -42.98 25.22 -3.61
N PRO B 178 -42.31 25.21 -4.76
CA PRO B 178 -41.11 26.02 -4.98
C PRO B 178 -41.38 27.48 -5.30
N HIS B 179 -40.40 28.33 -4.98
CA HIS B 179 -40.45 29.75 -5.26
C HIS B 179 -40.18 29.93 -6.75
N PRO B 180 -40.96 30.79 -7.40
CA PRO B 180 -40.84 31.03 -8.85
C PRO B 180 -39.41 31.13 -9.36
N ALA B 181 -38.52 31.76 -8.59
CA ALA B 181 -37.12 31.94 -8.99
C ALA B 181 -36.34 30.62 -9.12
N LEU B 182 -36.86 29.55 -8.52
CA LEU B 182 -36.22 28.24 -8.62
C LEU B 182 -36.53 27.76 -10.02
N LYS B 183 -35.53 27.81 -10.89
CA LYS B 183 -35.71 27.44 -12.28
C LYS B 183 -35.36 25.99 -12.59
N VAL B 184 -34.56 25.37 -11.74
CA VAL B 184 -34.13 23.99 -11.95
C VAL B 184 -33.71 23.32 -10.64
N ALA B 185 -33.92 22.02 -10.56
CA ALA B 185 -33.58 21.26 -9.37
C ALA B 185 -32.99 19.92 -9.73
N ALA B 186 -32.03 19.47 -8.94
CA ALA B 186 -31.40 18.19 -9.16
C ALA B 186 -31.11 17.50 -7.85
N PRO B 187 -32.08 16.73 -7.36
CA PRO B 187 -31.92 15.99 -6.11
C PRO B 187 -30.98 14.82 -6.36
N GLU B 188 -29.96 14.68 -5.54
CA GLU B 188 -28.99 13.61 -5.69
C GLU B 188 -29.16 12.63 -4.55
N SER B 189 -29.47 11.38 -4.89
CA SER B 189 -29.70 10.35 -3.87
C SER B 189 -30.40 10.94 -2.66
N PRO B 190 -31.60 11.45 -2.86
CA PRO B 190 -32.33 12.10 -1.77
C PRO B 190 -32.99 11.12 -0.84
N MET B 191 -33.36 11.60 0.32
CA MET B 191 -34.05 10.80 1.30
C MET B 191 -35.53 11.00 1.03
N VAL B 192 -36.15 10.05 0.35
CA VAL B 192 -37.54 10.15 -0.02
C VAL B 192 -38.51 9.35 0.88
N ASP B 193 -38.25 8.05 1.02
CA ASP B 193 -39.10 7.18 1.84
C ASP B 193 -38.21 6.34 2.74
N GLY B 194 -37.82 6.92 3.87
CA GLY B 194 -36.95 6.27 4.82
C GLY B 194 -37.44 4.95 5.40
N TRP B 195 -38.64 4.53 5.02
CA TRP B 195 -39.19 3.27 5.50
C TRP B 195 -39.18 2.17 4.47
N MET B 196 -39.57 2.50 3.25
CA MET B 196 -39.60 1.50 2.20
C MET B 196 -38.20 0.98 1.91
N GLY B 197 -37.31 1.87 1.49
CA GLY B 197 -35.95 1.44 1.17
C GLY B 197 -34.92 2.52 1.10
N ASP B 198 -35.07 3.55 1.93
CA ASP B 198 -34.09 4.61 1.91
C ASP B 198 -33.07 4.53 3.04
N ASP B 199 -33.26 5.29 4.11
CA ASP B 199 -32.29 5.32 5.19
C ASP B 199 -32.55 4.47 6.42
N TRP B 200 -33.74 4.58 7.00
CA TRP B 200 -34.05 3.85 8.24
C TRP B 200 -34.42 2.38 8.05
N PHE B 201 -35.38 2.12 7.16
CA PHE B 201 -35.82 0.74 6.93
C PHE B 201 -35.75 0.32 5.46
N HIS B 202 -35.60 -0.98 5.25
CA HIS B 202 -35.63 -1.54 3.92
C HIS B 202 -36.69 -2.61 3.98
N TYR B 203 -37.89 -2.27 3.47
CA TYR B 203 -39.01 -3.19 3.49
C TYR B 203 -39.30 -3.63 4.92
N GLY B 204 -39.18 -2.71 5.86
CA GLY B 204 -39.46 -3.00 7.25
C GLY B 204 -38.26 -3.37 8.10
N ALA B 205 -37.18 -3.81 7.45
CA ALA B 205 -35.97 -4.22 8.17
C ALA B 205 -35.15 -3.03 8.63
N PHE B 206 -34.91 -2.95 9.93
CA PHE B 206 -34.18 -1.83 10.52
C PHE B 206 -32.69 -1.81 10.22
N ARG B 207 -32.18 -0.62 9.91
CA ARG B 207 -30.77 -0.43 9.60
C ARG B 207 -30.07 0.12 10.83
N GLN B 208 -29.44 -0.77 11.59
CA GLN B 208 -28.78 -0.44 12.86
C GLN B 208 -27.76 0.70 12.82
N GLY B 209 -27.32 1.09 11.63
CA GLY B 209 -26.37 2.17 11.50
C GLY B 209 -26.97 3.53 11.76
N ALA B 210 -28.28 3.55 12.03
CA ALA B 210 -29.01 4.79 12.29
C ALA B 210 -28.78 5.36 13.69
N PHE B 211 -28.60 4.49 14.68
CA PHE B 211 -28.40 4.92 16.07
C PHE B 211 -27.27 5.93 16.19
N ASP B 212 -26.19 5.67 15.48
CA ASP B 212 -25.04 6.57 15.49
C ASP B 212 -25.43 7.90 14.89
N TYR B 213 -26.12 7.86 13.76
CA TYR B 213 -26.56 9.07 13.09
C TYR B 213 -27.44 9.90 14.00
N PHE B 214 -28.34 9.22 14.73
CA PHE B 214 -29.24 9.88 15.67
C PHE B 214 -28.47 10.69 16.70
N VAL B 215 -27.50 10.03 17.33
CA VAL B 215 -26.70 10.66 18.36
C VAL B 215 -25.76 11.73 17.80
N SER B 216 -25.29 11.53 16.58
CA SER B 216 -24.38 12.48 15.97
C SER B 216 -25.09 13.76 15.49
N GLN B 217 -26.36 13.63 15.10
CA GLN B 217 -27.11 14.77 14.56
C GLN B 217 -28.15 15.42 15.47
N MET B 218 -28.51 14.77 16.55
CA MET B 218 -29.55 15.31 17.42
C MET B 218 -29.16 15.49 18.89
N THR B 219 -27.88 15.32 19.20
CA THR B 219 -27.42 15.48 20.58
C THR B 219 -27.30 16.96 20.90
N ALA B 220 -26.80 17.72 19.93
CA ALA B 220 -26.66 19.16 20.07
C ALA B 220 -26.95 19.85 18.75
N ARG B 221 -27.34 21.11 18.81
CA ARG B 221 -27.64 21.90 17.63
C ARG B 221 -26.47 21.88 16.62
N GLY B 222 -25.25 21.91 17.15
CA GLY B 222 -24.06 21.88 16.32
C GLY B 222 -23.55 20.47 16.12
N GLY B 223 -22.26 20.28 16.37
CA GLY B 223 -21.64 18.98 16.20
C GLY B 223 -21.94 18.06 17.37
N GLY B 224 -21.84 16.76 17.12
CA GLY B 224 -22.07 15.76 18.15
C GLY B 224 -21.04 14.66 18.06
N ASN B 225 -21.05 13.75 19.03
CA ASN B 225 -20.12 12.64 19.03
C ASN B 225 -20.84 11.32 18.79
N ASP B 226 -20.08 10.27 18.47
CA ASP B 226 -20.65 8.95 18.22
C ASP B 226 -20.99 8.23 19.53
N ILE B 227 -21.48 7.01 19.41
CA ILE B 227 -21.80 6.21 20.57
C ILE B 227 -20.59 5.37 20.94
N PRO B 228 -20.03 5.61 22.12
CA PRO B 228 -18.88 4.85 22.61
C PRO B 228 -19.14 3.35 22.48
N ARG B 229 -18.14 2.61 22.03
CA ARG B 229 -18.28 1.18 21.84
C ARG B 229 -17.47 0.38 22.84
N ARG B 230 -17.92 -0.85 23.09
CA ARG B 230 -17.23 -1.73 24.00
C ARG B 230 -16.20 -2.50 23.19
N ASP B 231 -16.66 -3.11 22.10
CA ASP B 231 -15.80 -3.87 21.21
C ASP B 231 -15.43 -3.03 20.00
N ALA B 232 -14.58 -3.56 19.14
CA ALA B 232 -14.16 -2.85 17.95
C ALA B 232 -14.98 -3.35 16.76
N ASP B 233 -15.65 -4.47 16.97
CA ASP B 233 -16.47 -5.10 15.94
C ASP B 233 -17.94 -4.89 16.24
N ASP B 234 -18.62 -4.14 15.39
CA ASP B 234 -20.05 -3.86 15.59
C ASP B 234 -20.91 -5.11 15.46
N TYR B 235 -20.39 -6.11 14.75
CA TYR B 235 -21.07 -7.38 14.61
C TYR B 235 -21.17 -7.97 16.01
N THR B 236 -20.06 -7.90 16.75
CA THR B 236 -20.02 -8.40 18.11
C THR B 236 -20.72 -7.45 19.07
N ASN B 237 -20.56 -6.16 18.82
CA ASN B 237 -21.16 -5.11 19.63
C ASN B 237 -22.70 -5.15 19.65
N PHE B 238 -23.30 -5.32 18.49
CA PHE B 238 -24.75 -5.34 18.38
C PHE B 238 -25.36 -6.67 18.82
N LEU B 239 -24.67 -7.76 18.55
CA LEU B 239 -25.12 -9.10 18.94
C LEU B 239 -25.17 -9.20 20.45
N LYS B 240 -24.03 -8.95 21.09
CA LYS B 240 -23.92 -9.00 22.54
C LYS B 240 -25.05 -8.20 23.20
N ALA B 241 -25.50 -7.14 22.52
CA ALA B 241 -26.58 -6.30 23.03
C ALA B 241 -27.91 -7.00 22.87
N GLY B 242 -28.13 -7.61 21.71
CA GLY B 242 -29.36 -8.33 21.44
C GLY B 242 -30.24 -7.65 20.42
N SER B 243 -31.26 -6.95 20.89
CA SER B 243 -32.18 -6.26 19.99
C SER B 243 -31.67 -4.87 19.73
N ALA B 244 -32.15 -4.26 18.64
CA ALA B 244 -31.76 -2.92 18.28
C ALA B 244 -32.15 -1.95 19.38
N GLY B 245 -33.34 -2.14 19.94
CA GLY B 245 -33.81 -1.30 21.02
C GLY B 245 -32.94 -1.43 22.23
N SER B 246 -32.50 -2.66 22.50
CA SER B 246 -31.63 -2.93 23.65
C SER B 246 -30.31 -2.19 23.50
N PHE B 247 -29.85 -2.05 22.26
CA PHE B 247 -28.62 -1.33 22.00
C PHE B 247 -28.88 0.15 22.22
N ALA B 248 -29.95 0.65 21.59
CA ALA B 248 -30.35 2.05 21.68
C ALA B 248 -30.46 2.52 23.12
N THR B 249 -31.17 1.73 23.93
CA THR B 249 -31.37 2.05 25.36
C THR B 249 -30.03 2.24 26.05
N GLN B 250 -29.14 1.27 25.87
CA GLN B 250 -27.81 1.33 26.45
C GLN B 250 -27.06 2.56 25.94
N ALA B 251 -27.20 2.84 24.65
CA ALA B 251 -26.55 3.99 24.03
C ALA B 251 -27.13 5.30 24.62
N GLY B 252 -28.27 5.18 25.30
CA GLY B 252 -28.91 6.32 25.90
C GLY B 252 -29.68 7.10 24.89
N LEU B 253 -30.23 6.40 23.91
CA LEU B 253 -30.99 7.03 22.86
C LEU B 253 -32.45 7.17 23.22
N ASP B 254 -32.88 6.40 24.23
CA ASP B 254 -34.26 6.42 24.69
C ASP B 254 -34.76 7.83 25.08
N GLN B 255 -33.83 8.77 25.20
CA GLN B 255 -34.17 10.13 25.58
C GLN B 255 -34.26 11.05 24.36
N TYR B 256 -34.10 10.48 23.16
CA TYR B 256 -34.14 11.27 21.91
C TYR B 256 -35.51 11.21 21.25
N PRO B 257 -36.23 12.33 21.27
CA PRO B 257 -37.58 12.44 20.68
C PRO B 257 -37.80 11.77 19.33
N PHE B 258 -36.86 11.85 18.40
CA PHE B 258 -37.07 11.20 17.10
C PHE B 258 -37.06 9.67 17.18
N TRP B 259 -36.11 9.12 17.93
CA TRP B 259 -36.03 7.68 18.10
C TRP B 259 -37.26 7.18 18.81
N GLN B 260 -37.76 7.99 19.75
CA GLN B 260 -38.98 7.65 20.49
C GLN B 260 -40.09 7.39 19.49
N ARG B 261 -40.18 8.27 18.50
CA ARG B 261 -41.20 8.16 17.47
C ARG B 261 -40.99 6.95 16.59
N MET B 262 -39.78 6.78 16.08
CA MET B 262 -39.47 5.64 15.21
C MET B 262 -39.82 4.34 15.94
N HIS B 263 -39.41 4.25 17.20
CA HIS B 263 -39.66 3.08 18.02
C HIS B 263 -41.16 2.81 18.16
N ALA B 264 -41.94 3.88 18.09
CA ALA B 264 -43.40 3.78 18.21
C ALA B 264 -44.04 3.48 16.88
N HIS B 265 -43.25 3.52 15.81
CA HIS B 265 -43.78 3.27 14.47
C HIS B 265 -42.89 2.34 13.67
N PRO B 266 -42.82 1.07 14.06
CA PRO B 266 -41.97 0.11 13.36
C PRO B 266 -42.52 -0.34 12.01
N ALA B 267 -43.81 -0.09 11.77
CA ALA B 267 -44.47 -0.49 10.53
C ALA B 267 -44.84 0.70 9.70
N TYR B 268 -45.19 0.46 8.44
CA TYR B 268 -45.55 1.52 7.51
C TYR B 268 -46.89 2.18 7.83
N ASP B 269 -47.00 2.78 9.02
CA ASP B 269 -48.23 3.43 9.40
C ASP B 269 -48.25 4.89 8.93
N ALA B 270 -49.20 5.66 9.44
CA ALA B 270 -49.36 7.06 9.05
C ALA B 270 -48.08 7.89 9.17
N PHE B 271 -47.34 7.69 10.25
CA PHE B 271 -46.10 8.43 10.49
C PHE B 271 -45.09 8.29 9.35
N TRP B 272 -45.04 7.12 8.74
CA TRP B 272 -44.12 6.90 7.64
C TRP B 272 -44.78 7.16 6.29
N GLN B 273 -46.04 6.79 6.18
CA GLN B 273 -46.80 6.99 4.95
C GLN B 273 -46.87 8.48 4.61
N GLY B 274 -46.99 9.31 5.65
CA GLY B 274 -47.09 10.75 5.47
C GLY B 274 -45.76 11.44 5.27
N GLN B 275 -44.70 10.65 5.14
CA GLN B 275 -43.38 11.20 4.93
C GLN B 275 -42.79 10.72 3.60
N ALA B 276 -43.54 9.86 2.90
CA ALA B 276 -43.12 9.32 1.62
C ALA B 276 -43.23 10.41 0.57
N LEU B 277 -42.12 11.12 0.34
CA LEU B 277 -42.09 12.26 -0.58
C LEU B 277 -42.29 11.93 -2.07
N ASP B 278 -42.00 10.70 -2.47
CA ASP B 278 -42.19 10.31 -3.86
C ASP B 278 -43.67 10.41 -4.21
N LYS B 279 -44.51 9.89 -3.31
CA LYS B 279 -45.95 9.88 -3.50
C LYS B 279 -46.54 11.29 -3.36
N ILE B 280 -46.05 12.04 -2.36
CA ILE B 280 -46.55 13.40 -2.12
C ILE B 280 -46.21 14.36 -3.27
N LEU B 281 -44.97 14.36 -3.70
CA LEU B 281 -44.55 15.24 -4.79
C LEU B 281 -45.37 15.04 -6.05
N ALA B 282 -45.62 13.79 -6.41
CA ALA B 282 -46.41 13.47 -7.60
C ALA B 282 -47.80 14.05 -7.51
N GLN B 283 -48.29 14.22 -6.28
CA GLN B 283 -49.60 14.79 -6.05
C GLN B 283 -49.62 16.32 -6.22
N ARG B 284 -48.45 16.94 -6.04
CA ARG B 284 -48.35 18.41 -6.14
C ARG B 284 -48.32 18.94 -7.58
N LYS B 285 -48.24 18.04 -8.56
CA LYS B 285 -48.17 18.41 -9.98
C LYS B 285 -47.13 19.54 -10.20
N PRO B 286 -45.85 19.21 -10.02
CA PRO B 286 -44.77 20.18 -10.17
C PRO B 286 -44.45 20.52 -11.62
N THR B 287 -43.84 21.69 -11.85
CA THR B 287 -43.50 22.14 -13.20
C THR B 287 -42.00 22.46 -13.39
N VAL B 288 -41.23 22.44 -12.29
CA VAL B 288 -39.79 22.74 -12.34
C VAL B 288 -38.96 21.57 -12.88
N PRO B 289 -38.14 21.85 -13.90
CA PRO B 289 -37.27 20.83 -14.52
C PRO B 289 -36.42 20.08 -13.49
N MET B 290 -36.53 18.76 -13.48
CA MET B 290 -35.83 17.95 -12.51
C MET B 290 -34.85 16.97 -13.09
N LEU B 291 -33.79 16.71 -12.33
CA LEU B 291 -32.76 15.76 -12.70
C LEU B 291 -32.50 14.83 -11.51
N TRP B 292 -33.26 13.76 -11.42
CA TRP B 292 -33.12 12.81 -10.33
C TRP B 292 -31.89 11.92 -10.51
N GLU B 293 -31.08 11.82 -9.47
CA GLU B 293 -29.86 11.04 -9.52
C GLU B 293 -29.66 10.17 -8.29
N GLN B 294 -29.05 9.01 -8.52
CA GLN B 294 -28.69 8.08 -7.48
C GLN B 294 -27.70 7.12 -8.09
N GLY B 295 -26.84 6.54 -7.28
CA GLY B 295 -25.88 5.58 -7.79
C GLY B 295 -26.51 4.22 -7.95
N LEU B 296 -26.02 3.44 -8.91
CA LEU B 296 -26.54 2.10 -9.12
C LEU B 296 -26.25 1.25 -7.89
N TRP B 297 -25.15 1.55 -7.22
CA TRP B 297 -24.75 0.84 -6.02
C TRP B 297 -24.91 1.72 -4.80
N ASP B 298 -25.96 2.54 -4.80
CA ASP B 298 -26.25 3.44 -3.69
C ASP B 298 -26.54 2.66 -2.42
N GLN B 299 -25.69 2.80 -1.41
CA GLN B 299 -25.86 2.06 -0.17
C GLN B 299 -26.60 2.81 0.93
N GLU B 300 -27.03 4.03 0.64
CA GLU B 300 -27.74 4.82 1.64
C GLU B 300 -29.16 5.25 1.22
N ASP B 301 -29.35 5.59 -0.05
CA ASP B 301 -30.67 6.00 -0.52
C ASP B 301 -31.00 5.42 -1.88
N MET B 302 -31.28 4.13 -1.89
CA MET B 302 -31.57 3.39 -3.11
C MET B 302 -33.02 3.56 -3.59
N TRP B 303 -33.91 3.88 -2.66
CA TRP B 303 -35.33 4.04 -2.99
C TRP B 303 -35.63 5.38 -3.66
N GLY B 304 -35.37 6.45 -2.90
CA GLY B 304 -35.61 7.83 -3.30
C GLY B 304 -35.72 8.22 -4.77
N ALA B 305 -34.59 8.65 -5.33
CA ALA B 305 -34.51 9.13 -6.72
C ALA B 305 -35.38 8.39 -7.72
N ILE B 306 -35.03 7.14 -7.99
CA ILE B 306 -35.77 6.34 -8.97
C ILE B 306 -37.27 6.26 -8.67
N HIS B 307 -37.63 6.14 -7.40
CA HIS B 307 -39.04 6.03 -7.03
C HIS B 307 -39.82 7.33 -7.22
N ALA B 308 -39.15 8.46 -6.98
CA ALA B 308 -39.79 9.76 -7.15
C ALA B 308 -39.93 10.06 -8.62
N TRP B 309 -38.87 9.80 -9.36
CA TRP B 309 -38.86 10.04 -10.79
C TRP B 309 -39.93 9.22 -11.49
N GLN B 310 -40.18 8.02 -10.97
CA GLN B 310 -41.19 7.14 -11.52
C GLN B 310 -42.58 7.61 -11.16
N ALA B 311 -42.75 8.04 -9.92
CA ALA B 311 -44.03 8.53 -9.43
C ALA B 311 -44.50 9.71 -10.25
N LEU B 312 -43.56 10.58 -10.60
CA LEU B 312 -43.85 11.76 -11.41
C LEU B 312 -44.16 11.38 -12.85
N LYS B 313 -43.33 10.50 -13.40
CA LYS B 313 -43.53 10.00 -14.76
C LYS B 313 -44.93 9.42 -14.88
N ASP B 314 -45.32 8.66 -13.86
CA ASP B 314 -46.64 8.04 -13.80
C ASP B 314 -47.73 9.07 -13.71
N ALA B 315 -47.42 10.18 -13.05
CA ALA B 315 -48.37 11.26 -12.87
C ALA B 315 -48.44 12.20 -14.08
N ASP B 316 -47.75 11.81 -15.16
CA ASP B 316 -47.72 12.61 -16.38
C ASP B 316 -47.28 14.04 -16.08
N VAL B 317 -46.14 14.17 -15.39
CA VAL B 317 -45.59 15.47 -14.99
C VAL B 317 -45.25 16.34 -16.20
N LYS B 318 -45.75 17.58 -16.20
CA LYS B 318 -45.55 18.49 -17.32
C LYS B 318 -44.27 19.29 -17.18
N ALA B 319 -43.14 18.58 -17.19
CA ALA B 319 -41.83 19.19 -17.03
C ALA B 319 -40.75 18.14 -17.26
N PRO B 320 -39.51 18.57 -17.55
CA PRO B 320 -38.40 17.64 -17.70
C PRO B 320 -38.31 16.75 -16.46
N ASN B 321 -38.04 15.48 -16.66
CA ASN B 321 -37.97 14.54 -15.57
C ASN B 321 -37.06 13.40 -15.98
N THR B 322 -35.76 13.64 -15.91
CA THR B 322 -34.79 12.65 -16.31
C THR B 322 -34.16 11.95 -15.11
N LEU B 323 -33.94 10.65 -15.25
CA LEU B 323 -33.31 9.87 -14.21
C LEU B 323 -31.88 9.54 -14.60
N VAL B 324 -30.96 9.72 -13.66
CA VAL B 324 -29.56 9.40 -13.91
C VAL B 324 -29.04 8.42 -12.88
N MET B 325 -28.41 7.36 -13.35
CA MET B 325 -27.83 6.36 -12.47
C MET B 325 -26.46 5.94 -12.98
N GLY B 326 -25.43 6.24 -12.20
CA GLY B 326 -24.07 5.89 -12.56
C GLY B 326 -23.53 4.76 -11.72
N PRO B 327 -22.34 4.28 -12.05
CA PRO B 327 -21.72 3.17 -11.32
C PRO B 327 -21.11 3.69 -10.05
N TRP B 328 -21.90 4.42 -9.28
CA TRP B 328 -21.39 5.04 -8.07
C TRP B 328 -22.03 4.53 -6.80
N ARG B 329 -21.36 4.79 -5.69
CA ARG B 329 -21.87 4.45 -4.38
C ARG B 329 -22.68 5.67 -3.95
N HIS B 330 -23.24 5.64 -2.75
CA HIS B 330 -24.02 6.77 -2.27
C HIS B 330 -23.22 8.06 -2.33
N SER B 331 -23.83 9.10 -2.91
CA SER B 331 -23.21 10.44 -3.07
C SER B 331 -21.94 10.42 -3.94
N GLY B 332 -21.71 9.30 -4.62
CA GLY B 332 -20.54 9.13 -5.47
C GLY B 332 -20.50 10.08 -6.65
N VAL B 333 -21.64 10.66 -6.97
CA VAL B 333 -21.74 11.60 -8.08
C VAL B 333 -20.91 12.87 -7.85
N ASN B 334 -20.78 13.28 -6.59
CA ASN B 334 -20.03 14.49 -6.25
C ASN B 334 -18.56 14.24 -5.94
N TYR B 335 -18.01 13.15 -6.47
CA TYR B 335 -16.59 12.82 -6.27
C TYR B 335 -16.04 12.16 -7.52
N ASN B 336 -15.18 11.16 -7.36
CA ASN B 336 -14.64 10.46 -8.52
C ASN B 336 -15.43 9.20 -8.80
N GLY B 337 -15.63 8.91 -10.09
CA GLY B 337 -16.40 7.75 -10.48
C GLY B 337 -15.68 6.81 -11.41
N SER B 338 -14.37 6.70 -11.25
CA SER B 338 -13.58 5.79 -12.09
C SER B 338 -13.62 4.37 -11.53
N THR B 339 -13.67 4.26 -10.21
CA THR B 339 -13.70 2.96 -9.57
C THR B 339 -14.66 2.92 -8.39
N LEU B 340 -15.05 1.70 -8.02
CA LEU B 340 -15.89 1.43 -6.86
C LEU B 340 -15.44 0.07 -6.37
N GLY B 341 -14.77 0.04 -5.23
CA GLY B 341 -14.25 -1.20 -4.70
C GLY B 341 -13.22 -1.72 -5.68
N PRO B 342 -13.24 -3.01 -5.96
CA PRO B 342 -12.31 -3.61 -6.92
C PRO B 342 -12.73 -3.35 -8.38
N LEU B 343 -13.96 -2.89 -8.59
CA LEU B 343 -14.48 -2.64 -9.94
C LEU B 343 -13.81 -1.44 -10.57
N GLU B 344 -13.66 -1.49 -11.90
CA GLU B 344 -13.06 -0.40 -12.67
C GLU B 344 -13.99 0.02 -13.82
N PHE B 345 -14.19 1.32 -13.96
CA PHE B 345 -15.06 1.85 -14.99
C PHE B 345 -14.32 2.73 -15.99
N GLU B 346 -15.01 3.13 -17.05
CA GLU B 346 -14.40 3.92 -18.11
C GLU B 346 -14.32 5.42 -17.82
N GLY B 347 -13.24 5.83 -17.16
CA GLY B 347 -13.00 7.22 -16.82
C GLY B 347 -13.79 7.66 -15.61
N ASP B 348 -13.69 8.94 -15.28
CA ASP B 348 -14.42 9.48 -14.16
C ASP B 348 -15.88 9.61 -14.57
N THR B 349 -16.65 8.55 -14.39
CA THR B 349 -18.07 8.54 -14.75
C THR B 349 -18.83 9.62 -14.00
N ALA B 350 -18.38 9.93 -12.78
CA ALA B 350 -19.02 10.97 -11.98
C ALA B 350 -18.78 12.33 -12.62
N HIS B 351 -17.51 12.64 -12.92
CA HIS B 351 -17.19 13.90 -13.56
C HIS B 351 -17.88 13.98 -14.90
N GLN B 352 -17.81 12.88 -15.65
CA GLN B 352 -18.45 12.80 -16.95
C GLN B 352 -19.87 13.37 -16.89
N TYR B 353 -20.68 12.85 -15.98
CA TYR B 353 -22.05 13.31 -15.84
C TYR B 353 -22.12 14.79 -15.43
N ARG B 354 -21.28 15.17 -14.47
CA ARG B 354 -21.25 16.54 -13.99
C ARG B 354 -20.99 17.54 -15.10
N ARG B 355 -20.13 17.17 -16.04
CA ARG B 355 -19.75 18.05 -17.12
C ARG B 355 -20.61 17.98 -18.40
N ASP B 356 -21.03 16.77 -18.78
CA ASP B 356 -21.81 16.60 -20.01
C ASP B 356 -23.33 16.70 -19.85
N VAL B 357 -23.84 16.38 -18.66
CA VAL B 357 -25.30 16.40 -18.44
C VAL B 357 -25.76 17.39 -17.38
N PHE B 358 -25.30 17.20 -16.14
CA PHE B 358 -25.70 18.04 -15.00
C PHE B 358 -25.54 19.53 -15.30
N ARG B 359 -24.30 19.95 -15.50
CA ARG B 359 -23.98 21.34 -15.77
C ARG B 359 -24.76 21.99 -16.96
N PRO B 360 -24.67 21.41 -18.17
CA PRO B 360 -25.40 21.98 -19.32
C PRO B 360 -26.89 22.09 -19.04
N PHE B 361 -27.45 21.06 -18.40
CA PHE B 361 -28.86 21.06 -18.07
C PHE B 361 -29.19 22.27 -17.22
N PHE B 362 -28.45 22.45 -16.14
CA PHE B 362 -28.67 23.58 -15.25
C PHE B 362 -28.48 24.91 -15.99
N ASP B 363 -27.43 24.97 -16.81
CA ASP B 363 -27.13 26.17 -17.58
C ASP B 363 -28.34 26.64 -18.39
N GLU B 364 -29.01 25.70 -19.06
CA GLU B 364 -30.18 26.02 -19.89
C GLU B 364 -31.18 26.90 -19.16
N TYR B 365 -31.53 26.51 -17.95
CA TYR B 365 -32.52 27.25 -17.19
C TYR B 365 -31.94 28.36 -16.34
N LEU B 366 -30.65 28.31 -16.05
CA LEU B 366 -30.03 29.30 -15.18
C LEU B 366 -29.18 30.37 -15.87
N LYS B 367 -28.59 30.02 -17.01
CA LYS B 367 -27.79 30.98 -17.77
C LYS B 367 -28.52 31.28 -19.07
N PRO B 368 -29.43 32.27 -19.04
CA PRO B 368 -30.24 32.62 -20.21
C PRO B 368 -29.40 32.81 -21.46
N GLY B 369 -29.84 32.19 -22.55
CA GLY B 369 -29.13 32.27 -23.82
C GLY B 369 -28.34 31.00 -24.10
N SER B 370 -28.21 30.16 -23.06
CA SER B 370 -27.46 28.91 -23.17
C SER B 370 -28.15 27.95 -24.10
N ALA B 371 -27.37 27.03 -24.66
CA ALA B 371 -27.92 26.01 -25.55
C ALA B 371 -28.79 25.08 -24.73
N SER B 372 -29.92 24.69 -25.29
CA SER B 372 -30.84 23.79 -24.59
C SER B 372 -30.42 22.35 -24.75
N VAL B 373 -30.73 21.54 -23.74
CA VAL B 373 -30.42 20.12 -23.78
C VAL B 373 -31.70 19.33 -23.87
N HIS B 374 -31.66 18.22 -24.60
CA HIS B 374 -32.83 17.36 -24.75
C HIS B 374 -32.53 16.00 -24.16
N LEU B 375 -32.76 15.88 -22.85
CA LEU B 375 -32.49 14.65 -22.13
C LEU B 375 -33.60 13.62 -22.33
N PRO B 376 -33.24 12.34 -22.32
CA PRO B 376 -34.20 11.26 -22.49
C PRO B 376 -34.88 10.95 -21.15
N ASP B 377 -35.55 9.82 -21.05
CA ASP B 377 -36.20 9.43 -19.81
C ASP B 377 -35.14 9.13 -18.77
N ALA B 378 -34.21 8.27 -19.16
CA ALA B 378 -33.15 7.87 -18.26
C ALA B 378 -31.77 7.87 -18.92
N ILE B 379 -30.78 8.35 -18.17
CA ILE B 379 -29.40 8.32 -18.60
C ILE B 379 -28.75 7.41 -17.58
N ILE B 380 -28.49 6.16 -17.99
CA ILE B 380 -27.92 5.19 -17.07
C ILE B 380 -26.64 4.60 -17.59
N TYR B 381 -25.69 4.39 -16.69
CA TYR B 381 -24.43 3.79 -17.06
C TYR B 381 -24.60 2.30 -17.10
N ASN B 382 -24.02 1.67 -18.11
CA ASN B 382 -24.08 0.23 -18.23
C ASN B 382 -22.91 -0.42 -17.52
N THR B 383 -23.18 -1.13 -16.44
CA THR B 383 -22.13 -1.78 -15.67
C THR B 383 -21.65 -3.08 -16.29
N GLY B 384 -22.16 -3.39 -17.48
CA GLY B 384 -21.78 -4.59 -18.19
C GLY B 384 -21.07 -4.23 -19.49
N ASP B 385 -21.65 -3.28 -20.23
CA ASP B 385 -21.08 -2.82 -21.50
C ASP B 385 -20.01 -1.76 -21.28
N GLN B 386 -19.97 -1.23 -20.05
CA GLN B 386 -19.02 -0.18 -19.65
C GLN B 386 -19.13 1.08 -20.50
N LYS B 387 -20.32 1.68 -20.46
CA LYS B 387 -20.60 2.90 -21.21
C LYS B 387 -21.94 3.48 -20.76
N TRP B 388 -22.22 4.70 -21.19
CA TRP B 388 -23.47 5.35 -20.85
C TRP B 388 -24.56 4.95 -21.84
N ASP B 389 -25.77 4.73 -21.34
CA ASP B 389 -26.90 4.37 -22.18
C ASP B 389 -27.96 5.45 -22.09
N TYR B 390 -28.36 5.98 -23.23
CA TYR B 390 -29.38 7.00 -23.26
C TYR B 390 -30.69 6.37 -23.69
N TYR B 391 -31.63 6.26 -22.75
CA TYR B 391 -32.93 5.64 -23.03
C TYR B 391 -34.05 6.67 -23.16
N ARG B 392 -34.57 6.82 -24.38
CA ARG B 392 -35.65 7.77 -24.65
C ARG B 392 -36.84 7.50 -23.73
N SER B 393 -37.22 6.22 -23.64
CA SER B 393 -38.31 5.78 -22.77
C SER B 393 -37.84 4.56 -21.99
N TRP B 394 -37.68 4.73 -20.69
CA TRP B 394 -37.18 3.67 -19.82
C TRP B 394 -38.03 3.55 -18.56
N PRO B 395 -38.26 2.33 -18.09
CA PRO B 395 -37.75 1.11 -18.73
C PRO B 395 -38.65 0.64 -19.85
N SER B 396 -38.10 -0.18 -20.74
CA SER B 396 -38.87 -0.70 -21.86
C SER B 396 -39.65 -1.95 -21.42
N VAL B 397 -39.12 -2.65 -20.43
CA VAL B 397 -39.80 -3.84 -19.92
C VAL B 397 -40.06 -3.73 -18.43
N CYS B 398 -41.24 -4.18 -18.01
CA CYS B 398 -41.63 -4.17 -16.61
C CYS B 398 -42.90 -4.98 -16.42
N GLU B 399 -43.39 -5.02 -15.19
CA GLU B 399 -44.59 -5.80 -14.87
C GLU B 399 -45.90 -5.26 -15.47
N SER B 400 -46.12 -3.95 -15.37
CA SER B 400 -47.37 -3.38 -15.87
C SER B 400 -47.21 -2.06 -16.62
N ASN B 401 -47.68 -2.06 -17.87
CA ASN B 401 -47.69 -0.85 -18.72
C ASN B 401 -46.44 -0.58 -19.54
N CYS B 402 -45.40 -1.39 -19.38
CA CYS B 402 -44.20 -1.22 -20.16
C CYS B 402 -44.40 -1.85 -21.52
N THR B 403 -43.55 -1.48 -22.48
CA THR B 403 -43.64 -2.02 -23.83
C THR B 403 -43.62 -3.54 -23.78
N GLY B 404 -42.70 -4.08 -22.98
CA GLY B 404 -42.57 -5.52 -22.83
C GLY B 404 -42.69 -5.94 -21.37
N GLY B 405 -42.61 -7.24 -21.14
CA GLY B 405 -42.70 -7.78 -19.79
C GLY B 405 -41.38 -8.31 -19.29
N LEU B 406 -41.32 -8.59 -17.99
CA LEU B 406 -40.11 -9.12 -17.39
C LEU B 406 -39.95 -10.58 -17.77
N THR B 407 -38.72 -11.05 -17.82
CA THR B 407 -38.42 -12.45 -18.14
C THR B 407 -38.00 -13.19 -16.88
N PRO B 408 -38.84 -14.11 -16.43
CA PRO B 408 -38.58 -14.87 -15.21
C PRO B 408 -37.40 -15.80 -15.31
N LEU B 409 -36.42 -15.62 -14.42
CA LEU B 409 -35.28 -16.53 -14.33
C LEU B 409 -35.59 -17.48 -13.19
N TYR B 410 -36.08 -18.66 -13.56
CA TYR B 410 -36.50 -19.65 -12.59
C TYR B 410 -35.39 -20.36 -11.85
N LEU B 411 -35.63 -20.61 -10.57
CA LEU B 411 -34.71 -21.36 -9.75
C LEU B 411 -35.05 -22.79 -10.07
N ALA B 412 -34.05 -23.67 -10.06
CA ALA B 412 -34.29 -25.06 -10.39
C ALA B 412 -33.45 -26.00 -9.55
N ASP B 413 -33.88 -27.25 -9.53
CA ASP B 413 -33.18 -28.28 -8.77
C ASP B 413 -31.79 -28.45 -9.35
N GLY B 414 -30.83 -28.70 -8.46
CA GLY B 414 -29.43 -28.84 -8.83
C GLY B 414 -28.75 -27.53 -8.53
N HIS B 415 -29.46 -26.68 -7.78
CA HIS B 415 -28.98 -25.34 -7.41
C HIS B 415 -28.60 -24.51 -8.62
N GLY B 416 -29.46 -24.55 -9.63
CA GLY B 416 -29.24 -23.82 -10.85
C GLY B 416 -30.36 -22.86 -11.18
N LEU B 417 -30.18 -22.13 -12.29
CA LEU B 417 -31.16 -21.17 -12.74
C LEU B 417 -31.40 -21.35 -14.23
N SER B 418 -32.67 -21.33 -14.63
CA SER B 418 -33.00 -21.50 -16.04
C SER B 418 -34.21 -20.66 -16.39
N PHE B 419 -34.27 -20.23 -17.65
CA PHE B 419 -35.38 -19.41 -18.12
C PHE B 419 -36.55 -20.29 -18.48
N THR B 420 -36.37 -21.61 -18.31
CA THR B 420 -37.41 -22.58 -18.62
C THR B 420 -38.07 -23.09 -17.35
N HIS B 421 -39.28 -22.61 -17.09
CA HIS B 421 -40.06 -22.99 -15.91
C HIS B 421 -39.99 -24.49 -15.59
N PRO B 422 -39.34 -24.83 -14.48
CA PRO B 422 -39.21 -26.22 -14.05
C PRO B 422 -40.59 -26.81 -13.78
N ALA B 423 -40.99 -27.77 -14.61
CA ALA B 423 -42.28 -28.42 -14.48
C ALA B 423 -42.44 -29.09 -13.12
N ALA B 424 -41.42 -29.83 -12.70
CA ALA B 424 -41.45 -30.53 -11.43
C ALA B 424 -41.38 -29.60 -10.22
N ASP B 425 -42.04 -30.00 -9.13
CA ASP B 425 -42.00 -29.23 -7.89
C ASP B 425 -40.69 -29.52 -7.20
N GLY B 426 -40.33 -28.68 -6.24
CA GLY B 426 -39.08 -28.86 -5.52
C GLY B 426 -38.78 -27.78 -4.52
N ALA B 427 -37.79 -28.03 -3.67
CA ALA B 427 -37.41 -27.08 -2.64
C ALA B 427 -36.02 -27.36 -2.08
N ASP B 428 -35.33 -26.31 -1.70
CA ASP B 428 -34.02 -26.42 -1.10
C ASP B 428 -34.08 -25.67 0.21
N SER B 429 -33.50 -26.26 1.26
CA SER B 429 -33.57 -25.69 2.59
C SER B 429 -32.25 -25.25 3.16
N TYR B 430 -32.34 -24.38 4.17
CA TYR B 430 -31.18 -23.90 4.89
C TYR B 430 -31.62 -23.48 6.30
N VAL B 431 -30.68 -23.45 7.24
CA VAL B 431 -31.00 -23.11 8.63
C VAL B 431 -30.48 -21.74 9.05
N SER B 432 -31.40 -20.80 9.22
CA SER B 432 -31.06 -19.45 9.64
C SER B 432 -31.03 -19.34 11.17
N ASP B 433 -29.82 -19.37 11.72
CA ASP B 433 -29.62 -19.30 13.16
C ASP B 433 -29.25 -17.89 13.56
N PRO B 434 -30.15 -17.22 14.28
CA PRO B 434 -29.94 -15.83 14.72
C PRO B 434 -28.74 -15.67 15.65
N ALA B 435 -28.26 -16.77 16.23
CA ALA B 435 -27.10 -16.71 17.12
C ALA B 435 -25.82 -16.59 16.31
N HIS B 436 -25.94 -16.87 15.01
CA HIS B 436 -24.83 -16.76 14.07
C HIS B 436 -25.33 -16.16 12.77
N PRO B 437 -25.64 -14.86 12.79
CA PRO B 437 -26.16 -14.16 11.62
C PRO B 437 -25.09 -13.90 10.59
N VAL B 438 -25.49 -13.88 9.31
CA VAL B 438 -24.57 -13.66 8.21
C VAL B 438 -24.07 -12.22 8.20
N PRO B 439 -22.76 -12.03 8.23
CA PRO B 439 -22.17 -10.70 8.17
C PRO B 439 -22.44 -10.11 6.81
N PHE B 440 -22.96 -8.88 6.75
CA PHE B 440 -23.23 -8.27 5.45
C PHE B 440 -21.92 -8.03 4.70
N ILE B 441 -20.84 -7.81 5.44
CA ILE B 441 -19.49 -7.73 4.90
C ILE B 441 -18.55 -8.37 5.93
N SER B 442 -17.45 -8.95 5.45
CA SER B 442 -16.47 -9.65 6.31
C SER B 442 -16.21 -9.01 7.65
N ARG B 443 -16.05 -9.83 8.68
CA ARG B 443 -15.75 -9.37 10.01
C ARG B 443 -14.27 -9.02 10.08
N PRO B 444 -13.89 -8.05 10.90
CA PRO B 444 -14.83 -7.29 11.71
C PRO B 444 -15.23 -5.97 11.07
N PHE B 445 -16.49 -5.58 11.21
CA PHE B 445 -16.94 -4.32 10.68
C PHE B 445 -17.62 -3.47 11.73
N ALA B 446 -17.19 -2.21 11.80
CA ALA B 446 -17.79 -1.25 12.70
C ALA B 446 -18.42 -0.18 11.83
N PHE B 447 -19.61 0.28 12.20
CA PHE B 447 -20.30 1.29 11.42
C PHE B 447 -19.48 2.56 11.22
N ALA B 448 -18.46 2.73 12.06
CA ALA B 448 -17.60 3.90 11.98
C ALA B 448 -16.61 3.78 10.82
N GLN B 449 -16.41 2.56 10.33
CA GLN B 449 -15.50 2.31 9.22
C GLN B 449 -16.13 2.69 7.89
N SER B 450 -16.12 3.98 7.58
CA SER B 450 -16.70 4.48 6.34
C SER B 450 -16.00 3.89 5.12
N SER B 451 -14.69 3.69 5.23
CA SER B 451 -13.90 3.12 4.14
C SER B 451 -14.44 1.77 3.68
N ARG B 452 -15.13 1.07 4.60
CA ARG B 452 -15.69 -0.24 4.30
C ARG B 452 -17.18 -0.17 3.99
N TRP B 453 -17.85 0.83 4.55
CA TRP B 453 -19.29 1.00 4.36
C TRP B 453 -19.65 1.49 2.97
N LYS B 454 -18.85 2.41 2.45
CA LYS B 454 -19.11 3.00 1.13
C LYS B 454 -19.21 1.99 -0.03
N PRO B 455 -18.22 1.13 -0.22
CA PRO B 455 -18.26 0.16 -1.30
C PRO B 455 -18.81 -1.21 -0.92
N TRP B 456 -19.53 -1.32 0.20
CA TRP B 456 -20.05 -2.63 0.64
C TRP B 456 -20.97 -3.32 -0.37
N LEU B 457 -21.63 -2.55 -1.22
CA LEU B 457 -22.57 -3.10 -2.18
C LEU B 457 -21.97 -3.85 -3.37
N VAL B 458 -20.68 -3.68 -3.60
CA VAL B 458 -20.02 -4.38 -4.70
C VAL B 458 -19.10 -5.47 -4.17
N GLN B 459 -19.17 -5.70 -2.87
CA GLN B 459 -18.32 -6.70 -2.23
C GLN B 459 -18.57 -8.13 -2.73
N ASP B 460 -17.53 -8.94 -2.67
CA ASP B 460 -17.59 -10.33 -3.12
C ASP B 460 -18.49 -11.17 -2.24
N GLN B 461 -19.47 -11.83 -2.86
CA GLN B 461 -20.44 -12.66 -2.15
C GLN B 461 -20.04 -14.14 -2.10
N ARG B 462 -18.75 -14.40 -1.96
CA ARG B 462 -18.25 -15.76 -1.91
C ARG B 462 -18.28 -16.27 -0.50
N GLU B 463 -18.06 -15.37 0.47
CA GLU B 463 -18.07 -15.76 1.87
C GLU B 463 -19.42 -16.33 2.23
N ALA B 464 -20.46 -15.59 1.85
CA ALA B 464 -21.82 -16.03 2.12
C ALA B 464 -22.09 -17.40 1.50
N GLU B 465 -21.65 -17.58 0.26
CA GLU B 465 -21.85 -18.82 -0.47
C GLU B 465 -21.27 -20.04 0.26
N SER B 466 -20.18 -19.83 0.99
CA SER B 466 -19.53 -20.92 1.71
C SER B 466 -20.24 -21.28 3.00
N ARG B 467 -21.26 -20.51 3.35
CA ARG B 467 -22.02 -20.73 4.57
C ARG B 467 -23.18 -21.70 4.37
N PRO B 468 -23.47 -22.50 5.40
CA PRO B 468 -24.59 -23.42 5.36
C PRO B 468 -25.92 -22.71 5.57
N ASP B 469 -25.89 -21.43 5.93
CA ASP B 469 -27.14 -20.68 6.13
C ASP B 469 -27.46 -19.71 5.00
N VAL B 470 -26.97 -20.05 3.81
CA VAL B 470 -27.18 -19.24 2.62
C VAL B 470 -27.36 -20.15 1.40
N VAL B 471 -28.59 -20.26 0.91
CA VAL B 471 -28.84 -21.09 -0.25
C VAL B 471 -28.45 -20.30 -1.50
N THR B 472 -27.78 -20.96 -2.44
CA THR B 472 -27.27 -20.30 -3.65
C THR B 472 -27.56 -21.05 -4.93
N TYR B 473 -28.03 -20.33 -5.94
CA TYR B 473 -28.34 -20.92 -7.25
C TYR B 473 -27.60 -20.16 -8.34
N GLU B 474 -27.14 -20.87 -9.36
CA GLU B 474 -26.41 -20.24 -10.45
C GLU B 474 -26.64 -20.89 -11.81
N THR B 475 -26.51 -20.09 -12.87
CA THR B 475 -26.66 -20.59 -14.25
C THR B 475 -25.35 -21.14 -14.75
N GLU B 476 -25.41 -21.85 -15.85
CA GLU B 476 -24.20 -22.41 -16.44
C GLU B 476 -23.42 -21.27 -17.03
N VAL B 477 -22.10 -21.44 -17.13
CA VAL B 477 -21.23 -20.44 -17.73
C VAL B 477 -21.86 -19.99 -19.05
N LEU B 478 -22.28 -18.73 -19.09
CA LEU B 478 -22.98 -18.15 -20.24
C LEU B 478 -22.29 -18.30 -21.60
N ASP B 479 -23.10 -18.73 -22.58
CA ASP B 479 -22.65 -18.92 -23.97
C ASP B 479 -22.79 -17.61 -24.73
N GLU B 480 -23.95 -16.98 -24.57
CA GLU B 480 -24.22 -15.69 -25.17
C GLU B 480 -24.62 -14.78 -24.01
N PRO B 481 -24.31 -13.50 -24.13
CA PRO B 481 -24.63 -12.54 -23.06
C PRO B 481 -26.12 -12.34 -22.84
N VAL B 482 -26.51 -12.14 -21.59
CA VAL B 482 -27.89 -11.84 -21.25
C VAL B 482 -27.92 -10.38 -20.87
N ARG B 483 -28.79 -9.63 -21.51
CA ARG B 483 -28.85 -8.19 -21.27
C ARG B 483 -30.02 -7.79 -20.40
N VAL B 484 -29.76 -6.95 -19.40
CA VAL B 484 -30.83 -6.50 -18.52
C VAL B 484 -30.85 -4.99 -18.29
N SER B 485 -32.05 -4.42 -18.30
CA SER B 485 -32.23 -3.00 -18.07
C SER B 485 -33.62 -2.78 -17.52
N GLY B 486 -33.72 -2.30 -16.29
CA GLY B 486 -34.99 -2.07 -15.65
C GLY B 486 -34.94 -2.46 -14.20
N VAL B 487 -36.11 -2.64 -13.59
CA VAL B 487 -36.20 -3.00 -12.18
C VAL B 487 -36.54 -4.47 -12.02
N PRO B 488 -35.60 -5.26 -11.51
CA PRO B 488 -35.84 -6.68 -11.29
C PRO B 488 -36.81 -6.87 -10.14
N VAL B 489 -37.59 -7.94 -10.19
CA VAL B 489 -38.55 -8.23 -9.14
C VAL B 489 -38.30 -9.62 -8.61
N ALA B 490 -38.39 -9.78 -7.29
CA ALA B 490 -38.17 -11.06 -6.69
C ALA B 490 -39.49 -11.78 -6.48
N ASP B 491 -39.74 -12.81 -7.28
CA ASP B 491 -40.92 -13.63 -7.09
C ASP B 491 -40.45 -14.82 -6.31
N LEU B 492 -40.62 -14.75 -4.99
CA LEU B 492 -40.12 -15.76 -4.11
C LEU B 492 -41.19 -16.50 -3.34
N PHE B 493 -41.13 -17.84 -3.42
CA PHE B 493 -42.05 -18.73 -2.71
C PHE B 493 -41.23 -19.46 -1.68
N ALA B 494 -41.21 -18.93 -0.46
CA ALA B 494 -40.41 -19.53 0.61
C ALA B 494 -41.18 -19.72 1.90
N ALA B 495 -40.78 -20.75 2.64
CA ALA B 495 -41.42 -21.08 3.89
C ALA B 495 -40.39 -21.10 4.99
N THR B 496 -40.79 -20.66 6.18
CA THR B 496 -39.91 -20.67 7.33
C THR B 496 -40.58 -21.45 8.46
N SER B 497 -39.78 -22.19 9.22
CA SER B 497 -40.30 -22.98 10.32
C SER B 497 -40.73 -22.08 11.48
N GLY B 498 -40.42 -20.80 11.38
CA GLY B 498 -40.78 -19.85 12.41
C GLY B 498 -42.05 -19.10 12.11
N THR B 499 -42.25 -17.98 12.81
CA THR B 499 -43.45 -17.18 12.61
C THR B 499 -43.12 -15.84 11.97
N ASP B 500 -41.84 -15.61 11.72
CA ASP B 500 -41.36 -14.40 11.07
C ASP B 500 -40.05 -14.74 10.40
N SER B 501 -39.62 -13.89 9.46
CA SER B 501 -38.38 -14.13 8.74
C SER B 501 -38.05 -13.01 7.78
N ASP B 502 -36.76 -12.73 7.62
CA ASP B 502 -36.30 -11.72 6.67
C ASP B 502 -35.83 -12.46 5.45
N TRP B 503 -36.11 -11.93 4.28
CA TRP B 503 -35.69 -12.60 3.06
C TRP B 503 -34.77 -11.73 2.24
N VAL B 504 -33.51 -12.17 2.14
CA VAL B 504 -32.51 -11.45 1.39
C VAL B 504 -32.31 -12.12 0.05
N VAL B 505 -32.55 -11.38 -1.03
CA VAL B 505 -32.36 -11.93 -2.37
C VAL B 505 -31.23 -11.17 -3.03
N LYS B 506 -30.29 -11.91 -3.62
CA LYS B 506 -29.14 -11.30 -4.26
C LYS B 506 -28.96 -11.71 -5.71
N LEU B 507 -29.08 -10.73 -6.62
CA LEU B 507 -28.84 -10.99 -8.03
C LEU B 507 -27.37 -10.73 -8.25
N ILE B 508 -26.65 -11.74 -8.72
CA ILE B 508 -25.21 -11.63 -8.86
C ILE B 508 -24.68 -11.94 -10.25
N ASP B 509 -23.65 -11.22 -10.65
CA ASP B 509 -22.96 -11.49 -11.89
C ASP B 509 -21.63 -12.10 -11.48
N VAL B 510 -21.50 -13.41 -11.71
CA VAL B 510 -20.26 -14.10 -11.39
C VAL B 510 -19.28 -13.83 -12.49
N GLN B 511 -18.11 -13.31 -12.14
CA GLN B 511 -17.08 -13.02 -13.13
C GLN B 511 -16.53 -14.35 -13.66
N PRO B 512 -15.87 -14.31 -14.82
CA PRO B 512 -15.29 -15.51 -15.43
C PRO B 512 -14.39 -16.26 -14.46
N ALA B 513 -14.42 -17.59 -14.52
CA ALA B 513 -13.61 -18.43 -13.65
C ALA B 513 -12.23 -17.85 -13.45
N MET B 514 -11.58 -17.48 -14.55
CA MET B 514 -10.25 -16.90 -14.50
C MET B 514 -10.22 -15.63 -15.31
N THR B 515 -9.62 -14.59 -14.73
CA THR B 515 -9.46 -13.30 -15.40
C THR B 515 -7.98 -12.99 -15.40
N PRO B 516 -7.24 -13.52 -16.37
CA PRO B 516 -5.78 -13.38 -16.43
C PRO B 516 -5.24 -11.94 -16.42
N ASP B 517 -6.02 -10.99 -16.95
CA ASP B 517 -5.59 -9.60 -16.97
C ASP B 517 -5.69 -9.00 -15.57
N ASP B 518 -6.67 -9.46 -14.82
CA ASP B 518 -6.88 -9.00 -13.45
C ASP B 518 -7.27 -10.21 -12.61
N PRO B 519 -6.27 -11.04 -12.26
CA PRO B 519 -6.48 -12.29 -11.52
C PRO B 519 -7.45 -12.24 -10.32
N LYS B 520 -7.39 -11.18 -9.52
CA LYS B 520 -8.24 -11.07 -8.34
C LYS B 520 -9.75 -11.16 -8.62
N MET B 521 -10.14 -10.81 -9.85
CA MET B 521 -11.55 -10.83 -10.22
C MET B 521 -12.05 -12.23 -10.59
N GLY B 522 -11.13 -13.17 -10.78
CA GLY B 522 -11.46 -14.53 -11.17
C GLY B 522 -12.49 -15.21 -10.29
N GLY B 523 -13.69 -15.43 -10.83
CA GLY B 523 -14.76 -16.08 -10.12
C GLY B 523 -15.47 -15.19 -9.11
N TYR B 524 -15.08 -13.91 -9.08
CA TYR B 524 -15.65 -12.93 -8.18
C TYR B 524 -17.16 -12.92 -8.29
N GLU B 525 -17.83 -13.04 -7.16
CA GLU B 525 -19.28 -13.02 -7.14
C GLU B 525 -19.74 -11.59 -6.91
N LEU B 526 -19.94 -10.86 -8.00
CA LEU B 526 -20.35 -9.46 -7.91
C LEU B 526 -21.85 -9.29 -7.97
N PRO B 527 -22.42 -8.73 -6.92
CA PRO B 527 -23.85 -8.47 -6.85
C PRO B 527 -24.22 -7.18 -7.57
N VAL B 528 -25.11 -7.27 -8.55
CA VAL B 528 -25.54 -6.09 -9.27
C VAL B 528 -26.78 -5.51 -8.62
N SER B 529 -27.51 -6.37 -7.92
CA SER B 529 -28.73 -5.95 -7.25
C SER B 529 -29.08 -6.91 -6.12
N MET B 530 -29.41 -6.35 -4.96
CA MET B 530 -29.82 -7.14 -3.81
C MET B 530 -30.58 -6.31 -2.79
N ASP B 531 -31.42 -6.97 -2.01
CA ASP B 531 -32.22 -6.30 -1.00
C ASP B 531 -32.77 -7.28 0.03
N ILE B 532 -33.28 -6.74 1.13
CA ILE B 532 -33.85 -7.54 2.20
C ILE B 532 -35.34 -7.26 2.34
N PHE B 533 -36.10 -8.27 2.73
CA PHE B 533 -37.53 -8.10 2.90
C PHE B 533 -38.00 -8.75 4.17
N ARG B 534 -38.59 -7.96 5.06
CA ARG B 534 -39.11 -8.47 6.32
C ARG B 534 -40.43 -9.17 6.06
N GLY B 535 -40.45 -10.48 6.30
CA GLY B 535 -41.62 -11.31 6.05
C GLY B 535 -42.92 -10.88 6.69
N ARG B 536 -42.82 -10.33 7.89
CA ARG B 536 -44.01 -9.91 8.62
C ARG B 536 -44.86 -8.87 7.89
N TYR B 537 -44.30 -8.27 6.84
CA TYR B 537 -45.02 -7.26 6.06
C TYR B 537 -45.43 -7.78 4.69
N ARG B 538 -45.53 -9.10 4.57
CA ARG B 538 -45.88 -9.76 3.31
C ARG B 538 -47.24 -9.33 2.74
N LYS B 539 -48.24 -9.17 3.60
CA LYS B 539 -49.58 -8.79 3.14
C LYS B 539 -49.82 -7.29 3.18
N ASP B 540 -49.34 -6.64 4.24
CA ASP B 540 -49.53 -5.20 4.41
C ASP B 540 -48.35 -4.57 5.15
N PHE B 541 -47.65 -3.65 4.48
CA PHE B 541 -46.52 -2.94 5.09
C PHE B 541 -47.03 -2.16 6.29
N ALA B 542 -48.31 -1.83 6.26
CA ALA B 542 -48.95 -1.06 7.31
C ALA B 542 -49.42 -1.91 8.50
N LYS B 543 -49.89 -3.12 8.21
CA LYS B 543 -50.36 -4.01 9.27
C LYS B 543 -49.57 -5.32 9.27
N PRO B 544 -48.58 -5.40 10.15
CA PRO B 544 -47.74 -6.59 10.28
C PRO B 544 -48.54 -7.75 10.83
N GLU B 545 -48.26 -8.95 10.35
CA GLU B 545 -48.97 -10.14 10.78
C GLU B 545 -48.08 -11.37 10.64
N ALA B 546 -48.11 -12.22 11.67
CA ALA B 546 -47.31 -13.45 11.73
C ALA B 546 -47.40 -14.32 10.50
N LEU B 547 -46.28 -14.94 10.15
CA LEU B 547 -46.24 -15.85 9.04
C LEU B 547 -46.76 -17.19 9.50
N GLN B 548 -47.32 -17.96 8.57
CA GLN B 548 -47.84 -19.27 8.86
C GLN B 548 -46.66 -20.25 8.90
N PRO B 549 -46.41 -20.84 10.06
CA PRO B 549 -45.27 -21.76 10.22
C PRO B 549 -45.27 -22.90 9.24
N ASP B 550 -44.09 -23.19 8.66
CA ASP B 550 -43.89 -24.28 7.70
C ASP B 550 -44.72 -24.22 6.42
N ALA B 551 -45.40 -23.11 6.21
CA ALA B 551 -46.21 -22.94 5.01
C ALA B 551 -45.47 -22.14 3.96
N THR B 552 -45.57 -22.58 2.70
CA THR B 552 -44.92 -21.88 1.60
C THR B 552 -45.71 -20.61 1.34
N LEU B 553 -45.06 -19.46 1.49
CA LEU B 553 -45.73 -18.19 1.25
C LEU B 553 -45.12 -17.44 0.09
N HIS B 554 -45.94 -16.63 -0.57
CA HIS B 554 -45.53 -15.87 -1.72
C HIS B 554 -45.06 -14.46 -1.37
N TYR B 555 -43.82 -14.15 -1.73
CA TYR B 555 -43.26 -12.82 -1.51
C TYR B 555 -42.97 -12.22 -2.88
N HIS B 556 -43.38 -10.98 -3.08
CA HIS B 556 -43.18 -10.29 -4.35
C HIS B 556 -42.73 -8.87 -4.08
N PHE B 557 -41.43 -8.62 -4.27
CA PHE B 557 -40.89 -7.28 -4.04
C PHE B 557 -39.86 -6.86 -5.09
N THR B 558 -39.59 -5.57 -5.15
CA THR B 558 -38.67 -5.02 -6.15
C THR B 558 -37.24 -4.89 -5.65
N LEU B 559 -36.28 -5.24 -6.51
CA LEU B 559 -34.86 -5.14 -6.20
C LEU B 559 -34.28 -3.93 -6.91
N PRO B 560 -33.17 -3.39 -6.39
CA PRO B 560 -32.51 -2.24 -7.02
C PRO B 560 -32.39 -2.36 -8.54
N ALA B 561 -32.69 -1.28 -9.25
CA ALA B 561 -32.64 -1.26 -10.71
C ALA B 561 -31.30 -1.70 -11.26
N VAL B 562 -31.32 -2.19 -12.50
CA VAL B 562 -30.10 -2.64 -13.16
C VAL B 562 -30.04 -2.14 -14.59
N ASN B 563 -28.81 -2.11 -15.10
CA ASN B 563 -28.50 -1.72 -16.47
C ASN B 563 -27.18 -2.38 -16.67
N HIS B 564 -27.21 -3.69 -16.84
CA HIS B 564 -26.02 -4.49 -16.86
C HIS B 564 -26.08 -5.54 -17.96
N VAL B 565 -24.94 -6.18 -18.22
CA VAL B 565 -24.84 -7.25 -19.21
C VAL B 565 -24.04 -8.41 -18.65
N PHE B 566 -24.69 -9.55 -18.48
CA PHE B 566 -24.03 -10.75 -18.00
C PHE B 566 -23.31 -11.32 -19.21
N ALA B 567 -22.05 -10.92 -19.38
CA ALA B 567 -21.27 -11.33 -20.54
C ALA B 567 -20.86 -12.79 -20.61
N LYS B 568 -20.41 -13.20 -21.80
CA LYS B 568 -19.94 -14.56 -22.06
C LYS B 568 -18.86 -14.94 -21.06
N GLY B 569 -19.00 -16.10 -20.42
CA GLY B 569 -18.03 -16.54 -19.45
C GLY B 569 -18.49 -16.33 -18.01
N HIS B 570 -19.47 -15.46 -17.84
CA HIS B 570 -20.02 -15.18 -16.53
C HIS B 570 -21.19 -16.13 -16.26
N ARG B 571 -21.88 -15.91 -15.14
CA ARG B 571 -23.06 -16.69 -14.78
C ARG B 571 -24.00 -15.76 -14.04
N ILE B 572 -25.29 -16.07 -14.09
CA ILE B 572 -26.26 -15.31 -13.31
C ILE B 572 -26.41 -16.09 -12.03
N MET B 573 -26.34 -15.42 -10.89
CA MET B 573 -26.42 -16.10 -9.62
C MET B 573 -27.41 -15.47 -8.67
N VAL B 574 -28.15 -16.31 -7.97
CA VAL B 574 -29.11 -15.85 -6.99
C VAL B 574 -28.74 -16.41 -5.62
N GLN B 575 -28.72 -15.55 -4.62
CA GLN B 575 -28.41 -15.98 -3.26
C GLN B 575 -29.56 -15.58 -2.37
N ILE B 576 -29.98 -16.48 -1.50
CA ILE B 576 -31.07 -16.20 -0.59
C ILE B 576 -30.67 -16.57 0.82
N GLN B 577 -30.82 -15.62 1.74
CA GLN B 577 -30.49 -15.85 3.14
C GLN B 577 -31.46 -15.09 4.01
N SER B 578 -31.41 -15.30 5.32
CA SER B 578 -32.35 -14.65 6.21
C SER B 578 -31.76 -13.67 7.23
N SER B 579 -30.51 -13.27 7.01
CA SER B 579 -29.84 -12.31 7.90
C SER B 579 -28.79 -11.48 7.15
N TRP B 580 -28.46 -10.33 7.72
CA TRP B 580 -27.48 -9.40 7.16
C TRP B 580 -27.01 -8.57 8.34
N PHE B 581 -26.01 -9.07 9.06
CA PHE B 581 -25.51 -8.43 10.29
C PHE B 581 -24.16 -7.71 10.14
N PRO B 582 -23.97 -6.59 10.85
CA PRO B 582 -24.99 -5.99 11.70
C PRO B 582 -25.76 -4.84 11.05
N LEU B 583 -25.71 -4.72 9.73
CA LEU B 583 -26.44 -3.65 9.06
C LEU B 583 -27.93 -3.73 9.39
N TYR B 584 -28.51 -4.92 9.22
CA TYR B 584 -29.93 -5.12 9.52
C TYR B 584 -30.08 -5.91 10.81
N ASP B 585 -30.94 -5.44 11.70
CA ASP B 585 -31.17 -6.12 12.97
C ASP B 585 -31.78 -7.49 12.73
N ARG B 586 -31.37 -8.46 13.52
CA ARG B 586 -31.84 -9.81 13.35
C ARG B 586 -33.33 -9.98 13.56
N ASN B 587 -33.97 -10.69 12.63
CA ASN B 587 -35.37 -11.02 12.75
C ASN B 587 -35.40 -12.22 13.68
N PRO B 588 -36.12 -12.09 14.79
CA PRO B 588 -36.19 -13.17 15.80
C PRO B 588 -36.77 -14.47 15.27
N GLN B 589 -37.22 -14.48 14.01
CA GLN B 589 -37.83 -15.65 13.38
C GLN B 589 -39.13 -16.08 14.10
N LYS B 590 -39.42 -15.41 15.21
CA LYS B 590 -40.65 -15.63 15.96
C LYS B 590 -41.37 -14.30 15.94
N PHE B 591 -42.65 -14.32 15.61
CA PHE B 591 -43.40 -13.08 15.54
C PHE B 591 -43.58 -12.39 16.88
N VAL B 592 -42.96 -11.22 17.00
CA VAL B 592 -43.08 -10.41 18.21
C VAL B 592 -43.82 -9.13 17.82
N PRO B 593 -44.46 -8.47 18.78
CA PRO B 593 -45.21 -7.24 18.49
C PRO B 593 -44.33 -6.14 17.91
N ASN B 594 -43.11 -6.00 18.43
CA ASN B 594 -42.19 -4.97 17.99
C ASN B 594 -40.75 -5.44 18.07
N ILE B 595 -40.19 -5.85 16.94
CA ILE B 595 -38.81 -6.37 16.87
C ILE B 595 -37.78 -5.54 17.66
N PHE B 596 -37.95 -4.22 17.66
CA PHE B 596 -37.04 -3.34 18.39
C PHE B 596 -36.85 -3.85 19.82
N ASP B 597 -37.93 -4.37 20.41
CA ASP B 597 -37.88 -4.83 21.79
C ASP B 597 -37.89 -6.35 21.94
N ALA B 598 -37.39 -7.04 20.94
CA ALA B 598 -37.33 -8.49 21.01
C ALA B 598 -36.51 -8.92 22.21
N LYS B 599 -37.03 -9.86 22.98
CA LYS B 599 -36.33 -10.35 24.17
C LYS B 599 -35.33 -11.44 23.75
N PRO B 600 -34.30 -11.67 24.57
CA PRO B 600 -33.28 -12.68 24.29
C PRO B 600 -33.84 -14.03 23.88
N ALA B 601 -34.86 -14.52 24.59
CA ALA B 601 -35.46 -15.82 24.30
C ALA B 601 -36.44 -15.83 23.12
N ASP B 602 -36.64 -14.68 22.48
CA ASP B 602 -37.54 -14.62 21.33
C ASP B 602 -36.83 -15.05 20.06
N TYR B 603 -35.51 -15.01 20.08
CA TYR B 603 -34.71 -15.39 18.93
C TYR B 603 -34.75 -16.88 18.69
N THR B 604 -35.59 -17.27 17.74
CA THR B 604 -35.81 -18.64 17.40
C THR B 604 -34.97 -19.08 16.21
N VAL B 605 -34.42 -20.29 16.28
CA VAL B 605 -33.67 -20.84 15.16
C VAL B 605 -34.71 -21.45 14.26
N ALA B 606 -34.69 -21.10 12.98
CA ALA B 606 -35.69 -21.63 12.07
C ALA B 606 -35.10 -22.32 10.86
N THR B 607 -35.94 -23.08 10.16
CA THR B 607 -35.54 -23.76 8.95
C THR B 607 -36.25 -23.11 7.76
N GLN B 608 -35.47 -22.51 6.87
CA GLN B 608 -36.04 -21.84 5.71
C GLN B 608 -35.96 -22.73 4.48
N SER B 609 -37.07 -22.82 3.76
CA SER B 609 -37.15 -23.64 2.56
C SER B 609 -37.57 -22.81 1.36
N ILE B 610 -36.72 -22.78 0.35
CA ILE B 610 -36.98 -22.04 -0.87
C ILE B 610 -37.55 -22.96 -1.92
N HIS B 611 -38.87 -22.92 -2.09
CA HIS B 611 -39.51 -23.79 -3.06
C HIS B 611 -39.38 -23.26 -4.46
N HIS B 612 -38.98 -24.14 -5.36
CA HIS B 612 -38.80 -23.78 -6.77
C HIS B 612 -39.60 -24.73 -7.66
N GLY B 613 -40.04 -24.23 -8.82
CA GLY B 613 -40.78 -25.04 -9.77
C GLY B 613 -42.26 -25.19 -9.43
N GLY B 614 -43.00 -25.77 -10.36
CA GLY B 614 -44.42 -26.01 -10.19
C GLY B 614 -45.24 -24.73 -10.12
N LYS B 615 -46.30 -24.76 -9.33
CA LYS B 615 -47.18 -23.60 -9.17
C LYS B 615 -46.61 -22.58 -8.17
N GLU B 616 -45.43 -22.89 -7.63
CA GLU B 616 -44.74 -22.02 -6.69
C GLU B 616 -43.28 -21.84 -7.12
N ALA B 617 -43.07 -21.58 -8.41
CA ALA B 617 -41.73 -21.43 -8.97
C ALA B 617 -41.04 -20.12 -8.62
N THR B 618 -40.24 -20.14 -7.56
CA THR B 618 -39.49 -18.96 -7.14
C THR B 618 -38.58 -18.56 -8.29
N SER B 619 -38.59 -17.27 -8.59
CA SER B 619 -37.79 -16.78 -9.70
C SER B 619 -37.50 -15.32 -9.56
N ILE B 620 -36.52 -14.86 -10.31
CA ILE B 620 -36.18 -13.46 -10.34
C ILE B 620 -36.73 -12.93 -11.62
N LEU B 621 -37.71 -12.05 -11.51
CA LEU B 621 -38.31 -11.44 -12.68
C LEU B 621 -37.30 -10.43 -13.22
N LEU B 622 -36.48 -10.90 -14.17
CA LEU B 622 -35.43 -10.09 -14.76
C LEU B 622 -35.95 -9.21 -15.86
N PRO B 623 -35.51 -7.97 -15.88
CA PRO B 623 -35.91 -7.04 -16.93
C PRO B 623 -35.01 -7.25 -18.12
N VAL B 624 -35.14 -8.41 -18.75
CA VAL B 624 -34.32 -8.78 -19.90
C VAL B 624 -34.72 -8.02 -21.14
N VAL B 625 -33.73 -7.51 -21.86
CA VAL B 625 -33.94 -6.77 -23.10
C VAL B 625 -33.06 -7.35 -24.20
N LYS B 626 -33.36 -7.04 -25.45
CA LYS B 626 -32.60 -7.58 -26.58
C LYS B 626 -31.54 -6.61 -27.16
N HIS C 10 35.35 -8.88 -46.06
CA HIS C 10 34.44 -7.91 -45.35
C HIS C 10 35.01 -7.50 -43.98
N ASP C 11 34.83 -6.22 -43.62
CA ASP C 11 35.30 -5.69 -42.34
C ASP C 11 34.39 -6.19 -41.22
N PRO C 12 34.98 -6.97 -40.31
CA PRO C 12 34.21 -7.56 -39.20
C PRO C 12 33.61 -6.53 -38.26
N LEU C 13 34.19 -5.34 -38.21
CA LEU C 13 33.67 -4.29 -37.33
C LEU C 13 32.35 -3.70 -37.81
N SER C 14 32.00 -3.99 -39.05
CA SER C 14 30.74 -3.51 -39.63
C SER C 14 29.84 -4.68 -40.05
N VAL C 15 30.33 -5.50 -40.96
CA VAL C 15 29.57 -6.64 -41.46
C VAL C 15 29.77 -7.87 -40.59
N GLN C 16 28.67 -8.40 -40.09
CA GLN C 16 28.70 -9.60 -39.26
C GLN C 16 28.02 -10.75 -39.98
N THR C 17 28.77 -11.82 -40.21
CA THR C 17 28.24 -13.00 -40.89
C THR C 17 28.04 -14.13 -39.91
N GLY C 18 28.84 -14.14 -38.85
CA GLY C 18 28.74 -15.16 -37.82
C GLY C 18 27.61 -14.89 -36.84
N SER C 19 27.87 -15.16 -35.56
CA SER C 19 26.87 -14.96 -34.52
C SER C 19 27.34 -13.97 -33.45
N ASP C 20 26.44 -13.06 -33.04
CA ASP C 20 26.75 -12.06 -32.02
C ASP C 20 26.87 -12.69 -30.64
N ILE C 21 26.60 -13.98 -30.56
CA ILE C 21 26.73 -14.72 -29.33
C ILE C 21 28.14 -15.27 -29.27
N PRO C 22 28.85 -14.95 -28.19
CA PRO C 22 30.21 -15.45 -28.00
C PRO C 22 30.21 -16.95 -28.06
N ALA C 23 31.29 -17.54 -28.57
CA ALA C 23 31.38 -18.99 -28.62
C ALA C 23 31.75 -19.47 -27.21
N SER C 24 32.54 -18.65 -26.52
CA SER C 24 32.96 -18.94 -25.15
C SER C 24 33.14 -17.65 -24.37
N VAL C 25 32.56 -17.61 -23.17
CA VAL C 25 32.65 -16.42 -22.32
C VAL C 25 33.63 -16.63 -21.18
N HIS C 26 34.07 -15.52 -20.60
CA HIS C 26 34.97 -15.52 -19.45
C HIS C 26 34.99 -14.08 -18.94
N MET C 27 33.90 -13.68 -18.32
CA MET C 27 33.73 -12.30 -17.83
C MET C 27 34.53 -11.99 -16.56
N PRO C 28 35.16 -10.81 -16.56
CA PRO C 28 35.96 -10.34 -15.40
C PRO C 28 35.11 -10.17 -14.13
N THR C 29 33.77 -10.26 -14.28
CA THR C 29 32.85 -10.15 -13.14
C THR C 29 33.27 -11.17 -12.09
N ASP C 30 33.77 -12.30 -12.56
CA ASP C 30 34.21 -13.38 -11.70
C ASP C 30 35.47 -13.04 -10.86
N GLN C 31 36.32 -12.15 -11.37
CA GLN C 31 37.52 -11.76 -10.62
C GLN C 31 37.21 -10.67 -9.57
N GLN C 32 36.09 -9.96 -9.77
CA GLN C 32 35.64 -8.92 -8.84
C GLN C 32 34.92 -9.51 -7.61
N ARG C 33 34.71 -10.83 -7.62
CA ARG C 33 34.00 -11.53 -6.50
C ARG C 33 34.84 -11.68 -5.23
N ASP C 34 34.16 -11.93 -4.11
CA ASP C 34 34.82 -12.13 -2.82
C ASP C 34 34.65 -13.60 -2.39
N TYR C 35 34.34 -14.44 -3.36
CA TYR C 35 34.15 -15.85 -3.12
C TYR C 35 34.54 -16.65 -4.35
N ILE C 36 34.47 -17.98 -4.22
CA ILE C 36 34.79 -18.88 -5.32
C ILE C 36 33.72 -19.96 -5.33
N LYS C 37 33.08 -20.14 -6.48
CA LYS C 37 32.06 -21.17 -6.61
C LYS C 37 32.61 -22.38 -7.33
N ARG C 38 32.54 -23.53 -6.67
CA ARG C 38 33.04 -24.76 -7.22
C ARG C 38 31.89 -25.73 -7.48
N GLU C 39 31.75 -26.16 -8.72
CA GLU C 39 30.70 -27.12 -9.10
C GLU C 39 31.33 -28.48 -9.34
N VAL C 40 30.79 -29.52 -8.71
CA VAL C 40 31.34 -30.86 -8.86
C VAL C 40 30.32 -31.98 -8.70
N MET C 41 30.37 -32.95 -9.60
CA MET C 41 29.50 -34.11 -9.53
C MET C 41 30.09 -35.11 -8.54
N VAL C 42 29.78 -34.93 -7.27
CA VAL C 42 30.26 -35.83 -6.23
C VAL C 42 29.60 -37.20 -6.43
N PRO C 43 30.43 -38.23 -6.61
CA PRO C 43 29.94 -39.59 -6.87
C PRO C 43 29.58 -40.35 -5.61
N MET C 44 28.40 -40.94 -5.61
CA MET C 44 27.93 -41.73 -4.47
C MET C 44 28.40 -43.17 -4.61
N ARG C 45 28.48 -43.85 -3.47
CA ARG C 45 28.92 -45.25 -3.44
C ARG C 45 28.42 -46.09 -4.64
N ASP C 46 27.12 -46.08 -4.92
CA ASP C 46 26.56 -46.88 -6.01
C ASP C 46 26.89 -46.40 -7.44
N GLY C 47 27.82 -45.46 -7.55
CA GLY C 47 28.24 -44.96 -8.85
C GLY C 47 27.43 -43.80 -9.41
N VAL C 48 26.42 -43.37 -8.65
CA VAL C 48 25.58 -42.26 -9.09
C VAL C 48 26.20 -40.96 -8.61
N LYS C 49 26.37 -40.01 -9.53
CA LYS C 49 26.95 -38.71 -9.18
C LYS C 49 25.89 -37.69 -8.83
N LEU C 50 26.21 -36.83 -7.87
CA LEU C 50 25.27 -35.82 -7.41
C LEU C 50 25.81 -34.41 -7.61
N TYR C 51 24.98 -33.53 -8.16
CA TYR C 51 25.36 -32.14 -8.38
C TYR C 51 25.62 -31.43 -7.04
N THR C 52 26.83 -30.89 -6.89
CA THR C 52 27.23 -30.21 -5.66
C THR C 52 27.87 -28.85 -5.92
N VAL C 53 27.40 -27.84 -5.20
CA VAL C 53 27.92 -26.49 -5.32
C VAL C 53 28.72 -26.11 -4.09
N ILE C 54 29.99 -25.77 -4.29
CA ILE C 54 30.84 -25.37 -3.18
C ILE C 54 31.14 -23.88 -3.27
N VAL C 55 30.65 -23.12 -2.32
CA VAL C 55 30.88 -21.69 -2.28
C VAL C 55 31.93 -21.39 -1.23
N ILE C 56 33.16 -21.14 -1.69
CA ILE C 56 34.28 -20.86 -0.80
C ILE C 56 34.65 -19.40 -0.77
N PRO C 57 34.62 -18.80 0.42
CA PRO C 57 35.02 -17.40 0.60
C PRO C 57 36.45 -17.23 0.13
N LYS C 58 36.70 -16.22 -0.71
CA LYS C 58 38.05 -15.96 -1.19
C LYS C 58 39.02 -15.87 -0.01
N ASN C 59 40.19 -16.50 -0.15
CA ASN C 59 41.21 -16.54 0.93
C ASN C 59 40.71 -17.24 2.19
N ALA C 60 40.28 -18.49 2.03
CA ALA C 60 39.78 -19.27 3.16
C ALA C 60 40.78 -20.32 3.56
N ARG C 61 41.35 -20.16 4.76
CA ARG C 61 42.31 -21.13 5.28
C ARG C 61 41.65 -21.94 6.41
N ASN C 62 41.32 -23.21 6.13
CA ASN C 62 40.67 -24.12 7.09
C ASN C 62 39.33 -23.59 7.63
N ALA C 63 38.30 -23.63 6.79
CA ALA C 63 36.99 -23.15 7.17
C ALA C 63 36.01 -24.31 7.25
N PRO C 64 35.12 -24.28 8.23
CA PRO C 64 34.10 -25.30 8.37
C PRO C 64 33.11 -25.23 7.21
N ILE C 65 32.52 -26.36 6.88
CA ILE C 65 31.56 -26.41 5.79
C ILE C 65 30.16 -26.51 6.35
N LEU C 66 29.24 -25.78 5.73
CA LEU C 66 27.83 -25.86 6.08
C LEU C 66 27.19 -26.56 4.90
N LEU C 67 26.74 -27.79 5.14
CA LEU C 67 26.18 -28.62 4.10
C LEU C 67 24.65 -28.67 4.12
N THR C 68 24.05 -28.66 2.93
CA THR C 68 22.61 -28.74 2.77
C THR C 68 22.25 -29.53 1.50
N ARG C 69 21.44 -30.57 1.66
CA ARG C 69 21.02 -31.37 0.53
C ARG C 69 19.59 -30.99 0.22
N THR C 70 19.36 -30.55 -1.02
CA THR C 70 18.04 -30.04 -1.40
C THR C 70 17.47 -30.57 -2.71
N PRO C 71 16.15 -30.81 -2.73
CA PRO C 71 15.46 -31.23 -3.94
C PRO C 71 14.96 -30.01 -4.68
N TYR C 72 15.46 -28.84 -4.28
CA TYR C 72 15.01 -27.58 -4.85
C TYR C 72 16.09 -26.83 -5.63
N ASN C 73 16.70 -27.52 -6.60
CA ASN C 73 17.73 -26.91 -7.46
C ASN C 73 18.90 -26.27 -6.69
N ALA C 74 19.88 -27.10 -6.34
CA ALA C 74 21.05 -26.65 -5.58
C ALA C 74 21.78 -25.45 -6.17
N LYS C 75 21.75 -25.33 -7.49
CA LYS C 75 22.42 -24.21 -8.16
C LYS C 75 21.78 -22.89 -7.74
N GLY C 76 20.46 -22.79 -7.95
CA GLY C 76 19.71 -21.59 -7.62
C GLY C 76 19.70 -21.27 -6.13
N ARG C 77 19.74 -22.31 -5.30
CA ARG C 77 19.74 -22.13 -3.85
C ARG C 77 20.94 -21.29 -3.43
N ALA C 78 22.05 -21.49 -4.12
CA ALA C 78 23.28 -20.76 -3.86
C ALA C 78 23.38 -19.55 -4.80
N ASN C 79 22.24 -19.18 -5.39
CA ASN C 79 22.17 -18.05 -6.29
C ASN C 79 21.03 -17.11 -5.93
N ARG C 80 21.01 -16.62 -4.69
CA ARG C 80 19.96 -15.69 -4.25
C ARG C 80 19.93 -14.56 -5.23
N VAL C 81 21.10 -13.95 -5.43
CA VAL C 81 21.31 -12.93 -6.43
C VAL C 81 22.29 -13.58 -7.40
N PRO C 82 21.79 -14.08 -8.53
CA PRO C 82 22.60 -14.79 -9.53
C PRO C 82 23.98 -14.19 -9.75
N ASN C 83 25.02 -15.01 -9.61
CA ASN C 83 26.43 -14.59 -9.78
C ASN C 83 26.71 -13.26 -9.11
N ALA C 84 26.26 -13.10 -7.87
CA ALA C 84 26.47 -11.87 -7.13
C ALA C 84 27.94 -11.57 -6.95
N LEU C 85 28.27 -10.30 -6.83
CA LEU C 85 29.64 -9.89 -6.65
C LEU C 85 30.16 -10.26 -5.27
N THR C 86 29.27 -10.26 -4.29
CA THR C 86 29.65 -10.63 -2.92
C THR C 86 28.88 -11.85 -2.47
N MET C 87 29.56 -12.72 -1.74
CA MET C 87 28.99 -13.99 -1.23
C MET C 87 27.69 -13.78 -0.48
N ARG C 88 27.66 -12.74 0.35
CA ARG C 88 26.50 -12.40 1.14
C ARG C 88 25.20 -12.34 0.31
N GLU C 89 25.31 -11.87 -0.94
CA GLU C 89 24.15 -11.80 -1.82
C GLU C 89 23.91 -13.09 -2.55
N VAL C 90 24.99 -13.85 -2.78
CA VAL C 90 24.87 -15.11 -3.49
C VAL C 90 24.19 -16.19 -2.63
N LEU C 91 24.44 -16.13 -1.33
CA LEU C 91 23.86 -17.10 -0.40
C LEU C 91 22.57 -16.57 0.20
N PRO C 92 21.68 -17.49 0.57
CA PRO C 92 20.37 -17.15 1.16
C PRO C 92 20.45 -16.24 2.37
N GLN C 93 19.32 -15.63 2.72
CA GLN C 93 19.24 -14.73 3.86
C GLN C 93 19.65 -15.40 5.16
N GLY C 94 19.26 -16.67 5.32
CA GLY C 94 19.55 -17.44 6.52
C GLY C 94 21.00 -17.85 6.72
N ASP C 95 21.85 -17.63 5.71
CA ASP C 95 23.26 -17.98 5.81
C ASP C 95 24.08 -16.80 6.30
N ASP C 96 23.42 -15.67 6.51
CA ASP C 96 24.07 -14.43 6.94
C ASP C 96 25.10 -14.60 8.06
N VAL C 97 24.78 -15.41 9.06
CA VAL C 97 25.69 -15.62 10.18
C VAL C 97 26.85 -16.53 9.80
N PHE C 98 26.59 -17.46 8.89
CA PHE C 98 27.63 -18.38 8.46
C PHE C 98 28.52 -17.73 7.42
N VAL C 99 27.99 -16.74 6.73
CA VAL C 99 28.78 -15.99 5.76
C VAL C 99 29.66 -15.05 6.57
N GLU C 100 29.07 -14.44 7.59
CA GLU C 100 29.78 -13.54 8.49
C GLU C 100 30.93 -14.28 9.19
N GLY C 101 30.72 -15.56 9.47
CA GLY C 101 31.71 -16.38 10.15
C GLY C 101 32.78 -17.00 9.27
N GLY C 102 32.62 -16.87 7.95
CA GLY C 102 33.60 -17.40 7.02
C GLY C 102 33.45 -18.86 6.69
N TYR C 103 32.26 -19.40 6.93
CA TYR C 103 31.97 -20.79 6.63
C TYR C 103 31.96 -21.03 5.14
N ILE C 104 32.15 -22.29 4.76
CA ILE C 104 32.08 -22.66 3.36
C ILE C 104 30.65 -23.12 3.20
N ARG C 105 30.04 -22.81 2.06
CA ARG C 105 28.66 -23.22 1.87
C ARG C 105 28.52 -24.28 0.80
N VAL C 106 27.85 -25.37 1.14
CA VAL C 106 27.65 -26.42 0.18
C VAL C 106 26.18 -26.77 0.04
N PHE C 107 25.69 -26.71 -1.20
CA PHE C 107 24.32 -27.05 -1.52
C PHE C 107 24.37 -28.18 -2.52
N GLN C 108 23.78 -29.31 -2.16
CA GLN C 108 23.79 -30.46 -3.03
C GLN C 108 22.41 -30.86 -3.52
N ASP C 109 22.30 -31.16 -4.81
CA ASP C 109 21.08 -31.64 -5.39
C ASP C 109 20.96 -33.09 -4.95
N ILE C 110 19.86 -33.44 -4.29
CA ILE C 110 19.68 -34.81 -3.85
C ILE C 110 19.53 -35.76 -5.05
N ARG C 111 19.81 -37.03 -4.83
CA ARG C 111 19.72 -38.04 -5.86
C ARG C 111 18.37 -37.98 -6.58
N GLY C 112 18.41 -37.81 -7.90
CA GLY C 112 17.21 -37.79 -8.71
C GLY C 112 16.71 -36.42 -9.13
N LYS C 113 17.09 -35.38 -8.40
CA LYS C 113 16.61 -34.04 -8.73
C LYS C 113 17.62 -33.11 -9.40
N TYR C 114 17.11 -32.35 -10.37
CA TYR C 114 17.88 -31.36 -11.11
C TYR C 114 19.23 -31.81 -11.70
N GLY C 115 20.32 -31.30 -11.15
CA GLY C 115 21.64 -31.62 -11.66
C GLY C 115 22.12 -33.02 -11.37
N SER C 116 21.62 -33.61 -10.29
CA SER C 116 22.05 -34.95 -9.85
C SER C 116 21.50 -36.09 -10.69
N GLN C 117 22.16 -37.24 -10.59
CA GLN C 117 21.74 -38.45 -11.32
C GLN C 117 20.93 -39.35 -10.41
N GLY C 118 20.56 -40.52 -10.94
CA GLY C 118 19.82 -41.51 -10.17
C GLY C 118 18.32 -41.30 -10.18
N ASP C 119 17.61 -42.21 -9.53
CA ASP C 119 16.15 -42.13 -9.46
C ASP C 119 15.71 -41.27 -8.28
N TYR C 120 14.65 -40.49 -8.48
CA TYR C 120 14.13 -39.66 -7.40
C TYR C 120 12.94 -40.33 -6.76
N VAL C 121 13.00 -40.49 -5.44
CA VAL C 121 11.89 -41.08 -4.71
C VAL C 121 11.44 -40.10 -3.64
N MET C 122 10.20 -39.63 -3.78
CA MET C 122 9.65 -38.68 -2.81
C MET C 122 9.96 -39.11 -1.40
N THR C 123 10.69 -38.25 -0.68
CA THR C 123 11.12 -38.54 0.69
C THR C 123 11.51 -39.99 0.81
N ARG C 124 12.54 -40.37 0.05
CA ARG C 124 13.05 -41.73 0.02
C ARG C 124 13.19 -42.34 1.43
N PRO C 125 12.40 -43.39 1.67
CA PRO C 125 12.41 -44.10 2.96
C PRO C 125 13.77 -44.67 3.21
N PRO C 126 14.20 -44.70 4.47
CA PRO C 126 15.53 -45.20 4.82
C PRO C 126 15.69 -46.66 4.45
N HIS C 127 16.92 -47.14 4.39
CA HIS C 127 17.17 -48.53 4.07
C HIS C 127 16.39 -49.42 5.04
N GLY C 128 15.51 -50.24 4.48
CA GLY C 128 14.68 -51.14 5.28
C GLY C 128 13.60 -51.77 4.43
N PRO C 129 12.51 -52.20 5.07
CA PRO C 129 11.39 -52.84 4.37
C PRO C 129 10.88 -52.04 3.17
N LEU C 130 10.99 -50.71 3.23
CA LEU C 130 10.52 -49.84 2.15
C LEU C 130 11.60 -49.48 1.13
N ASN C 131 12.86 -49.71 1.48
CA ASN C 131 13.99 -49.41 0.60
C ASN C 131 15.12 -50.46 0.74
N PRO C 132 15.05 -51.54 -0.04
CA PRO C 132 16.01 -52.64 0.02
C PRO C 132 17.33 -52.37 -0.70
N THR C 133 17.40 -51.27 -1.45
CA THR C 133 18.63 -50.93 -2.19
C THR C 133 19.78 -50.67 -1.23
N LYS C 134 21.00 -50.65 -1.76
CA LYS C 134 22.18 -50.40 -0.94
C LYS C 134 22.43 -48.89 -0.76
N THR C 135 21.49 -48.08 -1.24
CA THR C 135 21.59 -46.62 -1.15
C THR C 135 20.32 -45.96 -0.60
N ASP C 136 20.52 -44.87 0.11
CA ASP C 136 19.41 -44.09 0.68
C ASP C 136 19.86 -42.65 0.95
N GLU C 137 18.97 -41.84 1.52
CA GLU C 137 19.29 -40.45 1.82
C GLU C 137 20.32 -40.33 2.96
N THR C 138 20.68 -41.45 3.58
CA THR C 138 21.66 -41.47 4.65
C THR C 138 23.04 -41.73 4.07
N THR C 139 23.15 -42.79 3.25
CA THR C 139 24.42 -43.14 2.62
C THR C 139 24.90 -41.99 1.74
N ASP C 140 23.99 -41.46 0.94
CA ASP C 140 24.30 -40.34 0.05
C ASP C 140 24.86 -39.17 0.84
N ALA C 141 24.25 -38.91 1.99
CA ALA C 141 24.70 -37.83 2.86
C ALA C 141 26.07 -38.19 3.40
N TRP C 142 26.21 -39.45 3.82
CA TRP C 142 27.47 -39.95 4.37
C TRP C 142 28.60 -39.84 3.35
N ASP C 143 28.33 -40.29 2.12
CA ASP C 143 29.32 -40.23 1.05
C ASP C 143 29.73 -38.79 0.77
N THR C 144 28.74 -37.92 0.61
CA THR C 144 29.00 -36.51 0.33
C THR C 144 29.93 -35.89 1.35
N VAL C 145 29.63 -36.09 2.63
CA VAL C 145 30.47 -35.55 3.69
C VAL C 145 31.89 -36.09 3.55
N ASP C 146 32.01 -37.39 3.23
CA ASP C 146 33.32 -38.02 3.06
C ASP C 146 34.08 -37.39 1.93
N TRP C 147 33.40 -37.15 0.81
CA TRP C 147 34.03 -36.52 -0.33
C TRP C 147 34.41 -35.07 0.01
N LEU C 148 33.51 -34.39 0.70
CA LEU C 148 33.72 -32.98 1.04
C LEU C 148 34.93 -32.73 1.94
N VAL C 149 35.23 -33.67 2.83
CA VAL C 149 36.38 -33.49 3.73
C VAL C 149 37.69 -33.90 3.08
N HIS C 150 37.61 -34.58 1.94
CA HIS C 150 38.80 -35.03 1.22
C HIS C 150 38.99 -34.32 -0.11
N ASN C 151 38.21 -33.27 -0.36
CA ASN C 151 38.31 -32.54 -1.64
C ASN C 151 38.12 -31.03 -1.56
N VAL C 152 38.14 -30.48 -0.36
CA VAL C 152 38.04 -29.04 -0.17
C VAL C 152 39.21 -28.63 0.73
N PRO C 153 40.36 -28.37 0.09
CA PRO C 153 41.60 -28.00 0.80
C PRO C 153 41.42 -26.77 1.66
N GLU C 154 40.58 -25.86 1.20
CA GLU C 154 40.31 -24.62 1.91
C GLU C 154 39.51 -24.87 3.21
N SER C 155 38.88 -26.04 3.30
CA SER C 155 38.09 -26.40 4.47
C SER C 155 38.94 -27.04 5.56
N ASN C 156 38.36 -27.19 6.75
CA ASN C 156 39.07 -27.79 7.88
C ASN C 156 38.60 -29.20 8.24
N GLY C 157 37.98 -29.88 7.28
CA GLY C 157 37.52 -31.24 7.49
C GLY C 157 36.32 -31.42 8.42
N ARG C 158 35.75 -30.30 8.88
CA ARG C 158 34.58 -30.33 9.75
C ARG C 158 33.34 -29.97 8.96
N VAL C 159 32.27 -30.72 9.17
CA VAL C 159 31.04 -30.45 8.44
C VAL C 159 29.83 -30.31 9.36
N GLY C 160 29.00 -29.31 9.05
CA GLY C 160 27.77 -29.07 9.78
C GLY C 160 26.61 -29.22 8.80
N MET C 161 25.48 -29.71 9.28
CA MET C 161 24.33 -29.89 8.41
C MET C 161 23.12 -29.08 8.85
N THR C 162 22.41 -28.52 7.88
CA THR C 162 21.24 -27.69 8.16
C THR C 162 20.29 -27.62 6.97
N GLY C 163 19.11 -27.02 7.18
CA GLY C 163 18.11 -26.87 6.12
C GLY C 163 16.67 -26.93 6.63
N SER C 164 15.74 -26.37 5.88
CA SER C 164 14.34 -26.36 6.28
C SER C 164 13.45 -27.20 5.36
N SER C 165 12.43 -27.83 5.96
CA SER C 165 11.49 -28.70 5.22
C SER C 165 12.20 -29.93 4.68
N TYR C 166 12.11 -30.14 3.37
CA TYR C 166 12.78 -31.25 2.72
C TYR C 166 14.29 -31.10 2.94
N GLU C 167 14.76 -29.85 2.99
CA GLU C 167 16.19 -29.56 3.22
C GLU C 167 16.59 -29.85 4.65
N GLY C 168 15.58 -30.09 5.51
CA GLY C 168 15.81 -30.43 6.90
C GLY C 168 15.58 -31.92 7.07
N PHE C 169 14.72 -32.46 6.22
CA PHE C 169 14.39 -33.87 6.22
C PHE C 169 15.65 -34.66 5.92
N THR C 170 16.54 -34.05 5.14
CA THR C 170 17.81 -34.66 4.77
C THR C 170 18.80 -34.61 5.95
N VAL C 171 18.68 -33.59 6.78
CA VAL C 171 19.53 -33.47 7.95
C VAL C 171 19.18 -34.58 8.93
N VAL C 172 17.89 -34.93 8.98
CA VAL C 172 17.42 -36.00 9.84
C VAL C 172 17.87 -37.35 9.27
N MET C 173 17.66 -37.54 7.98
CA MET C 173 18.06 -38.78 7.32
C MET C 173 19.54 -39.01 7.52
N ALA C 174 20.30 -37.92 7.56
CA ALA C 174 21.73 -38.01 7.77
C ALA C 174 22.04 -38.40 9.19
N LEU C 175 21.28 -37.87 10.13
CA LEU C 175 21.47 -38.16 11.54
C LEU C 175 21.26 -39.64 11.91
N LEU C 176 20.59 -40.39 11.04
CA LEU C 176 20.35 -41.81 11.27
C LEU C 176 21.68 -42.56 11.35
N ASP C 177 22.59 -42.25 10.42
CA ASP C 177 23.93 -42.84 10.39
C ASP C 177 24.90 -41.85 9.73
N PRO C 178 25.31 -40.85 10.51
CA PRO C 178 26.18 -39.78 10.02
C PRO C 178 27.64 -40.17 9.85
N HIS C 179 28.36 -39.33 9.11
CA HIS C 179 29.79 -39.52 8.86
C HIS C 179 30.55 -38.81 9.97
N PRO C 180 31.60 -39.43 10.49
CA PRO C 180 32.42 -38.85 11.56
C PRO C 180 32.59 -37.33 11.41
N ALA C 181 32.80 -36.86 10.19
CA ALA C 181 33.00 -35.43 9.90
C ALA C 181 31.83 -34.57 10.33
N LEU C 182 30.61 -35.08 10.19
CA LEU C 182 29.43 -34.35 10.61
C LEU C 182 29.53 -34.17 12.13
N LYS C 183 29.94 -32.98 12.56
CA LYS C 183 30.13 -32.69 13.98
C LYS C 183 28.91 -32.10 14.65
N VAL C 184 28.06 -31.42 13.86
CA VAL C 184 26.86 -30.80 14.41
C VAL C 184 25.73 -30.67 13.36
N ALA C 185 24.51 -30.94 13.81
CA ALA C 185 23.35 -30.90 12.92
C ALA C 185 22.27 -30.01 13.50
N ALA C 186 21.53 -29.35 12.62
CA ALA C 186 20.45 -28.48 13.02
C ALA C 186 19.34 -28.54 12.01
N PRO C 187 18.41 -29.48 12.21
CA PRO C 187 17.27 -29.62 11.31
C PRO C 187 16.27 -28.51 11.58
N GLU C 188 15.81 -27.86 10.53
CA GLU C 188 14.85 -26.77 10.65
C GLU C 188 13.56 -27.21 10.03
N SER C 189 12.46 -27.10 10.78
CA SER C 189 11.14 -27.50 10.29
C SER C 189 11.23 -28.70 9.36
N PRO C 190 11.79 -29.82 9.86
CA PRO C 190 12.02 -31.00 9.02
C PRO C 190 10.77 -31.82 8.76
N MET C 191 10.78 -32.53 7.62
CA MET C 191 9.68 -33.40 7.23
C MET C 191 9.90 -34.74 7.90
N VAL C 192 9.33 -34.90 9.09
CA VAL C 192 9.50 -36.14 9.84
C VAL C 192 8.38 -37.16 9.64
N ASP C 193 7.18 -36.86 10.14
CA ASP C 193 6.04 -37.78 9.99
C ASP C 193 4.97 -37.18 9.11
N GLY C 194 5.14 -37.34 7.81
CA GLY C 194 4.20 -36.82 6.83
C GLY C 194 2.75 -37.23 6.97
N TRP C 195 2.46 -38.18 7.87
CA TRP C 195 1.09 -38.64 8.09
C TRP C 195 0.56 -38.08 9.39
N MET C 196 1.29 -38.30 10.47
CA MET C 196 0.84 -37.86 11.80
C MET C 196 0.48 -36.38 11.86
N GLY C 197 1.33 -35.52 11.34
CA GLY C 197 1.04 -34.09 11.37
C GLY C 197 2.01 -33.17 10.65
N ASP C 198 2.67 -33.67 9.61
CA ASP C 198 3.62 -32.84 8.88
C ASP C 198 3.06 -32.27 7.59
N ASP C 199 3.52 -32.78 6.46
CA ASP C 199 3.12 -32.24 5.15
C ASP C 199 1.92 -32.88 4.44
N TRP C 200 1.80 -34.20 4.46
CA TRP C 200 0.72 -34.88 3.74
C TRP C 200 -0.60 -34.95 4.47
N PHE C 201 -0.55 -35.44 5.70
CA PHE C 201 -1.74 -35.58 6.51
C PHE C 201 -1.55 -34.93 7.85
N HIS C 202 -2.66 -34.68 8.54
CA HIS C 202 -2.66 -34.16 9.88
C HIS C 202 -3.70 -35.01 10.59
N TYR C 203 -3.22 -36.01 11.34
CA TYR C 203 -4.08 -36.94 12.07
C TYR C 203 -5.00 -37.68 11.13
N GLY C 204 -4.50 -38.01 9.95
CA GLY C 204 -5.29 -38.75 8.98
C GLY C 204 -6.04 -37.90 7.97
N ALA C 205 -6.13 -36.60 8.24
CA ALA C 205 -6.80 -35.68 7.35
C ALA C 205 -5.84 -35.22 6.26
N PHE C 206 -6.22 -35.45 5.00
CA PHE C 206 -5.38 -35.13 3.85
C PHE C 206 -5.25 -33.64 3.55
N ARG C 207 -4.04 -33.22 3.22
CA ARG C 207 -3.78 -31.82 2.86
C ARG C 207 -3.68 -31.67 1.34
N GLN C 208 -4.76 -31.16 0.75
CA GLN C 208 -4.86 -31.02 -0.70
C GLN C 208 -3.77 -30.17 -1.38
N GLY C 209 -2.99 -29.47 -0.58
CA GLY C 209 -1.92 -28.65 -1.12
C GLY C 209 -0.83 -29.50 -1.75
N ALA C 210 -0.85 -30.79 -1.42
CA ALA C 210 0.14 -31.76 -1.90
C ALA C 210 0.13 -32.00 -3.39
N PHE C 211 -1.06 -32.12 -3.96
CA PHE C 211 -1.23 -32.38 -5.40
C PHE C 211 -0.35 -31.49 -6.27
N ASP C 212 -0.32 -30.20 -5.94
CA ASP C 212 0.50 -29.25 -6.68
C ASP C 212 1.97 -29.63 -6.52
N TYR C 213 2.42 -29.75 -5.28
CA TYR C 213 3.80 -30.12 -4.97
C TYR C 213 4.23 -31.37 -5.72
N PHE C 214 3.30 -32.31 -5.86
CA PHE C 214 3.58 -33.57 -6.56
C PHE C 214 3.96 -33.27 -8.00
N VAL C 215 3.04 -32.65 -8.73
CA VAL C 215 3.27 -32.30 -10.13
C VAL C 215 4.42 -31.31 -10.24
N SER C 216 4.70 -30.60 -9.15
CA SER C 216 5.78 -29.65 -9.16
C SER C 216 7.14 -30.32 -9.08
N GLN C 217 7.33 -31.16 -8.07
CA GLN C 217 8.62 -31.82 -7.86
C GLN C 217 8.78 -33.19 -8.52
N MET C 218 7.76 -33.70 -9.20
CA MET C 218 7.87 -35.03 -9.79
C MET C 218 7.47 -35.21 -11.26
N THR C 219 7.15 -34.11 -11.95
CA THR C 219 6.80 -34.20 -13.36
C THR C 219 8.07 -34.43 -14.17
N ALA C 220 9.19 -33.91 -13.66
CA ALA C 220 10.46 -34.05 -14.31
C ALA C 220 11.58 -33.93 -13.30
N ARG C 221 12.77 -34.39 -13.69
CA ARG C 221 13.96 -34.34 -12.84
C ARG C 221 14.21 -32.92 -12.33
N GLY C 222 14.12 -31.96 -13.25
CA GLY C 222 14.33 -30.56 -12.91
C GLY C 222 13.03 -29.86 -12.61
N GLY C 223 12.95 -28.58 -12.96
CA GLY C 223 11.76 -27.79 -12.73
C GLY C 223 10.57 -28.30 -13.50
N GLY C 224 9.39 -28.18 -12.91
CA GLY C 224 8.16 -28.59 -13.54
C GLY C 224 7.18 -27.43 -13.49
N ASN C 225 5.89 -27.74 -13.44
CA ASN C 225 4.87 -26.69 -13.36
C ASN C 225 3.76 -27.05 -12.39
N ASP C 226 2.77 -26.18 -12.29
CA ASP C 226 1.64 -26.41 -11.42
C ASP C 226 0.49 -27.07 -12.18
N ILE C 227 -0.58 -27.38 -11.47
CA ILE C 227 -1.75 -27.95 -12.09
C ILE C 227 -2.64 -26.80 -12.53
N PRO C 228 -2.91 -26.73 -13.83
CA PRO C 228 -3.78 -25.68 -14.39
C PRO C 228 -5.14 -25.72 -13.71
N ARG C 229 -5.64 -24.56 -13.30
CA ARG C 229 -6.91 -24.49 -12.61
C ARG C 229 -7.99 -23.87 -13.45
N ARG C 230 -9.23 -24.30 -13.22
CA ARG C 230 -10.35 -23.76 -13.95
C ARG C 230 -10.75 -22.45 -13.33
N ASP C 231 -11.10 -22.49 -12.04
CA ASP C 231 -11.50 -21.31 -11.27
C ASP C 231 -10.31 -20.74 -10.53
N ALA C 232 -10.35 -19.43 -10.24
CA ALA C 232 -9.25 -18.77 -9.53
C ALA C 232 -9.23 -19.11 -8.05
N ASP C 233 -10.37 -19.56 -7.54
CA ASP C 233 -10.53 -19.93 -6.14
C ASP C 233 -10.43 -21.42 -5.98
N ASP C 234 -9.44 -21.88 -5.21
CA ASP C 234 -9.26 -23.32 -5.00
C ASP C 234 -10.36 -23.94 -4.15
N TYR C 235 -11.09 -23.10 -3.43
CA TYR C 235 -12.21 -23.58 -2.65
C TYR C 235 -13.19 -24.14 -3.65
N THR C 236 -13.41 -23.39 -4.73
CA THR C 236 -14.33 -23.81 -5.78
C THR C 236 -13.75 -24.98 -6.56
N ASN C 237 -12.47 -24.89 -6.90
CA ASN C 237 -11.80 -25.94 -7.67
C ASN C 237 -11.96 -27.33 -7.08
N PHE C 238 -11.65 -27.45 -5.80
CA PHE C 238 -11.71 -28.73 -5.13
C PHE C 238 -13.12 -29.21 -4.80
N LEU C 239 -14.00 -28.27 -4.48
CA LEU C 239 -15.37 -28.61 -4.15
C LEU C 239 -16.13 -29.06 -5.39
N LYS C 240 -15.96 -28.31 -6.48
CA LYS C 240 -16.64 -28.64 -7.73
C LYS C 240 -16.12 -29.94 -8.29
N ALA C 241 -14.90 -30.31 -7.90
CA ALA C 241 -14.28 -31.56 -8.34
C ALA C 241 -14.84 -32.73 -7.55
N GLY C 242 -15.03 -32.53 -6.25
CA GLY C 242 -15.58 -33.57 -5.39
C GLY C 242 -14.59 -34.06 -4.36
N SER C 243 -14.13 -35.30 -4.52
CA SER C 243 -13.18 -35.91 -3.59
C SER C 243 -11.75 -35.59 -4.01
N ALA C 244 -10.82 -35.71 -3.07
CA ALA C 244 -9.42 -35.43 -3.34
C ALA C 244 -8.91 -36.26 -4.52
N GLY C 245 -9.35 -37.52 -4.59
CA GLY C 245 -8.95 -38.41 -5.67
C GLY C 245 -9.51 -37.96 -7.01
N SER C 246 -10.68 -37.32 -6.97
CA SER C 246 -11.32 -36.81 -8.18
C SER C 246 -10.46 -35.72 -8.78
N PHE C 247 -9.82 -34.93 -7.92
CA PHE C 247 -8.95 -33.86 -8.36
C PHE C 247 -7.70 -34.46 -8.96
N ALA C 248 -7.03 -35.32 -8.19
CA ALA C 248 -5.81 -35.97 -8.64
C ALA C 248 -5.98 -36.64 -9.99
N THR C 249 -7.10 -37.32 -10.17
CA THR C 249 -7.41 -38.01 -11.43
C THR C 249 -7.48 -37.01 -12.58
N GLN C 250 -8.25 -35.93 -12.38
CA GLN C 250 -8.42 -34.89 -13.40
C GLN C 250 -7.12 -34.16 -13.71
N ALA C 251 -6.23 -34.11 -12.72
CA ALA C 251 -4.93 -33.48 -12.88
C ALA C 251 -3.94 -34.46 -13.47
N GLY C 252 -4.40 -35.69 -13.68
CA GLY C 252 -3.58 -36.74 -14.25
C GLY C 252 -2.59 -37.33 -13.28
N LEU C 253 -2.73 -36.98 -12.00
CA LEU C 253 -1.82 -37.46 -10.97
C LEU C 253 -1.85 -38.98 -10.84
N ASP C 254 -2.97 -39.59 -11.23
CA ASP C 254 -3.12 -41.04 -11.18
C ASP C 254 -1.92 -41.75 -11.81
N GLN C 255 -1.26 -41.08 -12.75
CA GLN C 255 -0.09 -41.64 -13.43
C GLN C 255 1.24 -41.35 -12.71
N TYR C 256 1.17 -40.70 -11.54
CA TYR C 256 2.37 -40.39 -10.76
C TYR C 256 2.57 -41.42 -9.68
N PRO C 257 3.67 -42.15 -9.77
CA PRO C 257 4.02 -43.22 -8.82
C PRO C 257 3.82 -42.88 -7.33
N PHE C 258 4.32 -41.75 -6.86
CA PHE C 258 4.16 -41.41 -5.44
C PHE C 258 2.71 -41.29 -5.04
N TRP C 259 1.91 -40.63 -5.87
CA TRP C 259 0.49 -40.49 -5.59
C TRP C 259 -0.14 -41.86 -5.43
N GLN C 260 0.18 -42.77 -6.35
CA GLN C 260 -0.34 -44.11 -6.30
C GLN C 260 -0.05 -44.75 -4.95
N ARG C 261 1.20 -44.60 -4.48
CA ARG C 261 1.60 -45.15 -3.20
C ARG C 261 0.80 -44.50 -2.07
N MET C 262 0.71 -43.17 -2.10
CA MET C 262 -0.02 -42.43 -1.07
C MET C 262 -1.46 -42.86 -1.03
N HIS C 263 -2.10 -42.90 -2.19
CA HIS C 263 -3.51 -43.28 -2.29
C HIS C 263 -3.74 -44.70 -1.81
N ALA C 264 -2.77 -45.57 -2.06
CA ALA C 264 -2.84 -46.97 -1.66
C ALA C 264 -2.79 -47.12 -0.15
N HIS C 265 -2.27 -46.10 0.53
CA HIS C 265 -2.14 -46.12 1.99
C HIS C 265 -2.79 -44.90 2.63
N PRO C 266 -4.11 -44.91 2.74
CA PRO C 266 -4.84 -43.77 3.32
C PRO C 266 -4.71 -43.72 4.83
N ALA C 267 -4.50 -44.87 5.45
CA ALA C 267 -4.36 -44.95 6.89
C ALA C 267 -2.91 -44.94 7.28
N TYR C 268 -2.65 -44.85 8.57
CA TYR C 268 -1.29 -44.83 9.09
C TYR C 268 -0.75 -46.25 9.16
N ASP C 269 -0.72 -46.94 8.02
CA ASP C 269 -0.25 -48.32 7.99
C ASP C 269 1.26 -48.47 8.01
N ALA C 270 1.75 -49.59 7.50
CA ALA C 270 3.18 -49.89 7.48
C ALA C 270 3.99 -48.94 6.61
N PHE C 271 3.35 -48.41 5.57
CA PHE C 271 4.00 -47.50 4.65
C PHE C 271 4.44 -46.24 5.35
N TRP C 272 3.52 -45.63 6.07
CA TRP C 272 3.78 -44.37 6.76
C TRP C 272 4.57 -44.54 8.04
N GLN C 273 4.39 -45.67 8.71
CA GLN C 273 5.10 -45.94 9.94
C GLN C 273 6.57 -46.17 9.67
N GLY C 274 6.87 -46.67 8.48
CA GLY C 274 8.25 -46.93 8.09
C GLY C 274 8.99 -45.65 7.72
N GLN C 275 8.29 -44.53 7.74
CA GLN C 275 8.88 -43.26 7.40
C GLN C 275 8.90 -42.32 8.60
N ALA C 276 8.27 -42.74 9.68
CA ALA C 276 8.23 -41.92 10.91
C ALA C 276 9.65 -41.74 11.47
N LEU C 277 10.34 -40.72 10.95
CA LEU C 277 11.71 -40.44 11.32
C LEU C 277 11.93 -40.09 12.79
N ASP C 278 10.87 -39.67 13.49
CA ASP C 278 11.01 -39.34 14.91
C ASP C 278 11.28 -40.61 15.69
N LYS C 279 10.51 -41.65 15.39
CA LYS C 279 10.64 -42.94 16.05
C LYS C 279 11.90 -43.66 15.60
N ILE C 280 12.15 -43.66 14.30
CA ILE C 280 13.31 -44.31 13.73
C ILE C 280 14.61 -43.68 14.24
N LEU C 281 14.65 -42.36 14.28
CA LEU C 281 15.83 -41.68 14.76
C LEU C 281 16.06 -42.02 16.22
N ALA C 282 14.99 -42.06 17.01
CA ALA C 282 15.10 -42.36 18.44
C ALA C 282 15.63 -43.78 18.67
N GLN C 283 15.32 -44.67 17.72
CA GLN C 283 15.79 -46.05 17.79
C GLN C 283 17.32 -46.11 17.62
N ARG C 284 17.84 -45.28 16.72
CA ARG C 284 19.28 -45.25 16.43
C ARG C 284 20.09 -44.51 17.50
N LYS C 285 19.43 -43.62 18.25
CA LYS C 285 20.08 -42.84 19.31
C LYS C 285 21.31 -42.09 18.78
N PRO C 286 21.09 -40.98 18.08
CA PRO C 286 22.19 -40.18 17.51
C PRO C 286 23.07 -39.61 18.60
N THR C 287 24.37 -39.49 18.30
CA THR C 287 25.35 -38.97 19.25
C THR C 287 25.87 -37.62 18.81
N VAL C 288 25.33 -37.10 17.71
CA VAL C 288 25.73 -35.80 17.16
C VAL C 288 24.85 -34.68 17.71
N PRO C 289 25.49 -33.61 18.19
CA PRO C 289 24.77 -32.45 18.75
C PRO C 289 23.64 -32.01 17.86
N MET C 290 22.47 -31.75 18.43
CA MET C 290 21.31 -31.39 17.63
C MET C 290 20.63 -30.10 18.02
N LEU C 291 20.20 -29.35 17.02
CA LEU C 291 19.48 -28.12 17.24
C LEU C 291 18.21 -28.17 16.42
N TRP C 292 17.14 -28.67 17.03
CA TRP C 292 15.85 -28.78 16.37
C TRP C 292 15.12 -27.43 16.37
N GLU C 293 14.62 -27.04 15.21
CA GLU C 293 13.90 -25.78 15.07
C GLU C 293 12.59 -25.94 14.32
N GLN C 294 11.59 -25.15 14.72
CA GLN C 294 10.30 -25.13 14.07
C GLN C 294 9.58 -23.86 14.51
N GLY C 295 8.60 -23.44 13.73
CA GLY C 295 7.88 -22.23 14.08
C GLY C 295 6.65 -22.55 14.91
N LEU C 296 6.35 -21.68 15.87
CA LEU C 296 5.17 -21.83 16.71
C LEU C 296 3.92 -21.83 15.82
N TRP C 297 4.02 -21.13 14.70
CA TRP C 297 2.95 -21.07 13.73
C TRP C 297 3.42 -21.69 12.43
N ASP C 298 4.05 -22.86 12.53
CA ASP C 298 4.56 -23.58 11.38
C ASP C 298 3.43 -24.21 10.56
N GLN C 299 2.99 -23.49 9.54
CA GLN C 299 1.88 -23.96 8.71
C GLN C 299 2.17 -25.14 7.77
N GLU C 300 3.39 -25.67 7.80
CA GLU C 300 3.75 -26.78 6.91
C GLU C 300 4.29 -28.04 7.62
N ASP C 301 5.18 -27.86 8.59
CA ASP C 301 5.76 -29.02 9.30
C ASP C 301 5.75 -28.82 10.82
N MET C 302 4.55 -28.84 11.39
CA MET C 302 4.33 -28.61 12.81
C MET C 302 4.72 -29.80 13.70
N TRP C 303 4.68 -30.99 13.12
CA TRP C 303 4.97 -32.22 13.86
C TRP C 303 6.46 -32.48 14.02
N GLY C 304 7.17 -32.45 12.90
CA GLY C 304 8.60 -32.70 12.82
C GLY C 304 9.50 -32.46 14.03
N ALA C 305 10.12 -31.28 14.05
CA ALA C 305 11.07 -30.91 15.10
C ALA C 305 10.66 -31.29 16.51
N ILE C 306 9.60 -30.66 17.01
CA ILE C 306 9.13 -30.91 18.38
C ILE C 306 9.04 -32.39 18.77
N HIS C 307 8.54 -33.22 17.87
CA HIS C 307 8.40 -34.64 18.14
C HIS C 307 9.73 -35.37 18.13
N ALA C 308 10.58 -35.04 17.16
CA ALA C 308 11.88 -35.66 17.05
C ALA C 308 12.72 -35.35 18.29
N TRP C 309 12.77 -34.07 18.65
CA TRP C 309 13.51 -33.62 19.81
C TRP C 309 13.10 -34.37 21.08
N GLN C 310 11.78 -34.43 21.30
CA GLN C 310 11.20 -35.11 22.47
C GLN C 310 11.42 -36.62 22.45
N ALA C 311 11.30 -37.22 21.27
CA ALA C 311 11.49 -38.67 21.11
C ALA C 311 12.91 -39.04 21.47
N LEU C 312 13.86 -38.14 21.15
CA LEU C 312 15.26 -38.35 21.48
C LEU C 312 15.46 -38.12 22.95
N LYS C 313 14.79 -37.08 23.46
CA LYS C 313 14.86 -36.73 24.89
C LYS C 313 14.39 -37.94 25.70
N ASP C 314 13.41 -38.65 25.16
CA ASP C 314 12.85 -39.83 25.80
C ASP C 314 13.85 -41.01 25.78
N ALA C 315 14.60 -41.14 24.70
CA ALA C 315 15.57 -42.22 24.58
C ALA C 315 16.88 -41.94 25.35
N ASP C 316 16.92 -40.80 26.05
CA ASP C 316 18.10 -40.37 26.82
C ASP C 316 19.36 -40.30 25.96
N VAL C 317 19.30 -39.49 24.92
CA VAL C 317 20.46 -39.33 24.05
C VAL C 317 21.57 -38.64 24.84
N LYS C 318 22.79 -39.11 24.65
CA LYS C 318 23.93 -38.50 25.33
C LYS C 318 24.56 -37.53 24.34
N ALA C 319 23.83 -36.45 24.04
CA ALA C 319 24.27 -35.45 23.09
C ALA C 319 23.37 -34.25 23.20
N PRO C 320 23.92 -33.07 22.89
CA PRO C 320 23.13 -31.83 22.93
C PRO C 320 21.88 -32.00 22.10
N ASN C 321 20.73 -31.70 22.69
CA ASN C 321 19.46 -31.83 22.03
C ASN C 321 18.55 -30.71 22.47
N THR C 322 18.68 -29.57 21.80
CA THR C 322 17.90 -28.38 22.14
C THR C 322 16.83 -28.10 21.09
N LEU C 323 15.64 -27.72 21.56
CA LEU C 323 14.54 -27.39 20.69
C LEU C 323 14.32 -25.89 20.68
N VAL C 324 14.30 -25.29 19.51
CA VAL C 324 14.09 -23.86 19.41
C VAL C 324 12.83 -23.55 18.63
N MET C 325 11.96 -22.75 19.22
CA MET C 325 10.72 -22.39 18.60
C MET C 325 10.46 -20.91 18.73
N GLY C 326 10.44 -20.21 17.60
CA GLY C 326 10.20 -18.78 17.59
C GLY C 326 8.84 -18.45 17.04
N PRO C 327 8.52 -17.15 16.97
CA PRO C 327 7.21 -16.72 16.47
C PRO C 327 7.25 -16.66 14.96
N TRP C 328 7.51 -17.80 14.34
CA TRP C 328 7.64 -17.84 12.90
C TRP C 328 6.71 -18.80 12.21
N ARG C 329 6.57 -18.62 10.90
CA ARG C 329 5.79 -19.50 10.07
C ARG C 329 6.76 -20.58 9.60
N HIS C 330 6.35 -21.43 8.67
CA HIS C 330 7.25 -22.46 8.19
C HIS C 330 8.46 -21.87 7.48
N SER C 331 9.65 -22.38 7.81
CA SER C 331 10.93 -21.92 7.24
C SER C 331 11.20 -20.42 7.52
N GLY C 332 10.43 -19.84 8.44
CA GLY C 332 10.56 -18.43 8.77
C GLY C 332 11.85 -18.05 9.47
N VAL C 333 12.52 -19.04 10.05
CA VAL C 333 13.77 -18.80 10.78
C VAL C 333 14.90 -18.30 9.88
N ASN C 334 14.84 -18.66 8.60
CA ASN C 334 15.88 -18.27 7.66
C ASN C 334 15.62 -16.94 6.96
N TYR C 335 14.69 -16.16 7.51
CA TYR C 335 14.36 -14.86 6.94
C TYR C 335 14.21 -13.87 8.08
N ASN C 336 13.35 -12.86 7.92
CA ASN C 336 13.15 -11.88 8.98
C ASN C 336 11.96 -12.27 9.83
N GLY C 337 12.15 -12.30 11.13
CA GLY C 337 11.09 -12.69 12.05
C GLY C 337 10.58 -11.58 12.95
N SER C 338 10.62 -10.34 12.48
CA SER C 338 10.13 -9.22 13.28
C SER C 338 8.60 -9.09 13.23
N THR C 339 7.99 -9.78 12.26
CA THR C 339 6.53 -9.75 12.11
C THR C 339 5.99 -11.02 11.45
N LEU C 340 4.72 -11.32 11.73
CA LEU C 340 4.01 -12.44 11.12
C LEU C 340 2.55 -12.05 11.09
N GLY C 341 2.01 -11.82 9.89
CA GLY C 341 0.64 -11.38 9.75
C GLY C 341 0.52 -10.02 10.41
N PRO C 342 -0.57 -9.78 11.12
CA PRO C 342 -0.76 -8.51 11.82
C PRO C 342 0.07 -8.45 13.10
N LEU C 343 0.57 -9.59 13.54
CA LEU C 343 1.35 -9.67 14.76
C LEU C 343 2.70 -9.01 14.63
N GLU C 344 3.20 -8.49 15.75
CA GLU C 344 4.50 -7.84 15.79
C GLU C 344 5.29 -8.36 16.96
N PHE C 345 6.56 -8.67 16.75
CA PHE C 345 7.38 -9.20 17.81
C PHE C 345 8.54 -8.28 18.13
N GLU C 346 9.26 -8.60 19.19
CA GLU C 346 10.37 -7.76 19.60
C GLU C 346 11.63 -7.99 18.80
N GLY C 347 11.70 -7.34 17.64
CA GLY C 347 12.85 -7.42 16.77
C GLY C 347 12.86 -8.63 15.86
N ASP C 348 13.88 -8.69 15.00
CA ASP C 348 14.05 -9.78 14.06
C ASP C 348 14.38 -11.07 14.81
N THR C 349 13.35 -11.69 15.40
CA THR C 349 13.54 -12.91 16.18
C THR C 349 14.28 -14.01 15.43
N ALA C 350 14.11 -14.06 14.12
CA ALA C 350 14.78 -15.07 13.30
C ALA C 350 16.29 -14.84 13.33
N HIS C 351 16.71 -13.62 12.98
CA HIS C 351 18.13 -13.28 13.00
C HIS C 351 18.63 -13.42 14.42
N GLN C 352 17.82 -12.97 15.38
CA GLN C 352 18.15 -13.04 16.78
C GLN C 352 18.70 -14.42 17.14
N TYR C 353 17.92 -15.45 16.82
CA TYR C 353 18.32 -16.82 17.12
C TYR C 353 19.55 -17.23 16.32
N ARG C 354 19.52 -16.96 15.01
CA ARG C 354 20.62 -17.32 14.11
C ARG C 354 21.98 -16.80 14.57
N ARG C 355 22.00 -15.61 15.17
CA ARG C 355 23.23 -14.98 15.61
C ARG C 355 23.63 -15.31 17.04
N ASP C 356 22.67 -15.31 17.94
CA ASP C 356 22.94 -15.56 19.36
C ASP C 356 22.93 -17.02 19.79
N VAL C 357 22.34 -17.90 19.00
CA VAL C 357 22.29 -19.33 19.34
C VAL C 357 22.82 -20.23 18.21
N PHE C 358 22.11 -20.26 17.09
CA PHE C 358 22.49 -21.09 15.92
C PHE C 358 23.99 -21.10 15.65
N ARG C 359 24.54 -19.93 15.34
CA ARG C 359 25.96 -19.78 14.99
C ARG C 359 26.94 -20.21 16.09
N PRO C 360 26.81 -19.68 17.31
CA PRO C 360 27.69 -20.07 18.41
C PRO C 360 27.67 -21.57 18.62
N PHE C 361 26.48 -22.16 18.65
CA PHE C 361 26.34 -23.60 18.82
C PHE C 361 27.13 -24.34 17.76
N PHE C 362 26.94 -23.94 16.51
CA PHE C 362 27.64 -24.57 15.41
C PHE C 362 29.15 -24.31 15.46
N ASP C 363 29.53 -23.11 15.91
CA ASP C 363 30.93 -22.75 16.03
C ASP C 363 31.67 -23.70 16.97
N GLU C 364 31.02 -24.04 18.07
CA GLU C 364 31.59 -24.92 19.09
C GLU C 364 32.19 -26.20 18.52
N TYR C 365 31.48 -26.83 17.59
CA TYR C 365 31.93 -28.09 17.03
C TYR C 365 32.55 -27.97 15.63
N LEU C 366 32.42 -26.80 15.02
CA LEU C 366 32.95 -26.60 13.66
C LEU C 366 34.19 -25.70 13.59
N LYS C 367 34.43 -24.92 14.63
CA LYS C 367 35.61 -24.05 14.67
C LYS C 367 36.38 -24.30 15.97
N PRO C 368 37.34 -25.22 15.91
CA PRO C 368 38.16 -25.61 17.09
C PRO C 368 38.77 -24.43 17.85
N GLY C 369 38.29 -24.25 19.08
CA GLY C 369 38.78 -23.16 19.92
C GLY C 369 37.68 -22.19 20.32
N SER C 370 36.57 -22.19 19.57
CA SER C 370 35.44 -21.31 19.86
C SER C 370 34.87 -21.56 21.25
N ALA C 371 34.18 -20.57 21.79
CA ALA C 371 33.57 -20.69 23.12
C ALA C 371 32.53 -21.80 23.14
N SER C 372 32.33 -22.41 24.30
CA SER C 372 31.37 -23.48 24.46
C SER C 372 30.06 -22.97 25.04
N VAL C 373 28.96 -23.38 24.42
CA VAL C 373 27.64 -22.98 24.88
C VAL C 373 26.96 -24.12 25.62
N HIS C 374 25.95 -23.78 26.42
CA HIS C 374 25.19 -24.77 27.17
C HIS C 374 23.71 -24.45 27.07
N LEU C 375 23.12 -24.86 25.94
CA LEU C 375 21.70 -24.60 25.67
C LEU C 375 20.78 -25.45 26.53
N PRO C 376 19.72 -24.84 27.04
CA PRO C 376 18.74 -25.55 27.86
C PRO C 376 17.96 -26.51 26.99
N ASP C 377 17.08 -27.31 27.59
CA ASP C 377 16.30 -28.29 26.81
C ASP C 377 15.61 -27.63 25.61
N ALA C 378 15.06 -26.44 25.83
CA ALA C 378 14.38 -25.73 24.77
C ALA C 378 14.38 -24.22 24.97
N ILE C 379 14.61 -23.50 23.88
CA ILE C 379 14.56 -22.05 23.90
C ILE C 379 13.34 -21.70 23.08
N ILE C 380 12.31 -21.17 23.74
CA ILE C 380 11.07 -20.85 23.03
C ILE C 380 10.64 -19.40 23.20
N TYR C 381 10.14 -18.82 22.12
CA TYR C 381 9.65 -17.46 22.17
C TYR C 381 8.30 -17.40 22.86
N ASN C 382 8.15 -16.47 23.79
CA ASN C 382 6.91 -16.28 24.51
C ASN C 382 6.07 -15.30 23.73
N THR C 383 5.02 -15.81 23.08
CA THR C 383 4.14 -14.95 22.28
C THR C 383 3.22 -14.07 23.13
N GLY C 384 3.29 -14.23 24.44
CA GLY C 384 2.49 -13.44 25.35
C GLY C 384 3.32 -12.31 25.92
N ASP C 385 4.49 -12.65 26.47
CA ASP C 385 5.38 -11.66 27.09
C ASP C 385 6.29 -10.96 26.07
N GLN C 386 6.34 -11.51 24.85
CA GLN C 386 7.20 -10.98 23.78
C GLN C 386 8.65 -10.94 24.22
N LYS C 387 9.17 -12.12 24.57
CA LYS C 387 10.54 -12.28 25.04
C LYS C 387 10.98 -13.73 24.84
N TRP C 388 12.28 -13.96 24.75
CA TRP C 388 12.79 -15.32 24.59
C TRP C 388 12.85 -16.03 25.94
N ASP C 389 12.34 -17.26 25.98
CA ASP C 389 12.34 -18.06 27.21
C ASP C 389 13.34 -19.21 27.13
N TYR C 390 14.20 -19.31 28.16
CA TYR C 390 15.21 -20.36 28.22
C TYR C 390 14.84 -21.37 29.28
N TYR C 391 14.20 -22.46 28.86
CA TYR C 391 13.74 -23.49 29.79
C TYR C 391 14.74 -24.64 29.99
N ARG C 392 15.28 -24.73 31.21
CA ARG C 392 16.23 -25.79 31.57
C ARG C 392 15.61 -27.15 31.29
N SER C 393 14.42 -27.37 31.85
CA SER C 393 13.66 -28.58 31.64
C SER C 393 12.35 -28.16 31.03
N TRP C 394 11.93 -28.85 29.97
CA TRP C 394 10.69 -28.49 29.28
C TRP C 394 10.07 -29.69 28.56
N PRO C 395 8.75 -29.84 28.66
CA PRO C 395 7.90 -28.93 29.43
C PRO C 395 7.86 -29.30 30.91
N SER C 396 7.47 -28.35 31.74
CA SER C 396 7.38 -28.59 33.17
C SER C 396 6.07 -29.28 33.49
N VAL C 397 5.06 -29.00 32.67
CA VAL C 397 3.75 -29.59 32.87
C VAL C 397 3.32 -30.35 31.62
N CYS C 398 2.87 -31.58 31.82
CA CYS C 398 2.38 -32.41 30.73
C CYS C 398 1.48 -33.51 31.26
N GLU C 399 1.17 -34.48 30.41
CA GLU C 399 0.26 -35.56 30.79
C GLU C 399 0.87 -36.60 31.73
N SER C 400 2.01 -37.16 31.35
CA SER C 400 2.66 -38.18 32.17
C SER C 400 4.18 -38.14 32.09
N ASN C 401 4.81 -38.12 33.27
CA ASN C 401 6.29 -38.08 33.41
C ASN C 401 6.87 -36.68 33.58
N CYS C 402 6.00 -35.69 33.79
CA CYS C 402 6.42 -34.31 33.97
C CYS C 402 6.30 -33.90 35.42
N THR C 403 7.03 -32.86 35.81
CA THR C 403 7.01 -32.34 37.18
C THR C 403 5.58 -32.19 37.69
N GLY C 404 4.76 -31.51 36.90
CA GLY C 404 3.36 -31.31 37.22
C GLY C 404 2.50 -31.74 36.06
N GLY C 405 1.19 -31.77 36.25
CA GLY C 405 0.29 -32.18 35.19
C GLY C 405 -0.36 -31.01 34.49
N LEU C 406 -1.20 -31.31 33.52
CA LEU C 406 -1.88 -30.28 32.77
C LEU C 406 -3.08 -29.74 33.53
N THR C 407 -3.50 -28.53 33.18
CA THR C 407 -4.66 -27.89 33.78
C THR C 407 -5.78 -27.84 32.76
N PRO C 408 -6.85 -28.56 33.00
CA PRO C 408 -7.99 -28.58 32.08
C PRO C 408 -8.84 -27.30 32.12
N LEU C 409 -9.14 -26.76 30.95
CA LEU C 409 -10.02 -25.61 30.82
C LEU C 409 -11.29 -26.18 30.19
N TYR C 410 -12.32 -26.36 31.01
CA TYR C 410 -13.55 -26.98 30.57
C TYR C 410 -14.49 -26.10 29.77
N LEU C 411 -15.34 -26.74 28.98
CA LEU C 411 -16.37 -26.06 28.23
C LEU C 411 -17.56 -26.03 29.18
N ALA C 412 -18.31 -24.94 29.18
CA ALA C 412 -19.44 -24.82 30.08
C ALA C 412 -20.68 -24.29 29.38
N ASP C 413 -21.76 -24.14 30.15
CA ASP C 413 -23.01 -23.62 29.62
C ASP C 413 -22.84 -22.17 29.25
N GLY C 414 -23.65 -21.71 28.30
CA GLY C 414 -23.57 -20.34 27.85
C GLY C 414 -22.33 -20.11 27.02
N HIS C 415 -21.90 -21.17 26.34
CA HIS C 415 -20.72 -21.14 25.48
C HIS C 415 -19.53 -20.47 26.16
N GLY C 416 -19.34 -20.78 27.43
CA GLY C 416 -18.24 -20.24 28.18
C GLY C 416 -17.20 -21.28 28.48
N LEU C 417 -16.06 -20.83 28.99
CA LEU C 417 -14.99 -21.73 29.38
C LEU C 417 -14.70 -21.49 30.85
N SER C 418 -14.38 -22.55 31.57
CA SER C 418 -14.13 -22.42 33.00
C SER C 418 -13.09 -23.41 33.46
N PHE C 419 -12.28 -23.00 34.42
CA PHE C 419 -11.25 -23.88 34.97
C PHE C 419 -11.85 -24.85 35.99
N THR C 420 -13.04 -24.52 36.49
CA THR C 420 -13.75 -25.36 37.45
C THR C 420 -14.62 -26.38 36.71
N HIS C 421 -14.44 -27.66 37.04
CA HIS C 421 -15.20 -28.76 36.41
C HIS C 421 -16.70 -28.61 36.54
N PRO C 422 -17.36 -28.25 35.44
CA PRO C 422 -18.80 -28.05 35.42
C PRO C 422 -19.52 -29.33 35.74
N ALA C 423 -20.34 -29.31 36.78
CA ALA C 423 -21.10 -30.50 37.17
C ALA C 423 -22.27 -30.72 36.23
N ALA C 424 -22.93 -29.62 35.84
CA ALA C 424 -24.07 -29.70 34.95
C ALA C 424 -23.71 -30.35 33.62
N ASP C 425 -24.45 -31.40 33.28
CA ASP C 425 -24.25 -32.12 32.03
C ASP C 425 -24.95 -31.35 30.90
N GLY C 426 -24.26 -31.17 29.79
CA GLY C 426 -24.84 -30.44 28.66
C GLY C 426 -24.20 -30.74 27.33
N ALA C 427 -24.82 -30.24 26.27
CA ALA C 427 -24.32 -30.44 24.90
C ALA C 427 -24.70 -29.27 23.99
N ASP C 428 -23.83 -28.98 23.01
CA ASP C 428 -24.07 -27.92 22.05
C ASP C 428 -23.93 -28.48 20.64
N SER C 429 -24.97 -28.32 19.84
CA SER C 429 -24.99 -28.87 18.49
C SER C 429 -24.72 -27.87 17.40
N TYR C 430 -24.16 -28.37 16.30
CA TYR C 430 -23.90 -27.58 15.11
C TYR C 430 -23.93 -28.49 13.89
N VAL C 431 -24.62 -28.05 12.83
CA VAL C 431 -24.76 -28.85 11.62
C VAL C 431 -23.59 -28.64 10.68
N SER C 432 -22.92 -29.73 10.33
CA SER C 432 -21.77 -29.68 9.43
C SER C 432 -22.17 -30.19 8.05
N ASP C 433 -22.38 -29.26 7.13
CA ASP C 433 -22.79 -29.59 5.78
C ASP C 433 -21.60 -29.61 4.84
N PRO C 434 -21.26 -30.80 4.33
CA PRO C 434 -20.12 -30.97 3.43
C PRO C 434 -20.23 -30.15 2.17
N ALA C 435 -21.46 -29.74 1.82
CA ALA C 435 -21.71 -28.94 0.64
C ALA C 435 -21.24 -27.50 0.83
N HIS C 436 -21.14 -27.10 2.10
CA HIS C 436 -20.68 -25.76 2.45
C HIS C 436 -19.62 -25.84 3.55
N PRO C 437 -18.43 -26.32 3.21
CA PRO C 437 -17.35 -26.45 4.19
C PRO C 437 -16.80 -25.11 4.62
N VAL C 438 -16.29 -25.04 5.85
CA VAL C 438 -15.73 -23.82 6.40
C VAL C 438 -14.35 -23.53 5.79
N PRO C 439 -14.21 -22.36 5.16
CA PRO C 439 -12.94 -21.96 4.56
C PRO C 439 -11.85 -21.81 5.63
N PHE C 440 -10.76 -22.58 5.52
CA PHE C 440 -9.68 -22.49 6.51
C PHE C 440 -9.18 -21.06 6.64
N ILE C 441 -9.20 -20.34 5.53
CA ILE C 441 -8.93 -18.91 5.50
C ILE C 441 -9.94 -18.29 4.56
N SER C 442 -10.17 -16.99 4.70
CA SER C 442 -11.15 -16.26 3.89
C SER C 442 -11.08 -16.56 2.40
N ARG C 443 -12.24 -16.55 1.74
CA ARG C 443 -12.32 -16.79 0.30
C ARG C 443 -12.13 -15.47 -0.46
N PRO C 444 -11.57 -15.53 -1.66
CA PRO C 444 -11.11 -16.79 -2.26
C PRO C 444 -9.65 -17.08 -1.95
N PHE C 445 -9.27 -18.33 -2.08
CA PHE C 445 -7.89 -18.72 -1.84
C PHE C 445 -7.45 -19.79 -2.80
N ALA C 446 -6.30 -19.59 -3.41
CA ALA C 446 -5.71 -20.58 -4.29
C ALA C 446 -4.41 -21.04 -3.64
N PHE C 447 -4.14 -22.35 -3.71
CA PHE C 447 -2.93 -22.88 -3.09
C PHE C 447 -1.67 -22.18 -3.59
N ALA C 448 -1.79 -21.55 -4.75
CA ALA C 448 -0.67 -20.84 -5.36
C ALA C 448 -0.36 -19.51 -4.68
N GLN C 449 -1.32 -19.04 -3.88
CA GLN C 449 -1.17 -17.76 -3.17
C GLN C 449 -0.29 -17.93 -1.94
N SER C 450 1.02 -18.07 -2.17
CA SER C 450 2.00 -18.22 -1.09
C SER C 450 1.82 -17.08 -0.10
N SER C 451 1.63 -15.88 -0.65
CA SER C 451 1.40 -14.66 0.12
C SER C 451 0.38 -14.88 1.21
N ARG C 452 -0.74 -15.51 0.85
CA ARG C 452 -1.83 -15.80 1.78
C ARG C 452 -1.60 -17.05 2.60
N TRP C 453 -0.96 -18.05 1.99
CA TRP C 453 -0.71 -19.31 2.66
C TRP C 453 0.18 -19.18 3.88
N LYS C 454 1.40 -18.70 3.66
CA LYS C 454 2.42 -18.53 4.72
C LYS C 454 1.94 -18.17 6.15
N PRO C 455 1.21 -17.07 6.32
CA PRO C 455 0.76 -16.67 7.65
C PRO C 455 -0.69 -17.05 7.95
N TRP C 456 -1.22 -18.11 7.34
CA TRP C 456 -2.61 -18.50 7.57
C TRP C 456 -2.91 -18.91 9.00
N LEU C 457 -1.89 -19.34 9.73
CA LEU C 457 -2.06 -19.81 11.10
C LEU C 457 -2.27 -18.72 12.17
N VAL C 458 -2.12 -17.46 11.79
CA VAL C 458 -2.29 -16.35 12.75
C VAL C 458 -3.49 -15.47 12.43
N GLN C 459 -4.20 -15.83 11.38
CA GLN C 459 -5.35 -15.06 10.93
C GLN C 459 -6.52 -15.06 11.92
N ASP C 460 -7.31 -14.01 11.87
CA ASP C 460 -8.48 -13.84 12.73
C ASP C 460 -9.49 -14.97 12.53
N GLN C 461 -10.04 -15.46 13.64
CA GLN C 461 -11.00 -16.56 13.60
C GLN C 461 -12.44 -16.07 13.81
N ARG C 462 -12.66 -14.76 13.60
CA ARG C 462 -13.98 -14.17 13.78
C ARG C 462 -14.94 -14.63 12.70
N GLU C 463 -14.42 -14.77 11.49
CA GLU C 463 -15.23 -15.21 10.35
C GLU C 463 -15.83 -16.57 10.65
N ALA C 464 -14.99 -17.51 11.05
CA ALA C 464 -15.45 -18.85 11.38
C ALA C 464 -16.49 -18.79 12.50
N GLU C 465 -16.18 -18.05 13.55
CA GLU C 465 -17.08 -17.91 14.69
C GLU C 465 -18.47 -17.49 14.26
N SER C 466 -18.55 -16.61 13.27
CA SER C 466 -19.82 -16.08 12.77
C SER C 466 -20.71 -17.10 12.06
N ARG C 467 -20.14 -18.24 11.69
CA ARG C 467 -20.90 -19.28 11.01
C ARG C 467 -21.67 -20.18 11.98
N PRO C 468 -22.79 -20.75 11.53
CA PRO C 468 -23.59 -21.64 12.36
C PRO C 468 -23.00 -23.06 12.43
N ASP C 469 -22.09 -23.40 11.51
CA ASP C 469 -21.48 -24.72 11.51
C ASP C 469 -20.15 -24.76 12.27
N VAL C 470 -19.99 -23.80 13.17
CA VAL C 470 -18.81 -23.70 14.03
C VAL C 470 -19.30 -23.38 15.43
N VAL C 471 -18.71 -24.03 16.44
CA VAL C 471 -19.11 -23.75 17.81
C VAL C 471 -17.98 -23.05 18.57
N THR C 472 -18.32 -21.95 19.23
CA THR C 472 -17.34 -21.13 19.95
C THR C 472 -17.60 -21.03 21.45
N TYR C 473 -16.52 -21.15 22.24
CA TYR C 473 -16.57 -21.05 23.71
C TYR C 473 -15.51 -20.07 24.18
N GLU C 474 -15.84 -19.25 25.17
CA GLU C 474 -14.89 -18.26 25.66
C GLU C 474 -14.97 -18.00 27.17
N THR C 475 -13.82 -17.73 27.78
CA THR C 475 -13.76 -17.40 29.19
C THR C 475 -14.21 -15.96 29.33
N GLU C 476 -14.38 -15.50 30.56
CA GLU C 476 -14.75 -14.11 30.78
C GLU C 476 -13.49 -13.29 30.46
N VAL C 477 -13.61 -11.97 30.46
CA VAL C 477 -12.45 -11.11 30.22
C VAL C 477 -11.51 -11.32 31.39
N LEU C 478 -10.27 -11.69 31.09
CA LEU C 478 -9.29 -12.01 32.14
C LEU C 478 -8.94 -10.86 33.10
N ASP C 479 -8.91 -11.18 34.39
CA ASP C 479 -8.57 -10.21 35.43
C ASP C 479 -7.18 -10.51 35.98
N GLU C 480 -6.71 -11.73 35.71
CA GLU C 480 -5.38 -12.17 36.08
C GLU C 480 -4.89 -13.00 34.88
N PRO C 481 -3.65 -12.77 34.46
CA PRO C 481 -3.08 -13.45 33.30
C PRO C 481 -2.92 -14.96 33.48
N VAL C 482 -3.08 -15.71 32.39
CA VAL C 482 -2.93 -17.16 32.41
C VAL C 482 -1.73 -17.57 31.56
N ARG C 483 -0.69 -18.04 32.23
CA ARG C 483 0.54 -18.44 31.54
C ARG C 483 0.53 -19.90 31.14
N VAL C 484 0.68 -20.16 29.84
CA VAL C 484 0.72 -21.53 29.33
C VAL C 484 2.03 -21.83 28.60
N SER C 485 2.67 -22.95 28.95
CA SER C 485 3.93 -23.33 28.32
C SER C 485 4.07 -24.84 28.19
N GLY C 486 3.77 -25.34 27.00
CA GLY C 486 3.85 -26.76 26.73
C GLY C 486 2.92 -27.15 25.59
N VAL C 487 2.54 -28.43 25.55
CA VAL C 487 1.66 -28.94 24.51
C VAL C 487 0.26 -29.17 25.06
N PRO C 488 -0.71 -28.40 24.59
CA PRO C 488 -2.10 -28.52 25.05
C PRO C 488 -2.74 -29.74 24.45
N VAL C 489 -3.66 -30.36 25.17
CA VAL C 489 -4.33 -31.56 24.67
C VAL C 489 -5.83 -31.34 24.49
N ALA C 490 -6.35 -31.79 23.36
CA ALA C 490 -7.77 -31.68 23.10
C ALA C 490 -8.47 -32.90 23.67
N ASP C 491 -9.21 -32.69 24.76
CA ASP C 491 -9.96 -33.76 25.41
C ASP C 491 -11.38 -33.69 24.88
N LEU C 492 -11.57 -34.17 23.66
CA LEU C 492 -12.86 -34.05 22.96
C LEU C 492 -13.88 -35.16 23.18
N PHE C 493 -15.09 -34.75 23.57
CA PHE C 493 -16.20 -35.66 23.76
C PHE C 493 -17.28 -35.22 22.79
N ALA C 494 -17.07 -35.55 21.52
CA ALA C 494 -17.99 -35.13 20.47
C ALA C 494 -18.83 -36.27 19.95
N ALA C 495 -19.99 -35.92 19.41
CA ALA C 495 -20.91 -36.89 18.85
C ALA C 495 -21.33 -36.42 17.47
N THR C 496 -21.48 -37.35 16.53
CA THR C 496 -21.91 -37.00 15.17
C THR C 496 -23.00 -37.93 14.63
N SER C 497 -23.89 -37.35 13.82
CA SER C 497 -24.99 -38.09 13.22
C SER C 497 -24.50 -39.14 12.21
N GLY C 498 -23.42 -38.81 11.49
CA GLY C 498 -22.87 -39.71 10.50
C GLY C 498 -21.97 -40.77 11.10
N THR C 499 -21.37 -41.59 10.23
CA THR C 499 -20.49 -42.67 10.69
C THR C 499 -19.00 -42.30 10.62
N ASP C 500 -18.73 -41.05 10.28
CA ASP C 500 -17.36 -40.52 10.23
C ASP C 500 -17.43 -39.01 10.44
N SER C 501 -16.31 -38.40 10.81
CA SER C 501 -16.27 -36.96 11.06
C SER C 501 -14.86 -36.44 11.26
N ASP C 502 -14.70 -35.14 11.09
CA ASP C 502 -13.43 -34.50 11.30
C ASP C 502 -13.64 -33.56 12.47
N TRP C 503 -12.64 -33.42 13.32
CA TRP C 503 -12.78 -32.54 14.46
C TRP C 503 -11.68 -31.52 14.50
N VAL C 504 -12.04 -30.28 14.22
CA VAL C 504 -11.09 -29.18 14.25
C VAL C 504 -11.25 -28.53 15.60
N VAL C 505 -10.15 -28.44 16.34
CA VAL C 505 -10.16 -27.80 17.65
C VAL C 505 -9.16 -26.67 17.63
N LYS C 506 -9.60 -25.47 18.00
CA LYS C 506 -8.73 -24.30 18.01
C LYS C 506 -8.64 -23.64 19.36
N LEU C 507 -7.42 -23.40 19.81
CA LEU C 507 -7.18 -22.69 21.06
C LEU C 507 -6.82 -21.27 20.66
N ILE C 508 -7.67 -20.31 21.03
CA ILE C 508 -7.51 -18.93 20.62
C ILE C 508 -7.29 -17.95 21.77
N ASP C 509 -6.57 -16.87 21.48
CA ASP C 509 -6.35 -15.80 22.43
C ASP C 509 -7.09 -14.60 21.89
N VAL C 510 -8.22 -14.27 22.51
CA VAL C 510 -9.00 -13.13 22.09
C VAL C 510 -8.32 -11.88 22.58
N GLN C 511 -8.00 -10.99 21.65
CA GLN C 511 -7.35 -9.74 22.01
C GLN C 511 -8.36 -8.83 22.70
N PRO C 512 -7.89 -7.82 23.44
CA PRO C 512 -8.78 -6.90 24.14
C PRO C 512 -9.85 -6.36 23.21
N ALA C 513 -11.06 -6.19 23.72
CA ALA C 513 -12.18 -5.69 22.93
C ALA C 513 -11.77 -4.47 22.13
N MET C 514 -10.89 -3.67 22.71
CA MET C 514 -10.38 -2.49 22.05
C MET C 514 -8.89 -2.40 22.31
N THR C 515 -8.15 -2.08 21.26
CA THR C 515 -6.72 -1.89 21.34
C THR C 515 -6.44 -0.56 20.68
N PRO C 516 -6.60 0.53 21.42
CA PRO C 516 -6.47 1.89 20.86
C PRO C 516 -5.09 2.22 20.29
N ASP C 517 -4.06 1.50 20.72
CA ASP C 517 -2.73 1.72 20.20
C ASP C 517 -2.64 1.13 18.81
N ASP C 518 -3.46 0.10 18.57
CA ASP C 518 -3.50 -0.63 17.31
C ASP C 518 -4.94 -1.09 17.08
N PRO C 519 -5.81 -0.16 16.67
CA PRO C 519 -7.25 -0.44 16.49
C PRO C 519 -7.60 -1.75 15.80
N LYS C 520 -6.91 -2.08 14.71
CA LYS C 520 -7.20 -3.30 13.94
C LYS C 520 -7.24 -4.59 14.76
N MET C 521 -6.55 -4.60 15.89
CA MET C 521 -6.49 -5.79 16.73
C MET C 521 -7.62 -5.88 17.75
N GLY C 522 -8.52 -4.91 17.74
CA GLY C 522 -9.63 -4.89 18.67
C GLY C 522 -10.49 -6.13 18.58
N GLY C 523 -10.46 -6.94 19.63
CA GLY C 523 -11.26 -8.16 19.68
C GLY C 523 -10.85 -9.20 18.67
N TYR C 524 -9.60 -9.13 18.25
CA TYR C 524 -9.03 -10.05 17.27
C TYR C 524 -8.92 -11.44 17.87
N GLU C 525 -9.47 -12.43 17.18
CA GLU C 525 -9.40 -13.81 17.63
C GLU C 525 -8.17 -14.46 17.04
N LEU C 526 -7.07 -14.42 17.79
CA LEU C 526 -5.80 -14.97 17.35
C LEU C 526 -5.57 -16.38 17.87
N PRO C 527 -5.52 -17.35 16.96
CA PRO C 527 -5.27 -18.74 17.32
C PRO C 527 -3.81 -19.01 17.65
N VAL C 528 -3.55 -19.48 18.86
CA VAL C 528 -2.19 -19.79 19.27
C VAL C 528 -1.87 -21.26 19.02
N SER C 529 -2.92 -22.09 18.91
CA SER C 529 -2.77 -23.52 18.64
C SER C 529 -4.07 -24.12 18.08
N MET C 530 -3.96 -24.85 16.97
CA MET C 530 -5.11 -25.49 16.36
C MET C 530 -4.73 -26.61 15.40
N ASP C 531 -5.56 -27.65 15.36
CA ASP C 531 -5.31 -28.82 14.51
C ASP C 531 -6.62 -29.57 14.22
N ILE C 532 -6.56 -30.49 13.25
CA ILE C 532 -7.72 -31.30 12.88
C ILE C 532 -7.46 -32.76 13.20
N PHE C 533 -8.51 -33.52 13.51
CA PHE C 533 -8.39 -34.94 13.79
C PHE C 533 -9.47 -35.71 13.06
N ARG C 534 -9.04 -36.68 12.24
CA ARG C 534 -9.98 -37.52 11.48
C ARG C 534 -10.61 -38.59 12.35
N GLY C 535 -11.88 -38.40 12.68
CA GLY C 535 -12.63 -39.29 13.55
C GLY C 535 -12.46 -40.79 13.38
N ARG C 536 -12.35 -41.25 12.14
CA ARG C 536 -12.23 -42.68 11.90
C ARG C 536 -10.99 -43.30 12.56
N TYR C 537 -10.02 -42.46 12.91
CA TYR C 537 -8.80 -42.94 13.53
C TYR C 537 -8.80 -42.75 15.06
N ARG C 538 -9.99 -42.60 15.64
CA ARG C 538 -10.11 -42.40 17.10
C ARG C 538 -9.50 -43.55 17.88
N LYS C 539 -9.81 -44.77 17.47
CA LYS C 539 -9.31 -45.95 18.16
C LYS C 539 -7.91 -46.36 17.72
N ASP C 540 -7.65 -46.31 16.41
CA ASP C 540 -6.34 -46.67 15.87
C ASP C 540 -6.04 -45.94 14.57
N PHE C 541 -4.86 -45.36 14.49
CA PHE C 541 -4.46 -44.67 13.27
C PHE C 541 -4.22 -45.70 12.17
N ALA C 542 -3.73 -46.87 12.56
CA ALA C 542 -3.45 -47.93 11.62
C ALA C 542 -4.72 -48.67 11.21
N LYS C 543 -5.75 -48.61 12.05
CA LYS C 543 -7.01 -49.29 11.76
C LYS C 543 -8.24 -48.37 11.83
N PRO C 544 -8.56 -47.72 10.70
CA PRO C 544 -9.73 -46.83 10.62
C PRO C 544 -10.99 -47.61 10.90
N GLU C 545 -11.94 -46.99 11.60
CA GLU C 545 -13.14 -47.68 12.02
C GLU C 545 -14.33 -46.72 12.19
N ALA C 546 -15.48 -47.11 11.63
CA ALA C 546 -16.71 -46.30 11.66
C ALA C 546 -17.16 -45.87 13.04
N LEU C 547 -17.67 -44.64 13.13
CA LEU C 547 -18.17 -44.09 14.38
C LEU C 547 -19.63 -44.46 14.55
N GLN C 548 -20.07 -44.61 15.80
CA GLN C 548 -21.46 -44.94 16.09
C GLN C 548 -22.31 -43.67 16.03
N PRO C 549 -23.24 -43.61 15.08
CA PRO C 549 -24.12 -42.45 14.93
C PRO C 549 -24.75 -42.00 16.22
N ASP C 550 -24.77 -40.67 16.44
CA ASP C 550 -25.38 -40.06 17.63
C ASP C 550 -24.75 -40.44 18.97
N ALA C 551 -23.62 -41.12 18.94
CA ALA C 551 -22.94 -41.52 20.16
C ALA C 551 -21.83 -40.54 20.52
N THR C 552 -21.73 -40.21 21.80
CA THR C 552 -20.69 -39.31 22.29
C THR C 552 -19.36 -40.05 22.41
N LEU C 553 -18.49 -39.88 21.43
CA LEU C 553 -17.19 -40.54 21.45
C LEU C 553 -16.10 -39.64 22.01
N HIS C 554 -15.15 -40.25 22.71
CA HIS C 554 -14.05 -39.52 23.36
C HIS C 554 -12.78 -39.45 22.52
N TYR C 555 -12.35 -38.23 22.18
CA TYR C 555 -11.13 -38.03 21.41
C TYR C 555 -10.07 -37.40 22.27
N HIS C 556 -8.82 -37.75 22.02
CA HIS C 556 -7.70 -37.24 22.81
C HIS C 556 -6.48 -37.06 21.92
N PHE C 557 -6.17 -35.81 21.58
CA PHE C 557 -5.01 -35.54 20.72
C PHE C 557 -4.23 -34.27 21.13
N THR C 558 -2.96 -34.23 20.75
CA THR C 558 -2.11 -33.10 21.08
C THR C 558 -2.20 -32.00 20.05
N LEU C 559 -2.28 -30.76 20.54
CA LEU C 559 -2.31 -29.58 19.67
C LEU C 559 -0.93 -28.97 19.67
N PRO C 560 -0.61 -28.16 18.65
CA PRO C 560 0.69 -27.49 18.57
C PRO C 560 1.10 -26.82 19.88
N ALA C 561 2.39 -26.91 20.21
CA ALA C 561 2.93 -26.38 21.46
C ALA C 561 2.69 -24.90 21.65
N VAL C 562 2.51 -24.50 22.91
CA VAL C 562 2.30 -23.10 23.24
C VAL C 562 3.30 -22.60 24.26
N ASN C 563 3.62 -21.34 24.15
CA ASN C 563 4.48 -20.62 25.06
C ASN C 563 3.93 -19.25 24.95
N HIS C 564 2.79 -19.05 25.59
CA HIS C 564 2.03 -17.84 25.46
C HIS C 564 1.44 -17.39 26.79
N VAL C 565 0.94 -16.16 26.84
CA VAL C 565 0.31 -15.63 28.04
C VAL C 565 -0.99 -14.95 27.67
N PHE C 566 -2.08 -15.39 28.29
CA PHE C 566 -3.37 -14.78 28.06
C PHE C 566 -3.48 -13.63 29.04
N ALA C 567 -3.00 -12.46 28.61
CA ALA C 567 -2.96 -11.26 29.44
C ALA C 567 -4.31 -10.71 29.83
N LYS C 568 -4.31 -9.77 30.77
CA LYS C 568 -5.53 -9.12 31.23
C LYS C 568 -6.22 -8.46 30.05
N GLY C 569 -7.54 -8.47 30.05
CA GLY C 569 -8.29 -7.86 28.97
C GLY C 569 -8.59 -8.85 27.85
N HIS C 570 -7.83 -9.94 27.82
CA HIS C 570 -8.02 -10.97 26.82
C HIS C 570 -9.00 -12.02 27.29
N ARG C 571 -9.24 -13.01 26.45
CA ARG C 571 -10.09 -14.13 26.80
C ARG C 571 -9.48 -15.36 26.16
N ILE C 572 -9.70 -16.51 26.75
CA ILE C 572 -9.27 -17.76 26.15
C ILE C 572 -10.48 -18.24 25.39
N MET C 573 -10.27 -18.73 24.17
CA MET C 573 -11.38 -19.17 23.33
C MET C 573 -11.09 -20.51 22.70
N VAL C 574 -12.12 -21.35 22.65
CA VAL C 574 -12.00 -22.66 22.01
C VAL C 574 -13.03 -22.73 20.90
N GLN C 575 -12.57 -23.14 19.72
CA GLN C 575 -13.45 -23.23 18.57
C GLN C 575 -13.45 -24.63 18.01
N ILE C 576 -14.63 -25.14 17.71
CA ILE C 576 -14.76 -26.47 17.14
C ILE C 576 -15.61 -26.46 15.89
N GLN C 577 -15.12 -27.14 14.86
CA GLN C 577 -15.81 -27.27 13.59
C GLN C 577 -15.46 -28.61 12.98
N SER C 578 -16.11 -28.96 11.88
CA SER C 578 -15.87 -30.26 11.27
C SER C 578 -15.36 -30.22 9.83
N SER C 579 -14.81 -29.08 9.42
CA SER C 579 -14.25 -28.93 8.08
C SER C 579 -13.17 -27.83 8.08
N TRP C 580 -12.37 -27.79 7.02
CA TRP C 580 -11.29 -26.82 6.91
C TRP C 580 -10.86 -26.70 5.45
N PHE C 581 -11.80 -26.23 4.61
CA PHE C 581 -11.60 -26.12 3.15
C PHE C 581 -10.87 -24.85 2.67
N PRO C 582 -10.06 -24.97 1.62
CA PRO C 582 -9.80 -26.24 0.94
C PRO C 582 -8.48 -26.90 1.34
N LEU C 583 -7.91 -26.53 2.48
CA LEU C 583 -6.65 -27.13 2.91
C LEU C 583 -6.80 -28.62 3.12
N TYR C 584 -7.85 -29.02 3.85
CA TYR C 584 -8.12 -30.42 4.12
C TYR C 584 -9.32 -30.90 3.33
N ASP C 585 -9.22 -32.08 2.72
CA ASP C 585 -10.31 -32.64 1.95
C ASP C 585 -11.49 -32.95 2.87
N ARG C 586 -12.70 -32.70 2.37
CA ARG C 586 -13.90 -32.87 3.16
C ARG C 586 -14.18 -34.31 3.51
N ASN C 587 -14.45 -34.54 4.80
CA ASN C 587 -14.81 -35.85 5.29
C ASN C 587 -16.27 -36.03 4.90
N PRO C 588 -16.56 -37.09 4.16
CA PRO C 588 -17.92 -37.37 3.68
C PRO C 588 -18.93 -37.56 4.82
N GLN C 589 -18.43 -37.58 6.05
CA GLN C 589 -19.26 -37.76 7.22
C GLN C 589 -19.96 -39.12 7.22
N LYS C 590 -19.66 -39.92 6.20
CA LYS C 590 -20.16 -41.27 6.09
C LYS C 590 -18.91 -42.10 5.93
N PHE C 591 -18.76 -43.11 6.78
CA PHE C 591 -17.57 -43.95 6.72
C PHE C 591 -17.43 -44.68 5.42
N VAL C 592 -16.30 -44.42 4.75
CA VAL C 592 -15.99 -45.05 3.48
C VAL C 592 -14.59 -45.65 3.57
N PRO C 593 -14.36 -46.76 2.86
CA PRO C 593 -13.05 -47.43 2.87
C PRO C 593 -11.90 -46.48 2.61
N ASN C 594 -12.07 -45.60 1.63
CA ASN C 594 -11.04 -44.64 1.27
C ASN C 594 -11.66 -43.28 0.95
N ILE C 595 -11.43 -42.30 1.82
CA ILE C 595 -11.98 -40.95 1.64
C ILE C 595 -11.48 -40.28 0.37
N PHE C 596 -10.35 -40.77 -0.16
CA PHE C 596 -9.80 -40.24 -1.39
C PHE C 596 -10.76 -40.52 -2.54
N ASP C 597 -11.53 -41.60 -2.43
CA ASP C 597 -12.43 -42.01 -3.48
C ASP C 597 -13.90 -41.78 -3.16
N ALA C 598 -14.19 -40.83 -2.29
CA ALA C 598 -15.58 -40.54 -1.91
C ALA C 598 -16.44 -40.13 -3.11
N LYS C 599 -17.68 -40.60 -3.11
CA LYS C 599 -18.61 -40.29 -4.19
C LYS C 599 -19.64 -39.23 -3.75
N PRO C 600 -20.23 -38.54 -4.72
CA PRO C 600 -21.25 -37.51 -4.44
C PRO C 600 -22.27 -37.95 -3.40
N ALA C 601 -22.75 -39.19 -3.52
CA ALA C 601 -23.74 -39.71 -2.58
C ALA C 601 -23.17 -39.96 -1.18
N ASP C 602 -21.85 -40.13 -1.09
CA ASP C 602 -21.17 -40.40 0.19
C ASP C 602 -21.24 -39.23 1.16
N TYR C 603 -21.04 -38.01 0.65
CA TYR C 603 -21.07 -36.82 1.48
C TYR C 603 -22.44 -36.61 2.07
N THR C 604 -22.51 -36.70 3.40
CA THR C 604 -23.77 -36.59 4.11
C THR C 604 -23.76 -35.47 5.14
N VAL C 605 -24.87 -34.72 5.22
CA VAL C 605 -25.01 -33.64 6.18
C VAL C 605 -25.17 -34.27 7.56
N ALA C 606 -24.34 -33.84 8.51
CA ALA C 606 -24.40 -34.41 9.85
C ALA C 606 -24.64 -33.38 10.93
N THR C 607 -25.07 -33.86 12.09
CA THR C 607 -25.32 -33.01 13.25
C THR C 607 -24.27 -33.33 14.31
N GLN C 608 -23.48 -32.35 14.68
CA GLN C 608 -22.44 -32.55 15.68
C GLN C 608 -22.83 -31.93 17.00
N SER C 609 -22.54 -32.65 18.09
CA SER C 609 -22.84 -32.17 19.43
C SER C 609 -21.63 -32.37 20.31
N ILE C 610 -21.10 -31.27 20.83
CA ILE C 610 -19.93 -31.32 21.69
C ILE C 610 -20.39 -31.32 23.13
N HIS C 611 -20.17 -32.42 23.82
CA HIS C 611 -20.59 -32.54 25.21
C HIS C 611 -19.68 -31.78 26.16
N HIS C 612 -20.28 -30.94 26.99
CA HIS C 612 -19.53 -30.17 27.97
C HIS C 612 -20.03 -30.47 29.35
N GLY C 613 -19.12 -30.56 30.31
CA GLY C 613 -19.48 -30.85 31.69
C GLY C 613 -19.77 -32.33 31.93
N GLY C 614 -19.96 -32.69 33.19
CA GLY C 614 -20.26 -34.06 33.55
C GLY C 614 -19.07 -34.98 33.41
N LYS C 615 -19.34 -36.27 33.19
CA LYS C 615 -18.29 -37.26 33.04
C LYS C 615 -17.63 -37.14 31.67
N GLU C 616 -18.41 -36.72 30.68
CA GLU C 616 -17.90 -36.54 29.33
C GLU C 616 -17.70 -35.05 29.07
N ALA C 617 -16.85 -34.41 29.88
CA ALA C 617 -16.61 -32.98 29.77
C ALA C 617 -15.49 -32.59 28.81
N THR C 618 -15.87 -32.07 27.64
CA THR C 618 -14.87 -31.63 26.66
C THR C 618 -14.07 -30.52 27.28
N SER C 619 -12.80 -30.44 26.91
CA SER C 619 -11.92 -29.42 27.43
C SER C 619 -10.63 -29.39 26.69
N ILE C 620 -9.83 -28.38 26.98
CA ILE C 620 -8.50 -28.27 26.43
C ILE C 620 -7.57 -28.41 27.62
N LEU C 621 -6.77 -29.46 27.61
CA LEU C 621 -5.85 -29.68 28.70
C LEU C 621 -4.68 -28.73 28.53
N LEU C 622 -4.80 -27.56 29.15
CA LEU C 622 -3.79 -26.52 29.03
C LEU C 622 -2.57 -26.73 29.91
N PRO C 623 -1.39 -26.46 29.37
CA PRO C 623 -0.15 -26.54 30.13
C PRO C 623 0.07 -25.26 30.91
N VAL C 624 -0.79 -25.01 31.89
CA VAL C 624 -0.71 -23.79 32.71
C VAL C 624 0.46 -23.82 33.69
N VAL C 625 1.26 -22.76 33.66
CA VAL C 625 2.44 -22.63 34.52
C VAL C 625 2.42 -21.30 35.32
N LYS C 626 3.36 -21.15 36.24
CA LYS C 626 3.45 -19.93 37.06
C LYS C 626 4.73 -19.09 36.76
N HIS D 10 -52.11 17.36 20.76
CA HIS D 10 -51.51 16.52 19.66
C HIS D 10 -50.83 15.27 20.21
N ASP D 11 -50.73 14.22 19.37
CA ASP D 11 -50.06 12.97 19.75
C ASP D 11 -48.55 13.15 19.62
N PRO D 12 -47.86 13.20 20.75
CA PRO D 12 -46.40 13.45 20.76
C PRO D 12 -45.58 12.35 20.09
N LEU D 13 -46.12 11.16 19.94
CA LEU D 13 -45.38 10.07 19.33
C LEU D 13 -45.33 10.15 17.81
N SER D 14 -46.17 11.02 17.23
CA SER D 14 -46.23 11.15 15.78
C SER D 14 -46.07 12.59 15.29
N VAL D 15 -46.63 13.53 16.03
CA VAL D 15 -46.56 14.93 15.64
C VAL D 15 -45.58 15.68 16.51
N GLN D 16 -44.43 16.04 15.93
CA GLN D 16 -43.41 16.80 16.67
C GLN D 16 -43.42 18.27 16.30
N THR D 17 -43.77 19.11 17.25
CA THR D 17 -43.84 20.56 17.05
C THR D 17 -42.75 21.25 17.85
N GLY D 18 -41.94 20.46 18.56
CA GLY D 18 -40.87 20.97 19.38
C GLY D 18 -39.52 20.67 18.76
N SER D 19 -38.51 20.44 19.59
CA SER D 19 -37.16 20.16 19.12
C SER D 19 -36.73 18.72 19.37
N ASP D 20 -36.30 18.04 18.30
CA ASP D 20 -35.84 16.64 18.40
C ASP D 20 -34.53 16.51 19.16
N ILE D 21 -34.01 17.64 19.61
CA ILE D 21 -32.78 17.67 20.38
C ILE D 21 -33.14 17.71 21.85
N PRO D 22 -32.76 16.68 22.59
CA PRO D 22 -33.04 16.60 24.02
C PRO D 22 -32.49 17.81 24.73
N ALA D 23 -33.30 18.40 25.61
CA ALA D 23 -32.91 19.58 26.38
C ALA D 23 -31.64 19.29 27.17
N SER D 24 -31.51 18.05 27.62
CA SER D 24 -30.34 17.61 28.35
C SER D 24 -30.16 16.12 28.10
N VAL D 25 -28.95 15.63 28.33
CA VAL D 25 -28.69 14.20 28.15
C VAL D 25 -27.96 13.61 29.35
N HIS D 26 -28.47 12.48 29.84
CA HIS D 26 -27.86 11.78 30.96
C HIS D 26 -27.41 10.38 30.48
N MET D 27 -26.50 10.39 29.50
CA MET D 27 -25.95 9.16 28.88
C MET D 27 -25.51 8.07 29.90
N PRO D 28 -26.05 6.86 29.71
CA PRO D 28 -25.74 5.74 30.61
C PRO D 28 -24.29 5.26 30.47
N THR D 29 -23.74 5.41 29.26
CA THR D 29 -22.34 5.01 28.99
C THR D 29 -21.39 5.49 30.09
N ASP D 30 -21.74 6.60 30.74
CA ASP D 30 -20.92 7.16 31.82
C ASP D 30 -20.69 6.14 32.96
N GLN D 31 -21.73 5.39 33.33
CA GLN D 31 -21.59 4.37 34.39
C GLN D 31 -21.06 3.04 33.80
N GLN D 32 -21.03 2.96 32.46
CA GLN D 32 -20.51 1.79 31.74
C GLN D 32 -18.96 1.89 31.66
N ARG D 33 -18.44 3.08 32.03
CA ARG D 33 -16.99 3.35 32.01
C ARG D 33 -16.24 2.64 33.14
N ASP D 34 -14.90 2.68 33.08
CA ASP D 34 -14.07 2.06 34.12
C ASP D 34 -13.23 3.10 34.82
N TYR D 35 -13.57 4.36 34.60
CA TYR D 35 -12.86 5.49 35.19
C TYR D 35 -13.83 6.61 35.55
N ILE D 36 -13.28 7.72 36.03
CA ILE D 36 -14.07 8.89 36.38
C ILE D 36 -13.34 10.14 35.90
N LYS D 37 -14.03 10.99 35.15
CA LYS D 37 -13.42 12.20 34.65
C LYS D 37 -13.99 13.39 35.38
N ARG D 38 -13.10 14.27 35.82
CA ARG D 38 -13.50 15.45 36.56
C ARG D 38 -12.96 16.72 35.90
N GLU D 39 -13.86 17.64 35.57
CA GLU D 39 -13.49 18.92 35.00
C GLU D 39 -13.50 19.95 36.12
N VAL D 40 -12.34 20.48 36.46
CA VAL D 40 -12.26 21.48 37.54
C VAL D 40 -11.55 22.77 37.13
N MET D 41 -12.06 23.89 37.64
CA MET D 41 -11.48 25.19 37.35
C MET D 41 -10.54 25.58 38.47
N VAL D 42 -9.36 24.95 38.49
CA VAL D 42 -8.36 25.21 39.52
C VAL D 42 -7.81 26.64 39.48
N PRO D 43 -8.03 27.38 40.57
CA PRO D 43 -7.60 28.78 40.64
C PRO D 43 -6.14 28.96 41.03
N MET D 44 -5.47 29.88 40.34
CA MET D 44 -4.07 30.20 40.59
C MET D 44 -4.02 31.36 41.58
N ARG D 45 -2.84 31.62 42.15
CA ARG D 45 -2.68 32.69 43.13
C ARG D 45 -3.22 34.05 42.68
N ASP D 46 -3.06 34.37 41.40
CA ASP D 46 -3.56 35.66 40.90
C ASP D 46 -5.06 35.64 40.59
N GLY D 47 -5.76 34.60 41.07
CA GLY D 47 -7.20 34.48 40.90
C GLY D 47 -7.67 33.96 39.56
N VAL D 48 -6.72 33.60 38.69
CA VAL D 48 -7.06 33.08 37.38
C VAL D 48 -7.31 31.59 37.49
N LYS D 49 -8.42 31.13 36.93
CA LYS D 49 -8.77 29.71 36.95
C LYS D 49 -8.25 29.00 35.72
N LEU D 50 -7.80 27.76 35.91
CA LEU D 50 -7.28 26.94 34.81
C LEU D 50 -8.09 25.67 34.64
N TYR D 51 -8.38 25.32 33.39
CA TYR D 51 -9.12 24.10 33.09
C TYR D 51 -8.27 22.89 33.47
N THR D 52 -8.87 21.96 34.19
CA THR D 52 -8.15 20.78 34.65
C THR D 52 -8.99 19.54 34.48
N VAL D 53 -8.40 18.49 33.92
CA VAL D 53 -9.09 17.22 33.71
C VAL D 53 -8.42 16.14 34.54
N ILE D 54 -9.16 15.59 35.49
CA ILE D 54 -8.63 14.53 36.32
C ILE D 54 -9.27 13.20 35.94
N VAL D 55 -8.45 12.26 35.49
CA VAL D 55 -8.94 10.95 35.12
C VAL D 55 -8.58 9.97 36.22
N ILE D 56 -9.58 9.60 37.01
CA ILE D 56 -9.37 8.67 38.09
C ILE D 56 -9.95 7.33 37.73
N PRO D 57 -9.14 6.28 37.86
CA PRO D 57 -9.60 4.92 37.61
C PRO D 57 -10.68 4.59 38.63
N LYS D 58 -11.80 4.02 38.19
CA LYS D 58 -12.87 3.67 39.13
C LYS D 58 -12.34 2.76 40.23
N ASN D 59 -12.81 2.99 41.45
CA ASN D 59 -12.36 2.21 42.62
C ASN D 59 -10.84 2.34 42.81
N ALA D 60 -10.37 3.58 42.96
CA ALA D 60 -8.96 3.83 43.17
C ALA D 60 -8.78 4.48 44.52
N ARG D 61 -7.80 3.99 45.26
CA ARG D 61 -7.49 4.52 46.58
C ARG D 61 -5.98 4.75 46.67
N ASN D 62 -5.59 5.93 47.15
CA ASN D 62 -4.19 6.30 47.31
C ASN D 62 -3.33 6.07 46.06
N ALA D 63 -3.83 6.54 44.93
CA ALA D 63 -3.11 6.39 43.67
C ALA D 63 -2.32 7.67 43.35
N PRO D 64 -1.09 7.50 42.87
CA PRO D 64 -0.25 8.65 42.52
C PRO D 64 -0.83 9.42 41.34
N ILE D 65 -0.47 10.70 41.23
CA ILE D 65 -0.96 11.54 40.16
C ILE D 65 0.11 11.84 39.12
N LEU D 66 -0.23 11.59 37.86
CA LEU D 66 0.67 11.89 36.74
C LEU D 66 0.10 13.15 36.10
N LEU D 67 0.86 14.25 36.18
CA LEU D 67 0.37 15.53 35.66
C LEU D 67 1.09 16.03 34.42
N THR D 68 0.31 16.62 33.52
CA THR D 68 0.82 17.23 32.29
C THR D 68 0.07 18.54 32.05
N ARG D 69 0.82 19.60 31.83
CA ARG D 69 0.23 20.91 31.56
C ARG D 69 0.45 21.19 30.08
N THR D 70 -0.63 21.41 29.35
CA THR D 70 -0.53 21.57 27.91
C THR D 70 -1.27 22.75 27.29
N PRO D 71 -0.67 23.33 26.26
CA PRO D 71 -1.31 24.39 25.48
C PRO D 71 -2.08 23.78 24.32
N TYR D 72 -2.11 22.45 24.26
CA TYR D 72 -2.75 21.73 23.17
C TYR D 72 -4.08 21.08 23.53
N ASN D 73 -4.92 21.84 24.23
CA ASN D 73 -6.27 21.39 24.60
C ASN D 73 -6.32 20.17 25.51
N ALA D 74 -6.30 20.42 26.82
CA ALA D 74 -6.34 19.36 27.83
C ALA D 74 -7.57 18.47 27.68
N LYS D 75 -8.71 19.09 27.37
CA LYS D 75 -9.96 18.34 27.20
C LYS D 75 -9.76 17.24 26.17
N GLY D 76 -9.22 17.62 25.01
CA GLY D 76 -8.97 16.69 23.93
C GLY D 76 -7.83 15.75 24.23
N ARG D 77 -6.84 16.25 24.96
CA ARG D 77 -5.65 15.45 25.30
C ARG D 77 -6.03 14.20 26.06
N ALA D 78 -7.04 14.32 26.92
CA ALA D 78 -7.54 13.19 27.69
C ALA D 78 -8.75 12.56 27.00
N ASN D 79 -8.74 12.60 25.67
CA ASN D 79 -9.83 12.05 24.87
C ASN D 79 -9.31 11.42 23.58
N ARG D 80 -8.30 10.56 23.70
CA ARG D 80 -7.72 9.86 22.55
C ARG D 80 -8.84 9.25 21.77
N VAL D 81 -9.68 8.52 22.50
CA VAL D 81 -10.90 7.94 21.98
C VAL D 81 -11.99 8.64 22.77
N PRO D 82 -12.58 9.66 22.16
CA PRO D 82 -13.62 10.48 22.80
C PRO D 82 -14.62 9.70 23.65
N ASN D 83 -14.67 10.04 24.95
CA ASN D 83 -15.60 9.43 25.90
C ASN D 83 -15.57 7.90 25.90
N ALA D 84 -14.38 7.33 25.77
CA ALA D 84 -14.21 5.88 25.73
C ALA D 84 -14.68 5.22 27.00
N LEU D 85 -14.94 3.92 26.90
CA LEU D 85 -15.43 3.14 28.03
C LEU D 85 -14.30 2.74 28.96
N THR D 86 -13.10 2.62 28.41
CA THR D 86 -11.93 2.27 29.21
C THR D 86 -11.04 3.48 29.37
N MET D 87 -10.21 3.46 30.41
CA MET D 87 -9.28 4.54 30.66
C MET D 87 -8.15 4.49 29.64
N ARG D 88 -7.73 3.26 29.33
CA ARG D 88 -6.67 3.01 28.37
C ARG D 88 -7.01 3.62 27.01
N GLU D 89 -8.28 3.54 26.66
CA GLU D 89 -8.79 4.06 25.40
C GLU D 89 -8.77 5.58 25.40
N VAL D 90 -9.31 6.17 26.47
CA VAL D 90 -9.44 7.62 26.59
C VAL D 90 -8.12 8.39 26.69
N LEU D 91 -7.12 7.76 27.30
CA LEU D 91 -5.82 8.40 27.46
C LEU D 91 -4.88 8.10 26.28
N PRO D 92 -3.82 8.90 26.15
CA PRO D 92 -2.84 8.72 25.06
C PRO D 92 -2.06 7.42 25.15
N GLN D 93 -1.37 7.08 24.07
CA GLN D 93 -0.59 5.84 24.00
C GLN D 93 0.58 5.82 25.00
N GLY D 94 1.21 6.96 25.20
CA GLY D 94 2.34 7.05 26.12
C GLY D 94 1.95 6.97 27.58
N ASP D 95 0.65 6.86 27.85
CA ASP D 95 0.16 6.76 29.20
C ASP D 95 -0.17 5.31 29.54
N ASP D 96 0.06 4.43 28.58
CA ASP D 96 -0.26 3.01 28.75
C ASP D 96 0.26 2.37 30.03
N VAL D 97 1.53 2.61 30.35
CA VAL D 97 2.13 2.03 31.55
C VAL D 97 1.60 2.69 32.82
N PHE D 98 1.20 3.95 32.71
CA PHE D 98 0.66 4.65 33.87
C PHE D 98 -0.79 4.32 34.09
N VAL D 99 -1.48 3.94 33.02
CA VAL D 99 -2.86 3.52 33.11
C VAL D 99 -2.81 2.13 33.69
N GLU D 100 -1.87 1.33 33.20
CA GLU D 100 -1.67 -0.04 33.68
C GLU D 100 -1.32 -0.05 35.15
N GLY D 101 -0.66 1.01 35.62
CA GLY D 101 -0.27 1.12 37.01
C GLY D 101 -1.34 1.71 37.90
N GLY D 102 -2.47 2.09 37.30
CA GLY D 102 -3.58 2.65 38.04
C GLY D 102 -3.31 4.06 38.54
N TYR D 103 -2.54 4.82 37.78
CA TYR D 103 -2.22 6.19 38.14
C TYR D 103 -3.42 7.07 37.87
N ILE D 104 -3.55 8.16 38.61
CA ILE D 104 -4.62 9.11 38.36
C ILE D 104 -4.01 10.03 37.33
N ARG D 105 -4.74 10.29 36.26
CA ARG D 105 -4.21 11.14 35.20
C ARG D 105 -4.80 12.52 35.21
N VAL D 106 -3.92 13.53 35.16
CA VAL D 106 -4.37 14.91 35.12
C VAL D 106 -3.78 15.66 33.94
N PHE D 107 -4.66 16.25 33.15
CA PHE D 107 -4.26 17.05 32.00
C PHE D 107 -4.83 18.43 32.22
N GLN D 108 -3.97 19.44 32.19
CA GLN D 108 -4.43 20.79 32.45
C GLN D 108 -4.06 21.80 31.37
N ASP D 109 -5.05 22.64 31.02
CA ASP D 109 -4.85 23.69 30.04
C ASP D 109 -4.03 24.77 30.73
N ILE D 110 -2.92 25.17 30.12
CA ILE D 110 -2.08 26.22 30.70
C ILE D 110 -2.72 27.60 30.59
N ARG D 111 -2.22 28.53 31.39
CA ARG D 111 -2.75 29.88 31.44
C ARG D 111 -3.01 30.49 30.07
N GLY D 112 -4.24 30.96 29.87
CA GLY D 112 -4.63 31.62 28.64
C GLY D 112 -4.91 30.73 27.44
N LYS D 113 -5.00 29.43 27.65
CA LYS D 113 -5.25 28.51 26.53
C LYS D 113 -6.49 27.63 26.70
N TYR D 114 -7.23 27.48 25.60
CA TYR D 114 -8.45 26.66 25.52
C TYR D 114 -9.47 26.89 26.64
N GLY D 115 -9.50 26.00 27.61
CA GLY D 115 -10.47 26.13 28.70
C GLY D 115 -10.05 27.04 29.85
N SER D 116 -8.75 27.32 29.92
CA SER D 116 -8.19 28.15 30.99
C SER D 116 -8.38 29.65 30.75
N GLN D 117 -8.32 30.42 31.83
CA GLN D 117 -8.45 31.88 31.76
C GLN D 117 -7.08 32.51 31.71
N GLY D 118 -7.05 33.84 31.65
CA GLY D 118 -5.80 34.57 31.64
C GLY D 118 -5.25 34.92 30.27
N ASP D 119 -4.02 35.42 30.26
CA ASP D 119 -3.34 35.81 29.03
C ASP D 119 -2.39 34.72 28.60
N TYR D 120 -2.32 34.47 27.30
CA TYR D 120 -1.40 33.47 26.81
C TYR D 120 -0.13 34.13 26.31
N VAL D 121 1.01 33.61 26.76
CA VAL D 121 2.29 34.09 26.31
C VAL D 121 3.08 32.92 25.77
N MET D 122 3.45 32.98 24.49
CA MET D 122 4.21 31.91 23.88
C MET D 122 5.42 31.63 24.73
N THR D 123 5.46 30.42 25.29
CA THR D 123 6.55 30.01 26.19
C THR D 123 6.82 31.12 27.20
N ARG D 124 5.80 31.43 28.00
CA ARG D 124 5.89 32.48 29.02
C ARG D 124 7.22 32.40 29.78
N PRO D 125 8.04 33.43 29.64
CA PRO D 125 9.35 33.49 30.29
C PRO D 125 9.22 33.50 31.79
N PRO D 126 10.16 32.87 32.50
CA PRO D 126 10.13 32.81 33.97
C PRO D 126 10.14 34.19 34.57
N HIS D 127 9.69 34.32 35.82
CA HIS D 127 9.68 35.62 36.49
C HIS D 127 11.07 36.22 36.43
N GLY D 128 11.15 37.46 35.95
CA GLY D 128 12.41 38.16 35.82
C GLY D 128 12.37 39.28 34.80
N PRO D 129 13.50 39.52 34.14
CA PRO D 129 13.61 40.57 33.12
C PRO D 129 12.53 40.49 32.06
N LEU D 130 12.06 39.29 31.75
CA LEU D 130 11.04 39.11 30.72
C LEU D 130 9.65 38.81 31.30
N ASN D 131 9.55 38.84 32.63
CA ASN D 131 8.29 38.62 33.31
C ASN D 131 8.28 39.29 34.68
N PRO D 132 7.76 40.52 34.73
CA PRO D 132 7.71 41.28 35.97
C PRO D 132 6.43 41.03 36.77
N THR D 133 5.63 40.06 36.35
CA THR D 133 4.37 39.76 37.05
C THR D 133 4.59 38.76 38.18
N LYS D 134 3.53 38.54 38.95
CA LYS D 134 3.57 37.61 40.07
C LYS D 134 3.38 36.15 39.65
N THR D 135 3.03 35.93 38.39
CA THR D 135 2.77 34.58 37.89
C THR D 135 3.66 34.15 36.75
N ASP D 136 3.73 32.83 36.56
CA ASP D 136 4.50 32.21 35.49
C ASP D 136 4.17 30.73 35.43
N GLU D 137 4.81 30.00 34.52
CA GLU D 137 4.58 28.57 34.38
C GLU D 137 5.04 27.78 35.61
N THR D 138 5.81 28.42 36.48
CA THR D 138 6.30 27.78 37.71
C THR D 138 5.27 27.86 38.82
N THR D 139 4.74 29.06 39.03
CA THR D 139 3.72 29.29 40.06
C THR D 139 2.42 28.60 39.69
N ASP D 140 2.08 28.63 38.41
CA ASP D 140 0.85 28.01 37.92
C ASP D 140 0.86 26.50 38.21
N ALA D 141 2.00 25.86 37.98
CA ALA D 141 2.14 24.45 38.25
C ALA D 141 2.17 24.23 39.73
N TRP D 142 2.87 25.11 40.45
CA TRP D 142 2.96 25.03 41.90
C TRP D 142 1.58 25.05 42.53
N ASP D 143 0.74 25.98 42.07
CA ASP D 143 -0.62 26.09 42.56
C ASP D 143 -1.44 24.87 42.19
N THR D 144 -1.22 24.36 40.98
CA THR D 144 -1.92 23.18 40.50
C THR D 144 -1.59 21.99 41.38
N VAL D 145 -0.29 21.69 41.48
CA VAL D 145 0.16 20.57 42.29
C VAL D 145 -0.40 20.69 43.70
N ASP D 146 -0.43 21.92 44.22
CA ASP D 146 -0.96 22.18 45.55
C ASP D 146 -2.43 21.77 45.61
N TRP D 147 -3.25 22.36 44.73
CA TRP D 147 -4.67 22.06 44.68
C TRP D 147 -4.97 20.58 44.49
N LEU D 148 -4.14 19.91 43.71
CA LEU D 148 -4.35 18.50 43.45
C LEU D 148 -4.22 17.63 44.71
N VAL D 149 -3.14 17.83 45.48
CA VAL D 149 -2.93 17.04 46.69
C VAL D 149 -3.84 17.43 47.85
N HIS D 150 -4.82 18.28 47.58
CA HIS D 150 -5.76 18.73 48.59
C HIS D 150 -7.20 18.49 48.19
N ASN D 151 -7.45 18.34 46.89
CA ASN D 151 -8.81 18.14 46.41
C ASN D 151 -9.03 16.90 45.52
N VAL D 152 -8.20 15.87 45.73
CA VAL D 152 -8.32 14.60 45.00
C VAL D 152 -8.17 13.48 46.03
N PRO D 153 -9.29 13.17 46.72
CA PRO D 153 -9.33 12.18 47.80
C PRO D 153 -8.87 10.78 47.42
N GLU D 154 -9.08 10.40 46.16
CA GLU D 154 -8.69 9.09 45.69
C GLU D 154 -7.18 8.94 45.61
N SER D 155 -6.48 10.06 45.42
CA SER D 155 -5.02 10.08 45.30
C SER D 155 -4.29 10.09 46.63
N ASN D 156 -3.03 9.68 46.62
CA ASN D 156 -2.21 9.69 47.83
C ASN D 156 -1.40 10.96 47.96
N GLY D 157 -1.86 12.01 47.29
CA GLY D 157 -1.18 13.30 47.33
C GLY D 157 0.27 13.28 46.88
N ARG D 158 0.57 12.51 45.84
CA ARG D 158 1.91 12.42 45.28
C ARG D 158 1.84 12.76 43.80
N VAL D 159 2.52 13.81 43.40
CA VAL D 159 2.49 14.21 42.01
C VAL D 159 3.77 13.91 41.27
N GLY D 160 3.61 13.43 40.03
CA GLY D 160 4.71 13.15 39.12
C GLY D 160 4.40 13.97 37.87
N MET D 161 5.41 14.59 37.28
CA MET D 161 5.19 15.43 36.11
C MET D 161 5.86 14.93 34.84
N THR D 162 5.16 15.06 33.72
CA THR D 162 5.66 14.64 32.40
C THR D 162 4.99 15.39 31.24
N GLY D 163 5.51 15.19 30.04
CA GLY D 163 4.99 15.84 28.84
C GLY D 163 6.05 15.99 27.76
N SER D 164 5.64 16.04 26.51
CA SER D 164 6.58 16.18 25.41
C SER D 164 6.52 17.54 24.75
N SER D 165 7.69 18.06 24.36
CA SER D 165 7.82 19.37 23.71
C SER D 165 7.35 20.50 24.61
N TYR D 166 6.27 21.18 24.20
CA TYR D 166 5.71 22.25 25.01
C TYR D 166 5.24 21.63 26.32
N GLU D 167 4.61 20.46 26.22
CA GLU D 167 4.14 19.74 27.39
C GLU D 167 5.32 19.41 28.29
N GLY D 168 6.49 19.25 27.68
CA GLY D 168 7.70 18.98 28.43
C GLY D 168 8.29 20.29 28.94
N PHE D 169 8.02 21.37 28.21
CA PHE D 169 8.49 22.69 28.58
C PHE D 169 7.88 23.11 29.91
N THR D 170 6.59 22.82 30.08
CA THR D 170 5.89 23.13 31.32
C THR D 170 6.50 22.36 32.49
N VAL D 171 6.97 21.15 32.20
CA VAL D 171 7.59 20.30 33.22
C VAL D 171 8.86 20.96 33.72
N VAL D 172 9.73 21.36 32.78
CA VAL D 172 10.99 22.00 33.11
C VAL D 172 10.74 23.29 33.89
N MET D 173 9.76 24.07 33.44
CA MET D 173 9.42 25.32 34.11
C MET D 173 9.04 25.06 35.55
N ALA D 174 8.20 24.06 35.76
CA ALA D 174 7.74 23.70 37.10
C ALA D 174 8.90 23.22 37.97
N LEU D 175 9.97 22.77 37.32
CA LEU D 175 11.15 22.28 38.02
C LEU D 175 12.03 23.41 38.56
N LEU D 176 11.76 24.65 38.13
CA LEU D 176 12.52 25.81 38.63
C LEU D 176 12.26 25.99 40.13
N ASP D 177 11.00 25.86 40.51
CA ASP D 177 10.59 25.93 41.91
C ASP D 177 9.39 25.01 42.13
N PRO D 178 9.67 23.71 42.22
CA PRO D 178 8.62 22.69 42.38
C PRO D 178 7.93 22.72 43.74
N HIS D 179 6.67 22.30 43.74
CA HIS D 179 5.89 22.20 44.96
C HIS D 179 6.35 20.94 45.69
N PRO D 180 6.44 21.00 47.02
CA PRO D 180 6.88 19.85 47.83
C PRO D 180 6.29 18.52 47.37
N ALA D 181 5.01 18.53 46.99
CA ALA D 181 4.32 17.32 46.54
C ALA D 181 4.92 16.71 45.26
N LEU D 182 5.43 17.56 44.37
CA LEU D 182 6.05 17.09 43.14
C LEU D 182 7.24 16.20 43.53
N LYS D 183 7.04 14.89 43.48
CA LYS D 183 8.07 13.93 43.90
C LYS D 183 8.96 13.37 42.79
N VAL D 184 8.66 13.73 41.54
CA VAL D 184 9.45 13.24 40.40
C VAL D 184 9.03 13.89 39.07
N ALA D 185 10.01 14.06 38.18
CA ALA D 185 9.75 14.68 36.89
C ALA D 185 10.48 13.97 35.76
N ALA D 186 9.85 13.99 34.58
CA ALA D 186 10.42 13.37 33.38
C ALA D 186 9.99 14.16 32.16
N PRO D 187 10.78 15.17 31.81
CA PRO D 187 10.51 16.00 30.64
C PRO D 187 10.90 15.27 29.36
N GLU D 188 9.95 15.16 28.43
CA GLU D 188 10.17 14.49 27.17
C GLU D 188 10.37 15.52 26.07
N SER D 189 11.52 15.45 25.37
CA SER D 189 11.84 16.40 24.30
C SER D 189 11.27 17.77 24.61
N PRO D 190 11.77 18.41 25.67
CA PRO D 190 11.22 19.70 26.09
C PRO D 190 11.75 20.85 25.27
N MET D 191 11.07 21.98 25.34
CA MET D 191 11.48 23.17 24.65
C MET D 191 12.31 24.00 25.61
N VAL D 192 13.62 23.76 25.61
CA VAL D 192 14.52 24.46 26.54
C VAL D 192 15.15 25.74 25.98
N ASP D 193 15.73 25.66 24.78
CA ASP D 193 16.39 26.81 24.14
C ASP D 193 15.92 26.99 22.71
N GLY D 194 14.82 27.73 22.53
CA GLY D 194 14.25 27.95 21.22
C GLY D 194 15.17 28.60 20.19
N TRP D 195 16.22 29.26 20.65
CA TRP D 195 17.15 29.93 19.75
C TRP D 195 18.36 29.09 19.37
N MET D 196 19.01 28.50 20.37
CA MET D 196 20.21 27.71 20.12
C MET D 196 19.96 26.56 19.16
N GLY D 197 19.12 25.60 19.55
CA GLY D 197 18.85 24.46 18.69
C GLY D 197 17.59 23.69 18.98
N ASP D 198 16.51 24.39 19.27
CA ASP D 198 15.24 23.72 19.55
C ASP D 198 14.18 23.93 18.47
N ASP D 199 13.19 24.80 18.75
CA ASP D 199 12.07 25.00 17.83
C ASP D 199 12.16 26.17 16.83
N TRP D 200 12.53 27.35 17.31
CA TRP D 200 12.59 28.53 16.43
C TRP D 200 13.82 28.58 15.55
N PHE D 201 14.99 28.62 16.17
CA PHE D 201 16.25 28.69 15.43
C PHE D 201 17.16 27.52 15.75
N HIS D 202 18.16 27.36 14.89
CA HIS D 202 19.19 26.35 15.08
C HIS D 202 20.49 27.08 14.79
N TYR D 203 21.22 27.43 15.85
CA TYR D 203 22.46 28.16 15.71
C TYR D 203 22.25 29.42 14.90
N GLY D 204 21.13 30.08 15.11
CA GLY D 204 20.83 31.31 14.40
C GLY D 204 19.97 31.17 13.16
N ALA D 205 19.93 29.95 12.60
CA ALA D 205 19.13 29.71 11.41
C ALA D 205 17.65 29.53 11.75
N PHE D 206 16.80 30.31 11.08
CA PHE D 206 15.36 30.29 11.30
C PHE D 206 14.67 29.10 10.64
N ARG D 207 13.68 28.54 11.34
CA ARG D 207 12.90 27.41 10.84
C ARG D 207 11.49 27.87 10.43
N GLN D 208 11.31 28.09 9.13
CA GLN D 208 10.06 28.60 8.55
C GLN D 208 8.74 27.91 8.98
N GLY D 209 8.84 26.76 9.62
CA GLY D 209 7.66 26.04 10.06
C GLY D 209 6.95 26.72 11.21
N ALA D 210 7.59 27.75 11.78
CA ALA D 210 7.06 28.48 12.92
C ALA D 210 5.81 29.28 12.62
N PHE D 211 5.78 29.95 11.47
CA PHE D 211 4.63 30.79 11.11
C PHE D 211 3.30 30.05 11.21
N ASP D 212 3.29 28.79 10.78
CA ASP D 212 2.08 27.99 10.86
C ASP D 212 1.73 27.75 12.30
N TYR D 213 2.73 27.36 13.10
CA TYR D 213 2.53 27.10 14.52
C TYR D 213 2.05 28.35 15.23
N PHE D 214 2.50 29.51 14.75
CA PHE D 214 2.12 30.80 15.33
C PHE D 214 0.64 31.05 15.15
N VAL D 215 0.21 31.03 13.88
CA VAL D 215 -1.20 31.26 13.53
C VAL D 215 -2.13 30.24 14.17
N SER D 216 -1.61 29.06 14.44
CA SER D 216 -2.39 28.01 15.04
C SER D 216 -2.58 28.23 16.55
N GLN D 217 -1.46 28.27 17.29
CA GLN D 217 -1.47 28.41 18.74
C GLN D 217 -1.72 29.83 19.29
N MET D 218 -1.85 30.83 18.43
CA MET D 218 -2.03 32.20 18.94
C MET D 218 -3.14 33.02 18.27
N THR D 219 -3.87 32.42 17.33
CA THR D 219 -4.95 33.14 16.64
C THR D 219 -6.11 33.38 17.59
N ALA D 220 -6.37 32.40 18.45
CA ALA D 220 -7.46 32.49 19.44
C ALA D 220 -7.11 31.66 20.69
N ARG D 221 -7.87 31.87 21.76
CA ARG D 221 -7.67 31.12 22.99
C ARG D 221 -7.69 29.61 22.73
N GLY D 222 -8.67 29.19 21.92
CA GLY D 222 -8.80 27.79 21.58
C GLY D 222 -8.22 27.48 20.22
N GLY D 223 -8.91 26.62 19.47
CA GLY D 223 -8.48 26.24 18.14
C GLY D 223 -8.30 27.41 17.20
N GLY D 224 -7.14 27.47 16.56
CA GLY D 224 -6.86 28.51 15.60
C GLY D 224 -7.01 28.01 14.18
N ASN D 225 -6.21 28.55 13.28
CA ASN D 225 -6.23 28.13 11.88
C ASN D 225 -4.84 27.96 11.34
N ASP D 226 -4.73 27.66 10.07
CA ASP D 226 -3.43 27.52 9.44
C ASP D 226 -3.37 28.53 8.30
N ILE D 227 -2.17 28.83 7.85
CA ILE D 227 -2.00 29.79 6.77
C ILE D 227 -2.33 29.15 5.43
N PRO D 228 -3.40 29.64 4.79
CA PRO D 228 -3.79 29.12 3.48
C PRO D 228 -2.63 29.28 2.50
N ARG D 229 -2.39 28.27 1.67
CA ARG D 229 -1.27 28.30 0.73
C ARG D 229 -1.70 28.54 -0.71
N ARG D 230 -0.76 29.03 -1.50
CA ARG D 230 -1.01 29.30 -2.92
C ARG D 230 -0.67 28.06 -3.72
N ASP D 231 0.52 27.50 -3.45
CA ASP D 231 1.00 26.30 -4.12
C ASP D 231 0.92 25.11 -3.17
N ALA D 232 1.02 23.91 -3.71
CA ALA D 232 0.96 22.69 -2.89
C ALA D 232 2.32 22.43 -2.23
N ASP D 233 3.37 22.93 -2.87
CA ASP D 233 4.73 22.76 -2.39
C ASP D 233 5.17 23.99 -1.58
N ASP D 234 5.70 23.76 -0.38
CA ASP D 234 6.15 24.87 0.44
C ASP D 234 7.52 25.35 -0.02
N TYR D 235 8.22 24.49 -0.76
CA TYR D 235 9.50 24.84 -1.33
C TYR D 235 9.20 26.01 -2.24
N THR D 236 8.19 25.83 -3.09
CA THR D 236 7.76 26.86 -4.03
C THR D 236 7.18 28.09 -3.32
N ASN D 237 6.30 27.84 -2.35
CA ASN D 237 5.64 28.91 -1.62
C ASN D 237 6.61 29.86 -0.93
N PHE D 238 7.48 29.32 -0.09
CA PHE D 238 8.42 30.12 0.67
C PHE D 238 9.47 30.80 -0.21
N LEU D 239 9.79 30.18 -1.34
CA LEU D 239 10.79 30.71 -2.26
C LEU D 239 10.22 31.88 -3.02
N LYS D 240 8.99 31.75 -3.47
CA LYS D 240 8.32 32.82 -4.21
C LYS D 240 8.09 34.01 -3.33
N ALA D 241 8.06 33.78 -2.03
CA ALA D 241 7.87 34.85 -1.06
C ALA D 241 9.17 35.61 -0.88
N GLY D 242 10.28 34.88 -0.91
CA GLY D 242 11.59 35.49 -0.76
C GLY D 242 12.18 35.29 0.62
N SER D 243 11.85 36.18 1.53
CA SER D 243 12.36 36.11 2.90
C SER D 243 11.31 35.56 3.86
N ALA D 244 11.78 35.07 5.00
CA ALA D 244 10.89 34.53 6.02
C ALA D 244 9.92 35.61 6.48
N GLY D 245 10.44 36.83 6.64
CA GLY D 245 9.63 37.96 7.07
C GLY D 245 8.58 38.31 6.04
N SER D 246 8.93 38.18 4.76
CA SER D 246 7.98 38.48 3.68
C SER D 246 6.80 37.53 3.77
N PHE D 247 7.09 36.24 3.90
CA PHE D 247 6.05 35.24 4.01
C PHE D 247 5.16 35.53 5.21
N ALA D 248 5.79 35.86 6.33
CA ALA D 248 5.06 36.17 7.57
C ALA D 248 4.09 37.32 7.34
N THR D 249 4.59 38.38 6.71
CA THR D 249 3.77 39.56 6.45
C THR D 249 2.56 39.21 5.61
N GLN D 250 2.79 38.49 4.50
CA GLN D 250 1.69 38.10 3.62
C GLN D 250 0.68 37.21 4.35
N ALA D 251 1.18 36.36 5.24
CA ALA D 251 0.34 35.47 6.04
C ALA D 251 -0.47 36.28 7.06
N GLY D 252 -0.10 37.55 7.21
CA GLY D 252 -0.78 38.44 8.15
C GLY D 252 -0.33 38.17 9.56
N LEU D 253 0.97 38.00 9.75
CA LEU D 253 1.52 37.70 11.07
C LEU D 253 2.13 38.91 11.75
N ASP D 254 2.19 40.03 11.04
CA ASP D 254 2.77 41.25 11.60
C ASP D 254 1.95 41.76 12.78
N GLN D 255 0.71 41.31 12.88
CA GLN D 255 -0.17 41.72 13.96
C GLN D 255 -0.10 40.74 15.14
N TYR D 256 0.86 39.82 15.10
CA TYR D 256 1.03 38.83 16.15
C TYR D 256 2.20 39.18 17.09
N PRO D 257 1.87 39.64 18.30
CA PRO D 257 2.85 40.04 19.31
C PRO D 257 4.10 39.16 19.41
N PHE D 258 3.95 37.85 19.57
CA PHE D 258 5.14 36.99 19.70
C PHE D 258 6.05 37.10 18.48
N TRP D 259 5.45 37.16 17.29
CA TRP D 259 6.23 37.27 16.06
C TRP D 259 6.91 38.62 16.05
N GLN D 260 6.20 39.64 16.50
CA GLN D 260 6.77 40.98 16.56
C GLN D 260 8.06 40.95 17.38
N ARG D 261 8.02 40.24 18.50
CA ARG D 261 9.19 40.12 19.37
C ARG D 261 10.29 39.28 18.71
N MET D 262 9.91 38.15 18.13
CA MET D 262 10.88 37.27 17.47
C MET D 262 11.60 38.02 16.37
N HIS D 263 10.83 38.66 15.51
CA HIS D 263 11.35 39.42 14.40
C HIS D 263 12.35 40.45 14.90
N ALA D 264 12.03 41.08 16.02
CA ALA D 264 12.88 42.11 16.62
C ALA D 264 14.15 41.55 17.28
N HIS D 265 14.24 40.23 17.42
CA HIS D 265 15.41 39.62 18.06
C HIS D 265 16.01 38.44 17.26
N PRO D 266 16.50 38.72 16.05
CA PRO D 266 17.04 37.67 15.18
C PRO D 266 18.27 36.97 15.76
N ALA D 267 19.03 37.67 16.60
CA ALA D 267 20.24 37.11 17.20
C ALA D 267 20.04 36.73 18.65
N TYR D 268 20.99 35.96 19.18
CA TYR D 268 20.95 35.49 20.56
C TYR D 268 21.19 36.60 21.59
N ASP D 269 20.29 37.58 21.62
CA ASP D 269 20.46 38.68 22.56
C ASP D 269 19.88 38.36 23.94
N ALA D 270 19.45 39.40 24.65
CA ALA D 270 18.91 39.25 25.99
C ALA D 270 17.58 38.52 26.02
N PHE D 271 16.73 38.82 25.04
CA PHE D 271 15.41 38.22 24.95
C PHE D 271 15.44 36.70 24.97
N TRP D 272 16.40 36.11 24.28
CA TRP D 272 16.49 34.68 24.21
C TRP D 272 17.24 34.10 25.40
N GLN D 273 18.34 34.73 25.78
CA GLN D 273 19.17 34.26 26.88
C GLN D 273 18.41 34.13 28.19
N GLY D 274 17.46 35.03 28.41
CA GLY D 274 16.65 35.00 29.62
C GLY D 274 15.57 33.94 29.54
N GLN D 275 15.56 33.19 28.44
CA GLN D 275 14.58 32.15 28.22
C GLN D 275 15.23 30.78 28.10
N ALA D 276 16.56 30.75 27.99
CA ALA D 276 17.31 29.49 27.87
C ALA D 276 17.30 28.71 29.18
N LEU D 277 16.24 27.91 29.35
CA LEU D 277 15.99 27.15 30.58
C LEU D 277 17.14 26.30 31.16
N ASP D 278 17.95 25.69 30.30
CA ASP D 278 19.06 24.84 30.78
C ASP D 278 20.00 25.59 31.72
N LYS D 279 20.46 26.77 31.27
CA LYS D 279 21.35 27.58 32.07
C LYS D 279 20.63 28.07 33.33
N ILE D 280 19.36 28.41 33.18
CA ILE D 280 18.56 28.90 34.29
C ILE D 280 18.31 27.81 35.33
N LEU D 281 17.87 26.64 34.88
CA LEU D 281 17.57 25.53 35.77
C LEU D 281 18.79 25.08 36.56
N ALA D 282 19.96 25.16 35.93
CA ALA D 282 21.20 24.75 36.57
C ALA D 282 21.58 25.73 37.68
N GLN D 283 21.11 26.97 37.56
CA GLN D 283 21.36 27.98 38.58
C GLN D 283 20.48 27.72 39.80
N ARG D 284 19.32 27.12 39.55
CA ARG D 284 18.33 26.82 40.58
C ARG D 284 18.76 25.71 41.53
N LYS D 285 19.58 24.78 41.05
CA LYS D 285 20.04 23.62 41.84
C LYS D 285 18.85 22.91 42.49
N PRO D 286 18.02 22.26 41.68
CA PRO D 286 16.83 21.57 42.19
C PRO D 286 17.17 20.21 42.81
N THR D 287 16.18 19.57 43.43
CA THR D 287 16.40 18.28 44.07
C THR D 287 15.40 17.20 43.67
N VAL D 288 14.49 17.52 42.75
CA VAL D 288 13.51 16.55 42.29
C VAL D 288 14.15 15.61 41.26
N PRO D 289 14.07 14.31 41.51
CA PRO D 289 14.63 13.29 40.61
C PRO D 289 14.18 13.50 39.16
N MET D 290 15.13 13.58 38.24
CA MET D 290 14.78 13.84 36.85
C MET D 290 15.13 12.72 35.88
N LEU D 291 14.31 12.62 34.84
CA LEU D 291 14.52 11.65 33.78
C LEU D 291 14.36 12.38 32.47
N TRP D 292 15.48 12.89 31.94
CA TRP D 292 15.46 13.64 30.68
C TRP D 292 15.45 12.71 29.47
N GLU D 293 14.54 12.98 28.53
CA GLU D 293 14.41 12.17 27.31
C GLU D 293 14.28 13.02 26.04
N GLN D 294 14.79 12.48 24.94
CA GLN D 294 14.68 13.11 23.63
C GLN D 294 15.08 12.08 22.60
N GLY D 295 14.56 12.22 21.40
CA GLY D 295 14.89 11.28 20.35
C GLY D 295 16.27 11.48 19.78
N LEU D 296 16.89 10.38 19.35
CA LEU D 296 18.20 10.46 18.73
C LEU D 296 18.03 11.24 17.44
N TRP D 297 16.89 11.01 16.78
CA TRP D 297 16.55 11.70 15.57
C TRP D 297 15.40 12.69 15.84
N ASP D 298 15.50 13.43 16.94
CA ASP D 298 14.49 14.39 17.34
C ASP D 298 14.48 15.61 16.41
N GLN D 299 13.51 15.66 15.50
CA GLN D 299 13.45 16.73 14.52
C GLN D 299 12.88 18.07 15.03
N GLU D 300 12.38 18.10 16.27
CA GLU D 300 11.77 19.35 16.80
C GLU D 300 12.44 19.95 18.06
N ASP D 301 13.11 19.13 18.86
CA ASP D 301 13.74 19.62 20.09
C ASP D 301 15.03 18.87 20.44
N MET D 302 16.00 18.95 19.53
CA MET D 302 17.29 18.26 19.69
C MET D 302 18.19 18.87 20.79
N TRP D 303 17.98 20.16 21.09
CA TRP D 303 18.78 20.84 22.10
C TRP D 303 18.34 20.50 23.53
N GLY D 304 17.31 21.21 23.99
CA GLY D 304 16.74 21.05 25.32
C GLY D 304 17.21 19.91 26.20
N ALA D 305 16.47 18.79 26.14
CA ALA D 305 16.75 17.59 26.96
C ALA D 305 18.20 17.39 27.33
N ILE D 306 19.00 16.98 26.36
CA ILE D 306 20.43 16.71 26.60
C ILE D 306 21.18 17.90 27.24
N HIS D 307 20.90 19.11 26.79
CA HIS D 307 21.57 20.30 27.32
C HIS D 307 21.15 20.66 28.74
N ALA D 308 19.90 20.42 29.08
CA ALA D 308 19.42 20.71 30.42
C ALA D 308 20.00 19.68 31.38
N TRP D 309 20.09 18.44 30.91
CA TRP D 309 20.61 17.33 31.70
C TRP D 309 22.09 17.51 31.96
N GLN D 310 22.83 17.90 30.91
CA GLN D 310 24.28 18.12 31.00
C GLN D 310 24.59 19.31 31.89
N ALA D 311 23.70 20.31 31.84
CA ALA D 311 23.87 21.49 32.66
C ALA D 311 23.80 21.09 34.11
N LEU D 312 22.91 20.14 34.43
CA LEU D 312 22.77 19.66 35.80
C LEU D 312 23.97 18.82 36.20
N LYS D 313 24.34 17.86 35.35
CA LYS D 313 25.50 17.02 35.61
C LYS D 313 26.68 17.95 35.95
N ASP D 314 26.94 18.92 35.06
CA ASP D 314 28.03 19.88 35.24
C ASP D 314 27.88 20.67 36.54
N ALA D 315 26.64 21.00 36.89
CA ALA D 315 26.38 21.77 38.09
C ALA D 315 26.35 20.90 39.34
N ASP D 316 26.93 19.69 39.24
CA ASP D 316 26.96 18.73 40.35
C ASP D 316 25.66 18.80 41.14
N VAL D 317 24.55 18.50 40.45
CA VAL D 317 23.22 18.52 41.04
C VAL D 317 23.08 17.43 42.09
N LYS D 318 22.37 17.73 43.17
CA LYS D 318 22.15 16.78 44.24
C LYS D 318 20.80 16.05 44.04
N ALA D 319 20.74 15.18 43.02
CA ALA D 319 19.52 14.43 42.71
C ALA D 319 19.66 13.55 41.46
N PRO D 320 18.90 12.44 41.39
CA PRO D 320 18.90 11.56 40.21
C PRO D 320 18.71 12.37 38.93
N ASN D 321 19.55 12.12 37.93
CA ASN D 321 19.50 12.88 36.70
C ASN D 321 19.93 12.03 35.52
N THR D 322 19.05 11.15 35.07
CA THR D 322 19.37 10.26 33.96
C THR D 322 18.89 10.80 32.62
N LEU D 323 19.68 10.56 31.58
CA LEU D 323 19.34 10.98 30.24
C LEU D 323 18.93 9.78 29.41
N VAL D 324 17.80 9.88 28.73
CA VAL D 324 17.32 8.79 27.91
C VAL D 324 17.24 9.21 26.44
N MET D 325 17.83 8.41 25.57
CA MET D 325 17.82 8.69 24.15
C MET D 325 17.56 7.41 23.35
N GLY D 326 16.35 7.30 22.80
CA GLY D 326 15.98 6.16 22.00
C GLY D 326 15.98 6.50 20.52
N PRO D 327 15.78 5.51 19.67
CA PRO D 327 15.82 5.73 18.23
C PRO D 327 14.47 6.23 17.75
N TRP D 328 14.06 7.38 18.28
CA TRP D 328 12.77 7.92 17.94
C TRP D 328 12.85 9.32 17.37
N ARG D 329 11.72 9.78 16.82
CA ARG D 329 11.60 11.12 16.31
C ARG D 329 11.00 11.94 17.43
N HIS D 330 10.70 13.20 17.17
CA HIS D 330 10.11 14.07 18.19
C HIS D 330 8.90 13.42 18.85
N SER D 331 8.80 13.55 20.17
CA SER D 331 7.69 12.99 20.95
C SER D 331 7.46 11.50 20.66
N GLY D 332 8.35 10.91 19.86
CA GLY D 332 8.24 9.50 19.47
C GLY D 332 8.23 8.50 20.60
N VAL D 333 8.65 8.93 21.79
CA VAL D 333 8.70 8.06 22.96
C VAL D 333 7.31 7.63 23.44
N ASN D 334 6.31 8.46 23.13
CA ASN D 334 4.95 8.16 23.56
C ASN D 334 4.13 7.44 22.50
N TYR D 335 4.81 6.74 21.61
CA TYR D 335 4.14 5.97 20.56
C TYR D 335 4.91 4.67 20.32
N ASN D 336 4.92 4.17 19.09
CA ASN D 336 5.63 2.93 18.80
C ASN D 336 7.01 3.20 18.27
N GLY D 337 8.02 2.67 18.97
CA GLY D 337 9.41 2.88 18.59
C GLY D 337 10.06 1.70 17.87
N SER D 338 9.28 0.99 17.06
CA SER D 338 9.80 -0.17 16.33
C SER D 338 10.54 0.24 15.06
N THR D 339 10.13 1.36 14.48
CA THR D 339 10.74 1.83 13.24
C THR D 339 10.73 3.34 13.12
N LEU D 340 11.61 3.85 12.27
CA LEU D 340 11.66 5.24 11.93
C LEU D 340 12.06 5.29 10.47
N GLY D 341 11.12 5.60 9.60
CA GLY D 341 11.38 5.61 8.17
C GLY D 341 11.68 4.18 7.74
N PRO D 342 12.68 4.01 6.88
CA PRO D 342 13.08 2.69 6.40
C PRO D 342 13.88 1.91 7.44
N LEU D 343 14.20 2.54 8.56
CA LEU D 343 14.97 1.89 9.61
C LEU D 343 14.12 0.97 10.44
N GLU D 344 14.70 -0.17 10.84
CA GLU D 344 14.00 -1.15 11.66
C GLU D 344 14.78 -1.44 12.95
N PHE D 345 14.18 -1.11 14.09
CA PHE D 345 14.82 -1.33 15.38
C PHE D 345 14.32 -2.60 16.04
N GLU D 346 14.95 -2.99 17.13
CA GLU D 346 14.57 -4.21 17.84
C GLU D 346 13.39 -4.02 18.79
N GLY D 347 12.19 -4.33 18.29
CA GLY D 347 10.98 -4.21 19.08
C GLY D 347 10.57 -2.78 19.31
N ASP D 348 9.49 -2.58 20.05
CA ASP D 348 8.99 -1.25 20.37
C ASP D 348 9.85 -0.61 21.45
N THR D 349 10.97 -0.02 21.02
CA THR D 349 11.91 0.61 21.92
C THR D 349 11.26 1.67 22.80
N ALA D 350 10.25 2.34 22.28
CA ALA D 350 9.56 3.36 23.05
C ALA D 350 8.84 2.71 24.22
N HIS D 351 8.01 1.71 23.92
CA HIS D 351 7.28 1.00 24.96
C HIS D 351 8.26 0.41 25.98
N GLN D 352 9.35 -0.18 25.48
CA GLN D 352 10.37 -0.78 26.34
C GLN D 352 10.78 0.18 27.45
N TYR D 353 11.17 1.39 27.07
CA TYR D 353 11.59 2.41 28.03
C TYR D 353 10.44 2.80 28.96
N ARG D 354 9.26 2.95 28.38
CA ARG D 354 8.07 3.31 29.13
C ARG D 354 7.78 2.28 30.22
N ARG D 355 8.06 1.02 29.90
CA ARG D 355 7.78 -0.09 30.81
C ARG D 355 8.93 -0.45 31.74
N ASP D 356 10.15 -0.44 31.21
CA ASP D 356 11.32 -0.84 32.00
C ASP D 356 12.09 0.26 32.75
N VAL D 357 12.02 1.50 32.26
CA VAL D 357 12.75 2.58 32.92
C VAL D 357 11.80 3.65 33.47
N PHE D 358 11.03 4.25 32.59
CA PHE D 358 10.10 5.32 32.95
C PHE D 358 9.22 4.94 34.14
N ARG D 359 8.34 3.97 33.93
CA ARG D 359 7.39 3.53 34.96
C ARG D 359 8.02 3.18 36.32
N PRO D 360 8.95 2.22 36.36
CA PRO D 360 9.61 1.85 37.63
C PRO D 360 10.18 3.08 38.33
N PHE D 361 10.80 3.98 37.56
CA PHE D 361 11.39 5.21 38.10
C PHE D 361 10.33 6.05 38.80
N PHE D 362 9.23 6.28 38.11
CA PHE D 362 8.14 7.07 38.66
C PHE D 362 7.50 6.35 39.84
N ASP D 363 7.46 5.02 39.76
CA ASP D 363 6.89 4.20 40.83
C ASP D 363 7.64 4.41 42.14
N GLU D 364 8.99 4.42 42.05
CA GLU D 364 9.87 4.58 43.22
C GLU D 364 9.52 5.77 44.12
N TYR D 365 9.22 6.91 43.52
CA TYR D 365 8.94 8.13 44.28
C TYR D 365 7.46 8.47 44.40
N LEU D 366 6.60 7.69 43.75
CA LEU D 366 5.16 7.97 43.79
C LEU D 366 4.35 6.86 44.44
N LYS D 367 4.89 5.66 44.41
CA LYS D 367 4.25 4.50 45.03
C LYS D 367 5.21 3.99 46.10
N PRO D 368 5.08 4.55 47.31
CA PRO D 368 5.98 4.19 48.42
C PRO D 368 6.00 2.71 48.65
N GLY D 369 7.19 2.16 48.83
CA GLY D 369 7.34 0.73 49.02
C GLY D 369 7.78 0.07 47.71
N SER D 370 7.68 0.83 46.62
CA SER D 370 8.07 0.34 45.31
C SER D 370 9.57 0.08 45.27
N ALA D 371 9.98 -0.91 44.48
CA ALA D 371 11.38 -1.28 44.35
C ALA D 371 12.18 -0.11 43.79
N SER D 372 13.25 0.27 44.50
CA SER D 372 14.10 1.37 44.05
C SER D 372 14.90 0.96 42.82
N VAL D 373 15.10 1.91 41.92
CA VAL D 373 15.88 1.63 40.73
C VAL D 373 17.09 2.54 40.68
N HIS D 374 18.18 2.03 40.16
CA HIS D 374 19.42 2.79 40.07
C HIS D 374 19.84 2.97 38.60
N LEU D 375 19.44 4.10 38.04
CA LEU D 375 19.74 4.41 36.66
C LEU D 375 21.11 5.03 36.52
N PRO D 376 21.80 4.70 35.43
CA PRO D 376 23.14 5.23 35.17
C PRO D 376 23.10 6.67 34.67
N ASP D 377 24.24 7.17 34.19
CA ASP D 377 24.34 8.52 33.65
C ASP D 377 23.30 8.71 32.58
N ALA D 378 23.34 7.85 31.56
CA ALA D 378 22.42 7.91 30.46
C ALA D 378 22.11 6.54 29.88
N ILE D 379 20.86 6.35 29.50
CA ILE D 379 20.44 5.13 28.85
C ILE D 379 20.14 5.51 27.42
N ILE D 380 21.01 5.09 26.52
CA ILE D 380 20.86 5.44 25.11
C ILE D 380 20.81 4.20 24.25
N TYR D 381 19.89 4.19 23.30
CA TYR D 381 19.78 3.07 22.39
C TYR D 381 20.92 3.15 21.41
N ASN D 382 21.45 2.00 21.02
CA ASN D 382 22.55 1.96 20.07
C ASN D 382 22.03 1.70 18.67
N THR D 383 22.22 2.67 17.78
CA THR D 383 21.73 2.55 16.40
C THR D 383 22.60 1.67 15.51
N GLY D 384 23.62 1.07 16.09
CA GLY D 384 24.50 0.18 15.35
C GLY D 384 24.28 -1.25 15.79
N ASP D 385 24.52 -1.51 17.07
CA ASP D 385 24.33 -2.83 17.66
C ASP D 385 22.87 -3.21 17.68
N GLN D 386 22.02 -2.19 17.66
CA GLN D 386 20.56 -2.37 17.73
C GLN D 386 20.18 -2.93 19.09
N LYS D 387 20.76 -2.35 20.14
CA LYS D 387 20.48 -2.76 21.51
C LYS D 387 20.53 -1.53 22.41
N TRP D 388 20.21 -1.70 23.68
CA TRP D 388 20.24 -0.58 24.61
C TRP D 388 21.57 -0.54 25.34
N ASP D 389 22.11 0.67 25.51
CA ASP D 389 23.37 0.85 26.20
C ASP D 389 23.12 1.56 27.51
N TYR D 390 23.66 1.01 28.60
CA TYR D 390 23.52 1.64 29.91
C TYR D 390 24.87 2.13 30.32
N TYR D 391 25.08 3.43 30.22
CA TYR D 391 26.36 4.02 30.55
C TYR D 391 26.39 4.59 31.95
N ARG D 392 27.15 3.93 32.82
CA ARG D 392 27.34 4.38 34.21
C ARG D 392 27.81 5.83 34.19
N SER D 393 28.75 6.11 33.29
CA SER D 393 29.28 7.44 33.09
C SER D 393 29.23 7.77 31.59
N TRP D 394 28.57 8.88 31.24
CA TRP D 394 28.44 9.30 29.84
C TRP D 394 28.39 10.81 29.72
N PRO D 395 29.09 11.38 28.73
CA PRO D 395 29.87 10.62 27.76
C PRO D 395 31.25 10.20 28.26
N SER D 396 31.82 9.20 27.60
CA SER D 396 33.14 8.70 27.94
C SER D 396 34.20 9.66 27.41
N VAL D 397 33.85 10.32 26.30
CA VAL D 397 34.74 11.27 25.66
C VAL D 397 34.03 12.57 25.29
N CYS D 398 34.70 13.68 25.52
CA CYS D 398 34.18 14.99 25.13
C CYS D 398 35.38 15.88 24.84
N GLU D 399 35.24 17.19 25.05
CA GLU D 399 36.37 18.09 24.76
C GLU D 399 37.15 18.55 26.00
N SER D 400 36.44 18.73 27.11
CA SER D 400 37.06 19.15 28.38
C SER D 400 36.47 18.37 29.55
N ASN D 401 37.35 17.74 30.32
CA ASN D 401 36.95 16.93 31.49
C ASN D 401 36.15 15.70 31.08
N CYS D 402 36.88 14.72 30.58
CA CYS D 402 36.29 13.46 30.16
C CYS D 402 37.41 12.46 30.09
N THR D 403 37.16 11.27 30.59
CA THR D 403 38.14 10.19 30.58
C THR D 403 39.07 10.27 29.36
N GLY D 404 38.46 10.43 28.19
CA GLY D 404 39.21 10.54 26.95
C GLY D 404 38.75 11.72 26.10
N GLY D 405 39.39 11.91 24.96
CA GLY D 405 39.04 13.01 24.07
C GLY D 405 38.48 12.48 22.77
N LEU D 406 37.93 13.38 21.95
CA LEU D 406 37.36 12.98 20.66
C LEU D 406 38.44 12.70 19.65
N THR D 407 38.10 11.88 18.66
CA THR D 407 39.03 11.53 17.60
C THR D 407 38.56 12.16 16.30
N PRO D 408 39.38 13.06 15.75
CA PRO D 408 39.03 13.79 14.52
C PRO D 408 39.04 12.96 13.24
N LEU D 409 37.96 13.08 12.47
CA LEU D 409 37.86 12.43 11.17
C LEU D 409 38.13 13.55 10.16
N TYR D 410 39.34 13.57 9.63
CA TYR D 410 39.76 14.61 8.70
C TYR D 410 39.26 14.43 7.29
N LEU D 411 39.01 15.56 6.63
CA LEU D 411 38.62 15.55 5.24
C LEU D 411 39.93 15.51 4.49
N ALA D 412 39.93 14.99 3.26
CA ALA D 412 41.15 14.92 2.48
C ALA D 412 40.88 15.02 1.00
N ASP D 413 41.95 14.91 0.23
CA ASP D 413 41.86 14.94 -1.22
C ASP D 413 41.12 13.69 -1.65
N GLY D 414 40.62 13.71 -2.89
CA GLY D 414 39.87 12.59 -3.44
C GLY D 414 38.51 12.47 -2.77
N HIS D 415 38.06 13.58 -2.18
CA HIS D 415 36.78 13.65 -1.49
C HIS D 415 36.68 12.54 -0.44
N GLY D 416 37.80 12.20 0.15
CA GLY D 416 37.84 11.15 1.15
C GLY D 416 37.80 11.64 2.57
N LEU D 417 37.88 10.69 3.49
CA LEU D 417 37.87 10.98 4.91
C LEU D 417 38.87 10.05 5.59
N SER D 418 39.74 10.61 6.42
CA SER D 418 40.74 9.78 7.11
C SER D 418 41.05 10.26 8.50
N PHE D 419 41.32 9.32 9.40
CA PHE D 419 41.66 9.66 10.78
C PHE D 419 43.09 10.20 10.87
N THR D 420 43.88 9.95 9.82
CA THR D 420 45.26 10.42 9.73
C THR D 420 45.31 11.82 9.14
N HIS D 421 45.76 12.79 9.95
CA HIS D 421 45.85 14.20 9.53
C HIS D 421 46.62 14.39 8.22
N PRO D 422 45.93 14.88 7.18
CA PRO D 422 46.57 15.13 5.89
C PRO D 422 47.57 16.27 6.00
N ALA D 423 48.84 15.97 5.70
CA ALA D 423 49.92 16.96 5.80
C ALA D 423 49.74 18.11 4.83
N ALA D 424 49.43 17.77 3.58
CA ALA D 424 49.23 18.76 2.52
C ALA D 424 48.03 19.67 2.81
N ASP D 425 47.90 20.72 2.01
CA ASP D 425 46.76 21.62 2.12
C ASP D 425 45.85 21.35 0.94
N GLY D 426 44.54 21.49 1.17
CA GLY D 426 43.58 21.26 0.12
C GLY D 426 42.31 22.04 0.31
N ALA D 427 41.49 22.06 -0.73
CA ALA D 427 40.22 22.77 -0.70
C ALA D 427 39.32 22.25 -1.80
N ASP D 428 38.02 22.22 -1.52
CA ASP D 428 37.01 21.81 -2.49
C ASP D 428 36.00 22.91 -2.51
N SER D 429 35.56 23.32 -3.69
CA SER D 429 34.62 24.41 -3.77
C SER D 429 33.31 24.03 -4.44
N TYR D 430 32.22 24.43 -3.80
CA TYR D 430 30.90 24.22 -4.34
C TYR D 430 30.19 25.56 -4.38
N VAL D 431 29.42 25.80 -5.44
CA VAL D 431 28.72 27.07 -5.59
C VAL D 431 27.29 27.01 -5.04
N SER D 432 27.03 27.78 -3.98
CA SER D 432 25.72 27.81 -3.36
C SER D 432 24.88 28.91 -3.96
N ASP D 433 23.77 28.54 -4.60
CA ASP D 433 22.90 29.50 -5.26
C ASP D 433 21.53 29.58 -4.60
N PRO D 434 21.26 30.71 -3.93
CA PRO D 434 19.98 30.93 -3.23
C PRO D 434 18.74 30.78 -4.11
N ALA D 435 18.89 30.94 -5.42
CA ALA D 435 17.77 30.79 -6.33
C ALA D 435 17.40 29.32 -6.50
N HIS D 436 18.29 28.44 -6.04
CA HIS D 436 18.09 26.99 -6.10
C HIS D 436 18.62 26.34 -4.83
N PRO D 437 17.93 26.59 -3.71
CA PRO D 437 18.36 26.06 -2.42
C PRO D 437 18.14 24.58 -2.34
N VAL D 438 19.02 23.90 -1.62
CA VAL D 438 18.93 22.47 -1.46
C VAL D 438 17.70 22.13 -0.62
N PRO D 439 16.84 21.26 -1.14
CA PRO D 439 15.64 20.84 -0.42
C PRO D 439 16.04 19.92 0.72
N PHE D 440 15.62 20.23 1.96
CA PHE D 440 15.98 19.39 3.09
C PHE D 440 15.46 17.97 2.92
N ILE D 441 14.39 17.84 2.15
CA ILE D 441 13.82 16.55 1.75
C ILE D 441 13.21 16.72 0.38
N SER D 442 13.22 15.63 -0.40
CA SER D 442 12.70 15.63 -1.78
C SER D 442 11.39 16.40 -1.98
N ARG D 443 11.31 17.13 -3.09
CA ARG D 443 10.14 17.91 -3.43
C ARG D 443 9.04 17.01 -4.00
N PRO D 444 7.79 17.39 -3.80
CA PRO D 444 7.41 18.58 -3.04
C PRO D 444 7.14 18.30 -1.58
N PHE D 445 7.28 19.33 -0.75
CA PHE D 445 7.01 19.19 0.67
C PHE D 445 6.38 20.44 1.23
N ALA D 446 5.32 20.23 2.00
CA ALA D 446 4.61 21.30 2.68
C ALA D 446 4.60 20.96 4.14
N PHE D 447 4.85 21.95 5.00
CA PHE D 447 4.88 21.74 6.44
C PHE D 447 3.64 21.04 6.95
N ALA D 448 2.57 21.12 6.18
CA ALA D 448 1.31 20.48 6.54
C ALA D 448 1.42 18.97 6.45
N GLN D 449 2.37 18.49 5.65
CA GLN D 449 2.60 17.05 5.48
C GLN D 449 3.38 16.49 6.67
N SER D 450 2.66 16.25 7.76
CA SER D 450 3.27 15.72 8.96
C SER D 450 3.83 14.32 8.71
N SER D 451 3.20 13.61 7.78
CA SER D 451 3.62 12.28 7.41
C SER D 451 5.09 12.25 6.99
N ARG D 452 5.55 13.34 6.37
CA ARG D 452 6.93 13.43 5.88
C ARG D 452 7.86 14.24 6.77
N TRP D 453 7.30 15.08 7.63
CA TRP D 453 8.11 15.90 8.52
C TRP D 453 8.74 15.07 9.64
N LYS D 454 7.94 14.24 10.28
CA LYS D 454 8.38 13.41 11.40
C LYS D 454 9.70 12.60 11.18
N PRO D 455 9.81 11.84 10.10
CA PRO D 455 11.01 11.03 9.86
C PRO D 455 11.95 11.62 8.81
N TRP D 456 12.10 12.94 8.76
CA TRP D 456 12.97 13.54 7.75
C TRP D 456 14.46 13.38 8.04
N LEU D 457 14.79 13.21 9.31
CA LEU D 457 16.19 13.08 9.72
C LEU D 457 16.82 11.73 9.40
N VAL D 458 16.02 10.77 8.96
CA VAL D 458 16.54 9.45 8.62
C VAL D 458 16.44 9.18 7.11
N GLN D 459 16.12 10.23 6.36
CA GLN D 459 15.97 10.13 4.92
C GLN D 459 17.29 9.98 4.19
N ASP D 460 17.23 9.38 3.01
CA ASP D 460 18.43 9.14 2.19
C ASP D 460 19.02 10.42 1.66
N GLN D 461 20.24 10.71 2.07
CA GLN D 461 20.96 11.91 1.65
C GLN D 461 21.65 11.77 0.29
N ARG D 462 21.18 10.83 -0.54
CA ARG D 462 21.77 10.60 -1.84
C ARG D 462 21.43 11.71 -2.83
N GLU D 463 20.23 12.28 -2.70
CA GLU D 463 19.81 13.37 -3.58
C GLU D 463 20.75 14.54 -3.42
N ALA D 464 21.06 14.88 -2.17
CA ALA D 464 21.97 15.96 -1.88
C ALA D 464 23.31 15.71 -2.55
N GLU D 465 23.85 14.51 -2.33
CA GLU D 465 25.13 14.10 -2.91
C GLU D 465 25.18 14.32 -4.43
N SER D 466 24.04 14.09 -5.10
CA SER D 466 23.96 14.21 -6.55
C SER D 466 24.01 15.64 -7.05
N ARG D 467 23.72 16.60 -6.17
CA ARG D 467 23.74 18.00 -6.54
C ARG D 467 25.17 18.54 -6.62
N PRO D 468 25.39 19.54 -7.48
CA PRO D 468 26.69 20.17 -7.60
C PRO D 468 26.93 21.23 -6.53
N ASP D 469 25.92 21.51 -5.71
CA ASP D 469 26.05 22.50 -4.64
C ASP D 469 26.08 21.87 -3.25
N VAL D 470 26.64 20.65 -3.18
CA VAL D 470 26.77 19.91 -1.94
C VAL D 470 28.08 19.14 -1.98
N VAL D 471 29.02 19.48 -1.10
CA VAL D 471 30.31 18.77 -1.09
C VAL D 471 30.21 17.50 -0.24
N THR D 472 30.64 16.38 -0.82
CA THR D 472 30.55 15.07 -0.15
C THR D 472 31.90 14.40 0.06
N TYR D 473 32.08 13.83 1.25
CA TYR D 473 33.31 13.13 1.59
C TYR D 473 32.98 11.79 2.22
N GLU D 474 33.83 10.80 1.99
CA GLU D 474 33.59 9.46 2.54
C GLU D 474 34.85 8.62 2.78
N THR D 475 34.76 7.74 3.77
CA THR D 475 35.85 6.82 4.09
C THR D 475 35.70 5.60 3.21
N GLU D 476 36.75 4.80 3.10
CA GLU D 476 36.72 3.58 2.30
C GLU D 476 35.79 2.59 2.99
N VAL D 477 35.30 1.60 2.24
CA VAL D 477 34.43 0.58 2.82
C VAL D 477 35.12 0.06 4.08
N LEU D 478 34.46 0.23 5.22
CA LEU D 478 35.02 -0.18 6.50
C LEU D 478 35.51 -1.64 6.53
N ASP D 479 36.75 -1.82 6.98
CA ASP D 479 37.37 -3.13 7.10
C ASP D 479 37.19 -3.58 8.53
N GLU D 480 36.97 -2.59 9.40
CA GLU D 480 36.79 -2.80 10.81
C GLU D 480 35.78 -1.76 11.28
N PRO D 481 34.92 -2.13 12.23
CA PRO D 481 33.88 -1.22 12.71
C PRO D 481 34.41 -0.09 13.59
N VAL D 482 33.81 1.08 13.45
CA VAL D 482 34.19 2.26 14.21
C VAL D 482 33.07 2.60 15.17
N ARG D 483 33.33 2.45 16.47
CA ARG D 483 32.30 2.72 17.48
C ARG D 483 32.35 4.15 18.00
N VAL D 484 31.21 4.83 17.94
CA VAL D 484 31.11 6.21 18.39
C VAL D 484 29.97 6.40 19.39
N SER D 485 30.19 7.27 20.37
CA SER D 485 29.18 7.55 21.38
C SER D 485 29.48 8.87 22.08
N GLY D 486 28.69 9.88 21.77
CA GLY D 486 28.88 11.19 22.37
C GLY D 486 28.33 12.29 21.50
N VAL D 487 28.87 13.50 21.66
CA VAL D 487 28.41 14.64 20.90
C VAL D 487 29.49 15.07 19.92
N PRO D 488 29.33 14.70 18.65
CA PRO D 488 30.31 15.07 17.61
C PRO D 488 30.38 16.58 17.43
N VAL D 489 31.59 17.11 17.30
CA VAL D 489 31.79 18.53 17.11
C VAL D 489 32.30 18.82 15.71
N ALA D 490 31.64 19.75 15.02
CA ALA D 490 32.03 20.09 13.67
C ALA D 490 33.12 21.15 13.64
N ASP D 491 34.35 20.72 13.32
CA ASP D 491 35.47 21.63 13.22
C ASP D 491 35.62 22.02 11.75
N LEU D 492 34.96 23.11 11.39
CA LEU D 492 34.91 23.55 10.02
C LEU D 492 35.91 24.66 9.65
N PHE D 493 36.48 24.53 8.46
CA PHE D 493 37.39 25.53 7.92
C PHE D 493 36.86 25.88 6.55
N ALA D 494 35.85 26.76 6.53
CA ALA D 494 35.19 27.11 5.29
C ALA D 494 35.28 28.57 4.92
N ALA D 495 35.27 28.81 3.61
CA ALA D 495 35.35 30.16 3.06
C ALA D 495 34.25 30.40 2.02
N THR D 496 33.58 31.54 2.14
CA THR D 496 32.53 31.91 1.18
C THR D 496 32.90 33.19 0.44
N SER D 497 32.50 33.28 -0.82
CA SER D 497 32.78 34.46 -1.61
C SER D 497 31.84 35.57 -1.20
N GLY D 498 30.95 35.27 -0.26
CA GLY D 498 29.98 36.23 0.21
C GLY D 498 30.40 36.93 1.47
N THR D 499 29.41 37.45 2.19
CA THR D 499 29.65 38.17 3.44
C THR D 499 28.87 37.50 4.58
N ASP D 500 28.11 36.48 4.21
CA ASP D 500 27.35 35.67 5.13
C ASP D 500 27.20 34.29 4.50
N SER D 501 26.70 33.33 5.27
CA SER D 501 26.51 31.97 4.77
C SER D 501 26.01 31.06 5.87
N ASP D 502 25.48 29.91 5.49
CA ASP D 502 25.03 28.91 6.44
C ASP D 502 25.82 27.67 6.19
N TRP D 503 26.21 26.98 7.25
CA TRP D 503 26.97 25.77 7.07
C TRP D 503 26.23 24.54 7.57
N VAL D 504 25.87 23.67 6.64
CA VAL D 504 25.16 22.45 6.97
C VAL D 504 26.16 21.32 6.95
N VAL D 505 26.28 20.62 8.07
CA VAL D 505 27.22 19.52 8.17
C VAL D 505 26.45 18.24 8.47
N LYS D 506 26.79 17.15 7.78
CA LYS D 506 26.08 15.90 7.99
C LYS D 506 26.99 14.69 8.26
N LEU D 507 26.79 14.04 9.41
CA LEU D 507 27.52 12.82 9.73
C LEU D 507 26.64 11.68 9.23
N ILE D 508 27.12 10.96 8.22
CA ILE D 508 26.33 9.92 7.58
C ILE D 508 26.93 8.53 7.63
N ASP D 509 26.09 7.54 7.87
CA ASP D 509 26.50 6.14 7.82
C ASP D 509 25.99 5.62 6.48
N VAL D 510 26.91 5.18 5.64
CA VAL D 510 26.54 4.66 4.32
C VAL D 510 26.42 3.16 4.36
N GLN D 511 25.19 2.67 4.33
CA GLN D 511 24.95 1.21 4.37
C GLN D 511 25.70 0.51 3.22
N PRO D 512 25.96 -0.79 3.39
CA PRO D 512 26.70 -1.58 2.39
C PRO D 512 26.12 -1.42 1.00
N ALA D 513 26.98 -1.24 0.01
CA ALA D 513 26.56 -1.04 -1.39
C ALA D 513 25.40 -1.96 -1.78
N MET D 514 25.37 -3.16 -1.21
CA MET D 514 24.31 -4.12 -1.46
C MET D 514 23.86 -4.73 -0.15
N THR D 515 22.55 -4.76 0.06
CA THR D 515 21.95 -5.36 1.27
C THR D 515 20.85 -6.28 0.81
N PRO D 516 21.23 -7.47 0.36
CA PRO D 516 20.26 -8.44 -0.19
C PRO D 516 19.01 -8.72 0.66
N ASP D 517 19.14 -8.72 1.98
CA ASP D 517 18.01 -8.97 2.88
C ASP D 517 17.00 -7.82 2.84
N ASP D 518 17.49 -6.62 2.53
CA ASP D 518 16.65 -5.42 2.44
C ASP D 518 17.26 -4.56 1.32
N PRO D 519 16.97 -4.94 0.07
CA PRO D 519 17.56 -4.29 -1.11
C PRO D 519 17.49 -2.77 -1.18
N LYS D 520 16.40 -2.18 -0.69
CA LYS D 520 16.21 -0.72 -0.71
C LYS D 520 17.29 0.02 0.08
N MET D 521 17.84 -0.63 1.10
CA MET D 521 18.85 -0.03 1.94
C MET D 521 20.22 -0.02 1.29
N GLY D 522 20.30 -0.59 0.10
CA GLY D 522 21.56 -0.68 -0.63
C GLY D 522 22.21 0.65 -0.94
N GLY D 523 23.36 0.89 -0.33
CA GLY D 523 24.09 2.13 -0.55
C GLY D 523 23.41 3.34 0.05
N TYR D 524 22.36 3.09 0.83
CA TYR D 524 21.60 4.14 1.49
C TYR D 524 22.53 5.02 2.29
N GLU D 525 22.25 6.31 2.30
CA GLU D 525 23.07 7.26 3.05
C GLU D 525 22.30 7.78 4.27
N LEU D 526 22.47 7.08 5.39
CA LEU D 526 21.76 7.41 6.61
C LEU D 526 22.49 8.40 7.47
N PRO D 527 21.87 9.55 7.70
CA PRO D 527 22.44 10.59 8.56
C PRO D 527 22.14 10.32 10.03
N VAL D 528 23.18 10.00 10.80
CA VAL D 528 23.01 9.74 12.23
C VAL D 528 23.07 11.03 13.03
N SER D 529 23.68 12.06 12.45
CA SER D 529 23.78 13.36 13.09
C SER D 529 24.04 14.43 12.06
N MET D 530 23.33 15.57 12.18
CA MET D 530 23.50 16.68 11.25
C MET D 530 22.81 17.94 11.73
N ASP D 531 23.35 19.09 11.33
CA ASP D 531 22.79 20.38 11.69
C ASP D 531 23.30 21.54 10.84
N ILE D 532 22.67 22.70 11.02
CA ILE D 532 23.01 23.90 10.28
C ILE D 532 23.59 24.96 11.22
N PHE D 533 24.48 25.79 10.69
CA PHE D 533 25.09 26.84 11.48
C PHE D 533 25.13 28.14 10.72
N ARG D 534 24.50 29.17 11.27
CA ARG D 534 24.49 30.47 10.63
C ARG D 534 25.83 31.13 10.86
N GLY D 535 26.57 31.31 9.77
CA GLY D 535 27.92 31.88 9.80
C GLY D 535 28.08 33.25 10.43
N ARG D 536 27.07 34.10 10.27
CA ARG D 536 27.13 35.44 10.83
C ARG D 536 27.27 35.42 12.35
N TYR D 537 27.18 34.22 12.92
CA TYR D 537 27.29 34.06 14.37
C TYR D 537 28.59 33.37 14.81
N ARG D 538 29.48 33.14 13.84
CA ARG D 538 30.77 32.50 14.09
C ARG D 538 31.44 32.98 15.38
N LYS D 539 31.60 34.28 15.52
CA LYS D 539 32.26 34.87 16.70
C LYS D 539 31.34 35.05 17.92
N ASP D 540 30.12 35.50 17.70
CA ASP D 540 29.19 35.77 18.80
C ASP D 540 27.73 35.60 18.38
N PHE D 541 27.03 34.68 19.05
CA PHE D 541 25.61 34.45 18.76
C PHE D 541 24.81 35.69 19.15
N ALA D 542 25.35 36.43 20.12
CA ALA D 542 24.70 37.63 20.60
C ALA D 542 24.93 38.84 19.69
N LYS D 543 26.15 38.96 19.16
CA LYS D 543 26.50 40.07 18.29
C LYS D 543 26.98 39.56 16.94
N PRO D 544 26.07 39.45 16.00
CA PRO D 544 26.38 38.95 14.64
C PRO D 544 27.28 39.89 13.84
N GLU D 545 28.25 39.31 13.12
CA GLU D 545 29.19 40.08 12.29
C GLU D 545 29.30 39.46 10.91
N ALA D 546 29.58 40.30 9.91
CA ALA D 546 29.73 39.85 8.53
C ALA D 546 30.97 39.00 8.33
N LEU D 547 30.87 37.99 7.47
CA LEU D 547 32.01 37.15 7.16
C LEU D 547 32.94 37.88 6.19
N GLN D 548 34.22 37.82 6.46
CA GLN D 548 35.23 38.44 5.61
C GLN D 548 35.31 37.62 4.32
N PRO D 549 35.04 38.26 3.18
CA PRO D 549 35.00 37.57 1.88
C PRO D 549 36.23 36.75 1.55
N ASP D 550 36.00 35.60 0.91
CA ASP D 550 37.06 34.69 0.48
C ASP D 550 38.01 34.21 1.57
N ALA D 551 37.73 34.58 2.81
CA ALA D 551 38.59 34.17 3.91
C ALA D 551 38.20 32.82 4.48
N THR D 552 39.20 31.95 4.67
CA THR D 552 39.00 30.63 5.25
C THR D 552 38.79 30.78 6.75
N LEU D 553 37.54 30.81 7.18
CA LEU D 553 37.24 30.99 8.60
C LEU D 553 37.02 29.68 9.37
N HIS D 554 37.22 29.75 10.68
CA HIS D 554 37.11 28.58 11.55
C HIS D 554 35.75 28.53 12.24
N TYR D 555 35.02 27.43 12.04
CA TYR D 555 33.72 27.25 12.68
C TYR D 555 33.78 26.07 13.66
N HIS D 556 33.26 26.30 14.86
CA HIS D 556 33.26 25.27 15.90
C HIS D 556 31.90 25.16 16.53
N PHE D 557 31.23 24.03 16.31
CA PHE D 557 29.91 23.80 16.88
C PHE D 557 29.59 22.33 17.02
N THR D 558 28.66 22.02 17.92
CA THR D 558 28.26 20.64 18.20
C THR D 558 27.15 20.17 17.26
N LEU D 559 27.15 18.87 17.00
CA LEU D 559 26.13 18.25 16.17
C LEU D 559 25.37 17.30 17.08
N PRO D 560 24.12 16.98 16.74
CA PRO D 560 23.32 16.05 17.54
C PRO D 560 24.12 14.84 18.04
N ALA D 561 23.86 14.43 19.28
CA ALA D 561 24.57 13.33 19.92
C ALA D 561 24.39 12.01 19.18
N VAL D 562 25.38 11.14 19.32
CA VAL D 562 25.34 9.85 18.66
C VAL D 562 25.61 8.70 19.62
N ASN D 563 25.25 7.50 19.18
CA ASN D 563 25.47 6.26 19.90
C ASN D 563 25.36 5.18 18.86
N HIS D 564 26.15 5.36 17.81
CA HIS D 564 26.15 4.51 16.64
C HIS D 564 27.34 3.58 16.61
N VAL D 565 27.47 2.85 15.52
CA VAL D 565 28.58 1.96 15.26
C VAL D 565 28.66 1.81 13.75
N PHE D 566 29.70 2.38 13.15
CA PHE D 566 29.86 2.29 11.72
C PHE D 566 30.41 0.91 11.42
N ALA D 567 29.49 0.01 11.09
CA ALA D 567 29.83 -1.40 10.86
C ALA D 567 30.68 -1.69 9.63
N LYS D 568 31.17 -2.92 9.57
CA LYS D 568 31.97 -3.41 8.47
C LYS D 568 31.14 -3.36 7.20
N GLY D 569 31.70 -2.83 6.12
CA GLY D 569 30.97 -2.73 4.87
C GLY D 569 30.34 -1.37 4.67
N HIS D 570 30.18 -0.63 5.76
CA HIS D 570 29.62 0.71 5.69
C HIS D 570 30.73 1.71 5.42
N ARG D 571 30.38 2.98 5.34
CA ARG D 571 31.34 4.05 5.15
C ARG D 571 30.89 5.22 5.99
N ILE D 572 31.83 5.99 6.50
CA ILE D 572 31.47 7.19 7.23
C ILE D 572 31.47 8.28 6.17
N MET D 573 30.42 9.10 6.14
CA MET D 573 30.31 10.14 5.13
C MET D 573 29.98 11.49 5.72
N VAL D 574 30.68 12.52 5.24
CA VAL D 574 30.42 13.88 5.70
C VAL D 574 30.01 14.72 4.53
N GLN D 575 28.83 15.32 4.64
CA GLN D 575 28.29 16.16 3.58
C GLN D 575 28.19 17.60 4.05
N ILE D 576 28.56 18.54 3.19
CA ILE D 576 28.48 19.95 3.54
C ILE D 576 27.75 20.74 2.46
N GLN D 577 26.80 21.56 2.88
CA GLN D 577 26.04 22.41 1.96
C GLN D 577 25.72 23.72 2.64
N SER D 578 25.07 24.63 1.93
CA SER D 578 24.79 25.95 2.48
C SER D 578 23.32 26.36 2.48
N SER D 579 22.42 25.38 2.41
CA SER D 579 20.98 25.64 2.43
C SER D 579 20.23 24.37 2.84
N TRP D 580 19.01 24.56 3.36
CA TRP D 580 18.16 23.47 3.80
C TRP D 580 16.70 23.93 3.68
N PHE D 581 16.25 24.08 2.44
CA PHE D 581 14.91 24.60 2.13
C PHE D 581 13.81 23.54 2.03
N PRO D 582 12.57 23.89 2.42
CA PRO D 582 12.23 25.20 2.98
C PRO D 582 12.17 25.21 4.50
N LEU D 583 12.84 24.26 5.15
CA LEU D 583 12.86 24.21 6.61
C LEU D 583 13.49 25.47 7.15
N TYR D 584 14.77 25.68 6.82
CA TYR D 584 15.49 26.86 7.26
C TYR D 584 15.44 27.93 6.18
N ASP D 585 15.16 29.17 6.59
CA ASP D 585 15.10 30.27 5.64
C ASP D 585 16.45 30.51 4.98
N ARG D 586 16.43 30.92 3.72
CA ARG D 586 17.66 31.13 2.94
C ARG D 586 18.55 32.23 3.45
N ASN D 587 19.83 31.91 3.64
CA ASN D 587 20.81 32.92 4.02
C ASN D 587 21.16 33.61 2.71
N PRO D 588 21.02 34.93 2.66
CA PRO D 588 21.28 35.67 1.43
C PRO D 588 22.74 35.67 1.01
N GLN D 589 23.63 35.19 1.89
CA GLN D 589 25.06 35.14 1.62
C GLN D 589 25.68 36.53 1.50
N LYS D 590 24.86 37.54 1.75
CA LYS D 590 25.27 38.93 1.76
C LYS D 590 24.85 39.43 3.11
N PHE D 591 25.80 39.92 3.89
CA PHE D 591 25.46 40.38 5.23
C PHE D 591 24.44 41.48 5.21
N VAL D 592 23.34 41.25 5.90
CA VAL D 592 22.28 42.22 6.02
C VAL D 592 21.99 42.36 7.50
N PRO D 593 21.46 43.50 7.91
CA PRO D 593 21.14 43.75 9.33
C PRO D 593 20.25 42.66 9.90
N ASN D 594 19.26 42.24 9.12
CA ASN D 594 18.32 41.22 9.55
C ASN D 594 17.87 40.34 8.37
N ILE D 595 18.06 39.03 8.51
CA ILE D 595 17.69 38.09 7.45
C ILE D 595 16.18 38.00 7.28
N PHE D 596 15.46 38.21 8.36
CA PHE D 596 14.00 38.17 8.31
C PHE D 596 13.49 39.16 7.28
N ASP D 597 14.24 40.24 7.07
CA ASP D 597 13.83 41.29 6.14
C ASP D 597 14.60 41.34 4.83
N ALA D 598 15.34 40.30 4.51
CA ALA D 598 16.14 40.26 3.28
C ALA D 598 15.34 40.70 2.06
N LYS D 599 15.92 41.61 1.28
CA LYS D 599 15.30 42.09 0.06
C LYS D 599 15.65 41.12 -1.07
N PRO D 600 14.87 41.12 -2.16
CA PRO D 600 15.10 40.20 -3.28
C PRO D 600 16.50 40.32 -3.87
N ALA D 601 17.03 41.53 -3.90
CA ALA D 601 18.37 41.76 -4.45
C ALA D 601 19.47 41.31 -3.50
N ASP D 602 19.17 41.25 -2.21
CA ASP D 602 20.13 40.84 -1.20
C ASP D 602 20.67 39.42 -1.43
N TYR D 603 19.86 38.60 -2.08
CA TYR D 603 20.24 37.22 -2.33
C TYR D 603 21.31 37.11 -3.41
N THR D 604 22.52 36.77 -2.99
CA THR D 604 23.67 36.68 -3.89
C THR D 604 24.23 35.27 -4.00
N VAL D 605 24.56 34.87 -5.22
CA VAL D 605 25.16 33.56 -5.47
C VAL D 605 26.57 33.66 -4.93
N ALA D 606 27.01 32.63 -4.23
CA ALA D 606 28.34 32.64 -3.65
C ALA D 606 29.11 31.36 -3.92
N THR D 607 30.43 31.44 -3.81
CA THR D 607 31.28 30.27 -4.01
C THR D 607 31.79 29.83 -2.67
N GLN D 608 31.37 28.64 -2.24
CA GLN D 608 31.80 28.11 -0.95
C GLN D 608 32.94 27.14 -1.12
N SER D 609 33.88 27.17 -0.20
CA SER D 609 35.04 26.30 -0.27
C SER D 609 35.40 25.73 1.07
N ILE D 610 35.39 24.40 1.16
CA ILE D 610 35.75 23.71 2.39
C ILE D 610 37.20 23.28 2.32
N HIS D 611 38.03 23.98 3.08
CA HIS D 611 39.46 23.70 3.12
C HIS D 611 39.74 22.50 3.99
N HIS D 612 40.59 21.60 3.50
CA HIS D 612 40.94 20.39 4.23
C HIS D 612 42.45 20.21 4.33
N GLY D 613 42.89 19.55 5.40
CA GLY D 613 44.31 19.31 5.62
C GLY D 613 45.07 20.55 6.08
N GLY D 614 46.32 20.35 6.48
CA GLY D 614 47.18 21.43 6.93
C GLY D 614 46.77 22.07 8.25
N LYS D 615 47.10 23.36 8.40
CA LYS D 615 46.80 24.11 9.60
C LYS D 615 45.31 24.36 9.77
N GLU D 616 44.58 24.30 8.65
CA GLU D 616 43.14 24.50 8.64
C GLU D 616 42.44 23.21 8.18
N ALA D 617 42.77 22.11 8.83
CA ALA D 617 42.22 20.80 8.48
C ALA D 617 40.79 20.57 8.97
N THR D 618 39.82 20.69 8.07
CA THR D 618 38.41 20.47 8.43
C THR D 618 38.23 19.02 8.82
N SER D 619 37.52 18.81 9.91
CA SER D 619 37.31 17.48 10.44
C SER D 619 36.10 17.41 11.32
N ILE D 620 35.61 16.21 11.51
CA ILE D 620 34.50 16.01 12.41
C ILE D 620 35.10 15.38 13.64
N LEU D 621 34.96 16.06 14.76
CA LEU D 621 35.50 15.54 16.00
C LEU D 621 34.58 14.44 16.49
N LEU D 622 34.85 13.23 16.02
CA LEU D 622 34.06 12.05 16.34
C LEU D 622 34.29 11.58 17.76
N PRO D 623 33.19 11.29 18.47
CA PRO D 623 33.29 10.76 19.83
C PRO D 623 33.51 9.28 19.72
N VAL D 624 34.74 8.89 19.41
CA VAL D 624 35.09 7.48 19.25
C VAL D 624 35.34 6.79 20.58
N VAL D 625 34.86 5.55 20.69
CA VAL D 625 35.03 4.74 21.89
C VAL D 625 35.57 3.33 21.56
N LYS D 626 35.83 2.52 22.59
CA LYS D 626 36.37 1.17 22.40
C LYS D 626 35.29 0.07 22.55
N PG9 E . 12.83 -1.87 -26.78
CA PG9 E . 13.34 -3.04 -25.99
CB PG9 E . 14.80 -2.89 -25.83
CG1 PG9 E . 15.33 -2.57 -24.56
CD1 PG9 E . 16.70 -2.42 -24.39
CE PG9 E . 17.55 -2.57 -25.49
CD2 PG9 E . 17.03 -2.89 -26.76
CG2 PG9 E . 15.65 -3.04 -26.92
C PG9 E . 12.98 -4.33 -26.66
O PG9 E . 12.59 -5.29 -25.99
OXT PG9 E . 13.05 -4.45 -27.90
C1 GOL F . 22.64 27.66 -39.10
O1 GOL F . 21.32 28.05 -38.78
C2 GOL F . 23.65 28.51 -38.34
O2 GOL F . 23.24 29.87 -38.34
C3 GOL F . 25.02 28.39 -39.01
O3 GOL F . 25.63 27.17 -38.62
C1 GOL G . -6.33 -9.34 -51.05
O1 GOL G . -5.20 -8.72 -51.63
C2 GOL G . -6.40 -10.81 -51.47
O2 GOL G . -5.28 -11.17 -52.26
C3 GOL G . -7.70 -11.10 -52.24
O3 GOL G . -8.83 -10.62 -51.51
N PG9 H . -28.80 9.77 3.95
CA PG9 H . -27.57 9.70 4.79
CB PG9 H . -27.88 9.07 6.08
CG1 PG9 H . -29.03 9.43 6.77
CD1 PG9 H . -29.31 8.83 8.00
CE PG9 H . -28.44 7.88 8.52
CD2 PG9 H . -27.28 7.53 7.82
CG2 PG9 H . -27.00 8.13 6.60
C PG9 H . -27.01 11.08 5.01
O PG9 H . -25.77 11.24 5.07
OXT PG9 H . -27.78 12.05 5.13
C1 GOL I . -26.35 2.51 7.99
O1 GOL I . -27.60 2.01 8.44
C2 GOL I . -26.35 4.02 8.15
O2 GOL I . -27.31 4.59 7.26
C3 GOL I . -24.96 4.58 7.87
O3 GOL I . -24.00 3.89 8.65
C1 GOL J . -12.45 -45.75 25.21
O1 GOL J . -13.05 -45.52 23.94
C2 GOL J . -13.08 -44.84 26.27
O2 GOL J . -13.77 -43.78 25.64
C3 GOL J . -12.00 -44.28 27.21
O3 GOL J . -10.94 -43.72 26.46
N PG9 K . 7.77 21.50 20.05
CA PG9 K . 6.63 21.39 19.10
CB PG9 K . 6.64 22.58 18.24
CG1 PG9 K . 6.60 22.42 16.85
CD1 PG9 K . 6.62 23.55 16.02
CE PG9 K . 6.67 24.81 16.59
CD2 PG9 K . 6.71 24.97 17.98
CG2 PG9 K . 6.69 23.85 18.80
C PG9 K . 5.33 21.30 19.86
O PG9 K . 4.48 20.46 19.52
OXT PG9 K . 5.11 22.04 20.82
#